data_5UEY
# 
_entry.id   5UEY 
# 
_audit_conform.dict_name       mmcif_pdbx.dic 
_audit_conform.dict_version    5.387 
_audit_conform.dict_location   http://mmcif.pdb.org/dictionaries/ascii/mmcif_pdbx.dic 
# 
loop_
_database_2.database_id 
_database_2.database_code 
_database_2.pdbx_database_accession 
_database_2.pdbx_DOI 
PDB   5UEY         pdb_00005uey 10.2210/pdb5uey/pdb 
WWPDB D_1000224199 ?            ?                   
# 
loop_
_pdbx_audit_revision_history.ordinal 
_pdbx_audit_revision_history.data_content_type 
_pdbx_audit_revision_history.major_revision 
_pdbx_audit_revision_history.minor_revision 
_pdbx_audit_revision_history.revision_date 
1 'Structure model' 1 0 2017-05-10 
2 'Structure model' 1 1 2017-05-24 
3 'Structure model' 1 2 2024-03-06 
# 
_pdbx_audit_revision_details.ordinal             1 
_pdbx_audit_revision_details.revision_ordinal    1 
_pdbx_audit_revision_details.data_content_type   'Structure model' 
_pdbx_audit_revision_details.provider            repository 
_pdbx_audit_revision_details.type                'Initial release' 
_pdbx_audit_revision_details.description         ? 
_pdbx_audit_revision_details.details             ? 
# 
loop_
_pdbx_audit_revision_group.ordinal 
_pdbx_audit_revision_group.revision_ordinal 
_pdbx_audit_revision_group.data_content_type 
_pdbx_audit_revision_group.group 
1 2 'Structure model' 'Database references' 
2 3 'Structure model' 'Data collection'     
3 3 'Structure model' 'Database references' 
# 
loop_
_pdbx_audit_revision_category.ordinal 
_pdbx_audit_revision_category.revision_ordinal 
_pdbx_audit_revision_category.data_content_type 
_pdbx_audit_revision_category.category 
1 3 'Structure model' chem_comp_atom 
2 3 'Structure model' chem_comp_bond 
3 3 'Structure model' database_2     
# 
loop_
_pdbx_audit_revision_item.ordinal 
_pdbx_audit_revision_item.revision_ordinal 
_pdbx_audit_revision_item.data_content_type 
_pdbx_audit_revision_item.item 
1 3 'Structure model' '_database_2.pdbx_DOI'                
2 3 'Structure model' '_database_2.pdbx_database_accession' 
# 
_pdbx_database_status.status_code                     REL 
_pdbx_database_status.status_code_sf                  REL 
_pdbx_database_status.status_code_mr                  ? 
_pdbx_database_status.entry_id                        5UEY 
_pdbx_database_status.recvd_initial_deposition_date   2017-01-03 
_pdbx_database_status.SG_entry                        N 
_pdbx_database_status.deposit_site                    RCSB 
_pdbx_database_status.process_site                    RCSB 
_pdbx_database_status.status_code_cs                  ? 
_pdbx_database_status.methods_development_category    ? 
_pdbx_database_status.pdb_format_compatible           Y 
_pdbx_database_status.status_code_nmr_data            ? 
# 
loop_
_pdbx_database_related.content_type 
_pdbx_database_related.db_id 
_pdbx_database_related.db_name 
_pdbx_database_related.details 
unspecified 5UF0 PDB . 
unspecified 5UEZ PDB . 
unspecified 5UEX PDB . 
unspecified 5UEV PDB . 
unspecified 5UEP PDB . 
unspecified 5UET PDB . 
unspecified 5UES PDB . 
unspecified 5UER PDB . 
unspecified 5UEQ PDB . 
unspecified 5UEU PDB . 
unspecified 5UEO PDB . 
unspecified 5UEW PDB . 
# 
_audit_author.name               'Park, C.H.' 
_audit_author.pdbx_ordinal       1 
_audit_author.identifier_ORCID   ? 
# 
_citation.abstract                  ? 
_citation.abstract_id_CAS           ? 
_citation.book_id_ISBN              ? 
_citation.book_publisher            ? 
_citation.book_publisher_city       ? 
_citation.book_title                ? 
_citation.coordinate_linkage        ? 
_citation.country                   US 
_citation.database_id_Medline       ? 
_citation.details                   ? 
_citation.id                        primary 
_citation.journal_abbrev            'J. Med. Chem.' 
_citation.journal_id_ASTM           JMCMAR 
_citation.journal_id_CSD            0151 
_citation.journal_id_ISSN           1520-4804 
_citation.journal_full              ? 
_citation.journal_issue             ? 
_citation.journal_volume            60 
_citation.language                  ? 
_citation.page_first                3828 
_citation.page_last                 3850 
_citation.title                     
;Fragment-Based, Structure-Enabled Discovery of Novel Pyridones and Pyridone Macrocycles as Potent Bromodomain and Extra-Terminal Domain (BET) Family Bromodomain Inhibitors.
;
_citation.year                      2017 
_citation.database_id_CSD           ? 
_citation.pdbx_database_id_DOI      10.1021/acs.jmedchem.7b00017 
_citation.pdbx_database_id_PubMed   28368119 
_citation.unpublished_flag          ? 
# 
loop_
_citation_author.citation_id 
_citation_author.name 
_citation_author.ordinal 
_citation_author.identifier_ORCID 
primary 'Wang, L.'        1  ? 
primary 'Pratt, J.K.'     2  ? 
primary 'Soltwedel, T.'   3  ? 
primary 'Sheppard, G.S.'  4  ? 
primary 'Fidanze, S.D.'   5  ? 
primary 'Liu, D.'         6  ? 
primary 'Hasvold, L.A.'   7  ? 
primary 'Mantei, R.A.'    8  ? 
primary 'Holms, J.H.'     9  ? 
primary 'McClellan, W.J.' 10 ? 
primary 'Wendt, M.D.'     11 ? 
primary 'Wada, C.'        12 ? 
primary 'Frey, R.'        13 ? 
primary 'Hansen, T.M.'    14 ? 
primary 'Hubbard, R.'     15 ? 
primary 'Park, C.H.'      16 ? 
primary 'Li, L.'          17 ? 
primary 'Magoc, T.J.'     18 ? 
primary 'Albert, D.H.'    19 ? 
primary 'Lin, X.'         20 ? 
primary 'Warder, S.E.'    21 ? 
primary 'Kovar, P.'       22 ? 
primary 'Huang, X.'       23 ? 
primary 'Wilcox, D.'      24 ? 
primary 'Wang, R.'        25 ? 
primary 'Rajaraman, G.'   26 ? 
primary 'Petros, A.M.'    27 ? 
primary 'Hutchins, C.W.'  28 ? 
primary 'Panchal, S.C.'   29 ? 
primary 'Sun, C.'         30 ? 
primary 'Elmore, S.W.'    31 ? 
primary 'Shen, Y.'        32 ? 
primary 'Kati, W.M.'      33 ? 
primary 'McDaniel, K.F.'  34 ? 
# 
loop_
_entity.id 
_entity.type 
_entity.src_method 
_entity.pdbx_description 
_entity.formula_weight 
_entity.pdbx_number_of_molecules 
_entity.pdbx_ec 
_entity.pdbx_mutation 
_entity.pdbx_fragment 
_entity.details 
1 polymer     man 'Bromodomain-containing protein 4' 12806.933 1  ? ? 'residues 352-457' ? 
2 non-polymer syn 
'5-[2-(2,4-difluorophenoxy)-5-{[ethyl(dihydroxy)-lambda~4~-sulfanyl]amino}phenyl]-4-ethoxy-1-methylpyridin-2(1H)-one' 466.498   1  
? ? ?                  ? 
3 water       nat water 18.015    30 ? ? ?                  ? 
# 
_entity_name_com.entity_id   1 
_entity_name_com.name        'Protein HUNK1' 
# 
_entity_poly.entity_id                      1 
_entity_poly.type                           'polypeptide(L)' 
_entity_poly.nstd_linkage                   no 
_entity_poly.nstd_monomer                   no 
_entity_poly.pdbx_seq_one_letter_code       
;SHMEQLKCCSGILKEMFAKKHAAYAWPFYKPVDVEALGLHDYCDIIKHPMDMSTIKSKLEAREYRDAQEFGADVRLMFSN
CYKYNPPDHEVVAMARKLQDVFEMRFAKM
;
_entity_poly.pdbx_seq_one_letter_code_can   
;SHMEQLKCCSGILKEMFAKKHAAYAWPFYKPVDVEALGLHDYCDIIKHPMDMSTIKSKLEAREYRDAQEFGADVRLMFSN
CYKYNPPDHEVVAMARKLQDVFEMRFAKM
;
_entity_poly.pdbx_strand_id                 A 
_entity_poly.pdbx_target_identifier         ? 
# 
loop_
_pdbx_entity_nonpoly.entity_id 
_pdbx_entity_nonpoly.name 
_pdbx_entity_nonpoly.comp_id 
2 '5-[2-(2,4-difluorophenoxy)-5-{[ethyl(dihydroxy)-lambda~4~-sulfanyl]amino}phenyl]-4-ethoxy-1-methylpyridin-2(1H)-one' 88M 
3 water                                                                                                                 HOH 
# 
loop_
_entity_poly_seq.entity_id 
_entity_poly_seq.num 
_entity_poly_seq.mon_id 
_entity_poly_seq.hetero 
1 1   SER n 
1 2   HIS n 
1 3   MET n 
1 4   GLU n 
1 5   GLN n 
1 6   LEU n 
1 7   LYS n 
1 8   CYS n 
1 9   CYS n 
1 10  SER n 
1 11  GLY n 
1 12  ILE n 
1 13  LEU n 
1 14  LYS n 
1 15  GLU n 
1 16  MET n 
1 17  PHE n 
1 18  ALA n 
1 19  LYS n 
1 20  LYS n 
1 21  HIS n 
1 22  ALA n 
1 23  ALA n 
1 24  TYR n 
1 25  ALA n 
1 26  TRP n 
1 27  PRO n 
1 28  PHE n 
1 29  TYR n 
1 30  LYS n 
1 31  PRO n 
1 32  VAL n 
1 33  ASP n 
1 34  VAL n 
1 35  GLU n 
1 36  ALA n 
1 37  LEU n 
1 38  GLY n 
1 39  LEU n 
1 40  HIS n 
1 41  ASP n 
1 42  TYR n 
1 43  CYS n 
1 44  ASP n 
1 45  ILE n 
1 46  ILE n 
1 47  LYS n 
1 48  HIS n 
1 49  PRO n 
1 50  MET n 
1 51  ASP n 
1 52  MET n 
1 53  SER n 
1 54  THR n 
1 55  ILE n 
1 56  LYS n 
1 57  SER n 
1 58  LYS n 
1 59  LEU n 
1 60  GLU n 
1 61  ALA n 
1 62  ARG n 
1 63  GLU n 
1 64  TYR n 
1 65  ARG n 
1 66  ASP n 
1 67  ALA n 
1 68  GLN n 
1 69  GLU n 
1 70  PHE n 
1 71  GLY n 
1 72  ALA n 
1 73  ASP n 
1 74  VAL n 
1 75  ARG n 
1 76  LEU n 
1 77  MET n 
1 78  PHE n 
1 79  SER n 
1 80  ASN n 
1 81  CYS n 
1 82  TYR n 
1 83  LYS n 
1 84  TYR n 
1 85  ASN n 
1 86  PRO n 
1 87  PRO n 
1 88  ASP n 
1 89  HIS n 
1 90  GLU n 
1 91  VAL n 
1 92  VAL n 
1 93  ALA n 
1 94  MET n 
1 95  ALA n 
1 96  ARG n 
1 97  LYS n 
1 98  LEU n 
1 99  GLN n 
1 100 ASP n 
1 101 VAL n 
1 102 PHE n 
1 103 GLU n 
1 104 MET n 
1 105 ARG n 
1 106 PHE n 
1 107 ALA n 
1 108 LYS n 
1 109 MET n 
# 
_entity_src_gen.entity_id                          1 
_entity_src_gen.pdbx_src_id                        1 
_entity_src_gen.pdbx_alt_source_flag               sample 
_entity_src_gen.pdbx_seq_type                      'Biological sequence' 
_entity_src_gen.pdbx_beg_seq_num                   1 
_entity_src_gen.pdbx_end_seq_num                   109 
_entity_src_gen.gene_src_common_name               Human 
_entity_src_gen.gene_src_genus                     ? 
_entity_src_gen.pdbx_gene_src_gene                 'BRD4, HUNK1' 
_entity_src_gen.gene_src_species                   ? 
_entity_src_gen.gene_src_strain                    ? 
_entity_src_gen.gene_src_tissue                    ? 
_entity_src_gen.gene_src_tissue_fraction           ? 
_entity_src_gen.gene_src_details                   ? 
_entity_src_gen.pdbx_gene_src_fragment             ? 
_entity_src_gen.pdbx_gene_src_scientific_name      'Homo sapiens' 
_entity_src_gen.pdbx_gene_src_ncbi_taxonomy_id     9606 
_entity_src_gen.pdbx_gene_src_variant              ? 
_entity_src_gen.pdbx_gene_src_cell_line            ? 
_entity_src_gen.pdbx_gene_src_atcc                 ? 
_entity_src_gen.pdbx_gene_src_organ                ? 
_entity_src_gen.pdbx_gene_src_organelle            ? 
_entity_src_gen.pdbx_gene_src_cell                 ? 
_entity_src_gen.pdbx_gene_src_cellular_location    ? 
_entity_src_gen.host_org_common_name               ? 
_entity_src_gen.pdbx_host_org_scientific_name      'Enterobacteria phage L1' 
_entity_src_gen.pdbx_host_org_ncbi_taxonomy_id     268588 
_entity_src_gen.host_org_genus                     ? 
_entity_src_gen.pdbx_host_org_gene                 ? 
_entity_src_gen.pdbx_host_org_organ                ? 
_entity_src_gen.host_org_species                   ? 
_entity_src_gen.pdbx_host_org_tissue               ? 
_entity_src_gen.pdbx_host_org_tissue_fraction      ? 
_entity_src_gen.pdbx_host_org_strain               ? 
_entity_src_gen.pdbx_host_org_variant              ? 
_entity_src_gen.pdbx_host_org_cell_line            ? 
_entity_src_gen.pdbx_host_org_atcc                 ? 
_entity_src_gen.pdbx_host_org_culture_collection   ? 
_entity_src_gen.pdbx_host_org_cell                 ? 
_entity_src_gen.pdbx_host_org_organelle            ? 
_entity_src_gen.pdbx_host_org_cellular_location    ? 
_entity_src_gen.pdbx_host_org_vector_type          ? 
_entity_src_gen.pdbx_host_org_vector               ? 
_entity_src_gen.host_org_details                   ? 
_entity_src_gen.expression_system_id               ? 
_entity_src_gen.plasmid_name                       ? 
_entity_src_gen.plasmid_details                    ? 
_entity_src_gen.pdbx_description                   ? 
# 
loop_
_chem_comp.id 
_chem_comp.type 
_chem_comp.mon_nstd_flag 
_chem_comp.name 
_chem_comp.pdbx_synonyms 
_chem_comp.formula 
_chem_comp.formula_weight 
88M non-polymer         . 
'5-[2-(2,4-difluorophenoxy)-5-{[ethyl(dihydroxy)-lambda~4~-sulfanyl]amino}phenyl]-4-ethoxy-1-methylpyridin-2(1H)-one' ? 
'C22 H24 F2 N2 O5 S' 466.498 
ALA 'L-peptide linking' y ALANINE ? 'C3 H7 N O2'         89.093  
ARG 'L-peptide linking' y ARGININE ? 'C6 H15 N4 O2 1'     175.209 
ASN 'L-peptide linking' y ASPARAGINE ? 'C4 H8 N2 O3'        132.118 
ASP 'L-peptide linking' y 'ASPARTIC ACID' ? 'C4 H7 N O4'         133.103 
CYS 'L-peptide linking' y CYSTEINE ? 'C3 H7 N O2 S'       121.158 
GLN 'L-peptide linking' y GLUTAMINE ? 'C5 H10 N2 O3'       146.144 
GLU 'L-peptide linking' y 'GLUTAMIC ACID' ? 'C5 H9 N O4'         147.129 
GLY 'peptide linking'   y GLYCINE ? 'C2 H5 N O2'         75.067  
HIS 'L-peptide linking' y HISTIDINE ? 'C6 H10 N3 O2 1'     156.162 
HOH non-polymer         . WATER ? 'H2 O'               18.015  
ILE 'L-peptide linking' y ISOLEUCINE ? 'C6 H13 N O2'        131.173 
LEU 'L-peptide linking' y LEUCINE ? 'C6 H13 N O2'        131.173 
LYS 'L-peptide linking' y LYSINE ? 'C6 H15 N2 O2 1'     147.195 
MET 'L-peptide linking' y METHIONINE ? 'C5 H11 N O2 S'      149.211 
PHE 'L-peptide linking' y PHENYLALANINE ? 'C9 H11 N O2'        165.189 
PRO 'L-peptide linking' y PROLINE ? 'C5 H9 N O2'         115.130 
SER 'L-peptide linking' y SERINE ? 'C3 H7 N O3'         105.093 
THR 'L-peptide linking' y THREONINE ? 'C4 H9 N O3'         119.119 
TRP 'L-peptide linking' y TRYPTOPHAN ? 'C11 H12 N2 O2'      204.225 
TYR 'L-peptide linking' y TYROSINE ? 'C9 H11 N O3'        181.189 
VAL 'L-peptide linking' y VALINE ? 'C5 H11 N O2'        117.146 
# 
loop_
_pdbx_poly_seq_scheme.asym_id 
_pdbx_poly_seq_scheme.entity_id 
_pdbx_poly_seq_scheme.seq_id 
_pdbx_poly_seq_scheme.mon_id 
_pdbx_poly_seq_scheme.ndb_seq_num 
_pdbx_poly_seq_scheme.pdb_seq_num 
_pdbx_poly_seq_scheme.auth_seq_num 
_pdbx_poly_seq_scheme.pdb_mon_id 
_pdbx_poly_seq_scheme.auth_mon_id 
_pdbx_poly_seq_scheme.pdb_strand_id 
_pdbx_poly_seq_scheme.pdb_ins_code 
_pdbx_poly_seq_scheme.hetero 
A 1 1   SER 1   349 ?   ?   ?   A . n 
A 1 2   HIS 2   350 350 HIS HIS A . n 
A 1 3   MET 3   351 351 MET MET A . n 
A 1 4   GLU 4   352 352 GLU GLU A . n 
A 1 5   GLN 5   353 353 GLN GLN A . n 
A 1 6   LEU 6   354 354 LEU LEU A . n 
A 1 7   LYS 7   355 355 LYS LYS A . n 
A 1 8   CYS 8   356 356 CYS CYS A . n 
A 1 9   CYS 9   357 357 CYS CYS A . n 
A 1 10  SER 10  358 358 SER SER A . n 
A 1 11  GLY 11  359 359 GLY GLY A . n 
A 1 12  ILE 12  360 360 ILE ILE A . n 
A 1 13  LEU 13  361 361 LEU LEU A . n 
A 1 14  LYS 14  362 362 LYS LYS A . n 
A 1 15  GLU 15  363 363 GLU GLU A . n 
A 1 16  MET 16  364 364 MET MET A . n 
A 1 17  PHE 17  365 365 PHE PHE A . n 
A 1 18  ALA 18  366 366 ALA ALA A . n 
A 1 19  LYS 19  367 367 LYS LYS A . n 
A 1 20  LYS 20  368 368 LYS LYS A . n 
A 1 21  HIS 21  369 369 HIS HIS A . n 
A 1 22  ALA 22  370 370 ALA ALA A . n 
A 1 23  ALA 23  371 371 ALA ALA A . n 
A 1 24  TYR 24  372 372 TYR TYR A . n 
A 1 25  ALA 25  373 373 ALA ALA A . n 
A 1 26  TRP 26  374 374 TRP TRP A . n 
A 1 27  PRO 27  375 375 PRO PRO A . n 
A 1 28  PHE 28  376 376 PHE PHE A . n 
A 1 29  TYR 29  377 377 TYR TYR A . n 
A 1 30  LYS 30  378 378 LYS LYS A . n 
A 1 31  PRO 31  379 379 PRO PRO A . n 
A 1 32  VAL 32  380 380 VAL VAL A . n 
A 1 33  ASP 33  381 381 ASP ASP A . n 
A 1 34  VAL 34  382 382 VAL VAL A . n 
A 1 35  GLU 35  383 383 GLU GLU A . n 
A 1 36  ALA 36  384 384 ALA ALA A . n 
A 1 37  LEU 37  385 385 LEU LEU A . n 
A 1 38  GLY 38  386 386 GLY GLY A . n 
A 1 39  LEU 39  387 387 LEU LEU A . n 
A 1 40  HIS 40  388 388 HIS HIS A . n 
A 1 41  ASP 41  389 389 ASP ASP A . n 
A 1 42  TYR 42  390 390 TYR TYR A . n 
A 1 43  CYS 43  391 391 CYS CYS A . n 
A 1 44  ASP 44  392 392 ASP ASP A . n 
A 1 45  ILE 45  393 393 ILE ILE A . n 
A 1 46  ILE 46  394 394 ILE ILE A . n 
A 1 47  LYS 47  395 395 LYS LYS A . n 
A 1 48  HIS 48  396 396 HIS HIS A . n 
A 1 49  PRO 49  397 397 PRO PRO A . n 
A 1 50  MET 50  398 398 MET MET A . n 
A 1 51  ASP 51  399 399 ASP ASP A . n 
A 1 52  MET 52  400 400 MET MET A . n 
A 1 53  SER 53  401 401 SER SER A . n 
A 1 54  THR 54  402 402 THR THR A . n 
A 1 55  ILE 55  403 403 ILE ILE A . n 
A 1 56  LYS 56  404 404 LYS LYS A . n 
A 1 57  SER 57  405 405 SER SER A . n 
A 1 58  LYS 58  406 406 LYS LYS A . n 
A 1 59  LEU 59  407 407 LEU LEU A . n 
A 1 60  GLU 60  408 408 GLU GLU A . n 
A 1 61  ALA 61  409 409 ALA ALA A . n 
A 1 62  ARG 62  410 410 ARG ARG A . n 
A 1 63  GLU 63  411 411 GLU GLU A . n 
A 1 64  TYR 64  412 412 TYR TYR A . n 
A 1 65  ARG 65  413 413 ARG ARG A . n 
A 1 66  ASP 66  414 414 ASP ASP A . n 
A 1 67  ALA 67  415 415 ALA ALA A . n 
A 1 68  GLN 68  416 416 GLN GLN A . n 
A 1 69  GLU 69  417 417 GLU GLU A . n 
A 1 70  PHE 70  418 418 PHE PHE A . n 
A 1 71  GLY 71  419 419 GLY GLY A . n 
A 1 72  ALA 72  420 420 ALA ALA A . n 
A 1 73  ASP 73  421 421 ASP ASP A . n 
A 1 74  VAL 74  422 422 VAL VAL A . n 
A 1 75  ARG 75  423 423 ARG ARG A . n 
A 1 76  LEU 76  424 424 LEU LEU A . n 
A 1 77  MET 77  425 425 MET MET A . n 
A 1 78  PHE 78  426 426 PHE PHE A . n 
A 1 79  SER 79  427 427 SER SER A . n 
A 1 80  ASN 80  428 428 ASN ASN A . n 
A 1 81  CYS 81  429 429 CYS CYS A . n 
A 1 82  TYR 82  430 430 TYR TYR A . n 
A 1 83  LYS 83  431 431 LYS LYS A . n 
A 1 84  TYR 84  432 432 TYR TYR A . n 
A 1 85  ASN 85  433 433 ASN ASN A . n 
A 1 86  PRO 86  434 434 PRO PRO A . n 
A 1 87  PRO 87  435 435 PRO PRO A . n 
A 1 88  ASP 88  436 436 ASP ASP A . n 
A 1 89  HIS 89  437 437 HIS HIS A . n 
A 1 90  GLU 90  438 438 GLU GLU A . n 
A 1 91  VAL 91  439 439 VAL VAL A . n 
A 1 92  VAL 92  440 440 VAL VAL A . n 
A 1 93  ALA 93  441 441 ALA ALA A . n 
A 1 94  MET 94  442 442 MET MET A . n 
A 1 95  ALA 95  443 443 ALA ALA A . n 
A 1 96  ARG 96  444 444 ARG ARG A . n 
A 1 97  LYS 97  445 445 LYS LYS A . n 
A 1 98  LEU 98  446 446 LEU LEU A . n 
A 1 99  GLN 99  447 447 GLN GLN A . n 
A 1 100 ASP 100 448 448 ASP ASP A . n 
A 1 101 VAL 101 449 449 VAL VAL A . n 
A 1 102 PHE 102 450 450 PHE PHE A . n 
A 1 103 GLU 103 451 451 GLU GLU A . n 
A 1 104 MET 104 452 452 MET MET A . n 
A 1 105 ARG 105 453 453 ARG ARG A . n 
A 1 106 PHE 106 454 454 PHE PHE A . n 
A 1 107 ALA 107 455 455 ALA ALA A . n 
A 1 108 LYS 108 456 456 LYS LYS A . n 
A 1 109 MET 109 457 457 MET MET A . n 
# 
loop_
_pdbx_nonpoly_scheme.asym_id 
_pdbx_nonpoly_scheme.entity_id 
_pdbx_nonpoly_scheme.mon_id 
_pdbx_nonpoly_scheme.ndb_seq_num 
_pdbx_nonpoly_scheme.pdb_seq_num 
_pdbx_nonpoly_scheme.auth_seq_num 
_pdbx_nonpoly_scheme.pdb_mon_id 
_pdbx_nonpoly_scheme.auth_mon_id 
_pdbx_nonpoly_scheme.pdb_strand_id 
_pdbx_nonpoly_scheme.pdb_ins_code 
B 2 88M 1  501 1  88M UNL A . 
C 3 HOH 1  601 6  HOH HOH A . 
C 3 HOH 2  602 23 HOH HOH A . 
C 3 HOH 3  603 2  HOH HOH A . 
C 3 HOH 4  604 1  HOH HOH A . 
C 3 HOH 5  605 15 HOH HOH A . 
C 3 HOH 6  606 22 HOH HOH A . 
C 3 HOH 7  607 29 HOH HOH A . 
C 3 HOH 8  608 14 HOH HOH A . 
C 3 HOH 9  609 13 HOH HOH A . 
C 3 HOH 10 610 4  HOH HOH A . 
C 3 HOH 11 611 8  HOH HOH A . 
C 3 HOH 12 612 5  HOH HOH A . 
C 3 HOH 13 613 24 HOH HOH A . 
C 3 HOH 14 614 7  HOH HOH A . 
C 3 HOH 15 615 9  HOH HOH A . 
C 3 HOH 16 616 25 HOH HOH A . 
C 3 HOH 17 617 16 HOH HOH A . 
C 3 HOH 18 618 11 HOH HOH A . 
C 3 HOH 19 619 28 HOH HOH A . 
C 3 HOH 20 620 3  HOH HOH A . 
C 3 HOH 21 621 30 HOH HOH A . 
C 3 HOH 22 622 12 HOH HOH A . 
C 3 HOH 23 623 26 HOH HOH A . 
C 3 HOH 24 624 21 HOH HOH A . 
C 3 HOH 25 625 20 HOH HOH A . 
C 3 HOH 26 626 17 HOH HOH A . 
C 3 HOH 27 627 27 HOH HOH A . 
C 3 HOH 28 628 18 HOH HOH A . 
C 3 HOH 29 629 10 HOH HOH A . 
C 3 HOH 30 630 19 HOH HOH A . 
# 
loop_
_pdbx_unobs_or_zero_occ_atoms.id 
_pdbx_unobs_or_zero_occ_atoms.PDB_model_num 
_pdbx_unobs_or_zero_occ_atoms.polymer_flag 
_pdbx_unobs_or_zero_occ_atoms.occupancy_flag 
_pdbx_unobs_or_zero_occ_atoms.auth_asym_id 
_pdbx_unobs_or_zero_occ_atoms.auth_comp_id 
_pdbx_unobs_or_zero_occ_atoms.auth_seq_id 
_pdbx_unobs_or_zero_occ_atoms.PDB_ins_code 
_pdbx_unobs_or_zero_occ_atoms.auth_atom_id 
_pdbx_unobs_or_zero_occ_atoms.label_alt_id 
_pdbx_unobs_or_zero_occ_atoms.label_asym_id 
_pdbx_unobs_or_zero_occ_atoms.label_comp_id 
_pdbx_unobs_or_zero_occ_atoms.label_seq_id 
_pdbx_unobs_or_zero_occ_atoms.label_atom_id 
1  1 Y 1 A MET 351 ? CG  ? A MET 3   CG  
2  1 Y 1 A MET 351 ? SD  ? A MET 3   SD  
3  1 Y 1 A MET 351 ? CE  ? A MET 3   CE  
4  1 Y 1 A GLU 352 ? CG  ? A GLU 4   CG  
5  1 Y 1 A GLU 352 ? CD  ? A GLU 4   CD  
6  1 Y 1 A GLU 352 ? OE1 ? A GLU 4   OE1 
7  1 Y 1 A GLU 352 ? OE2 ? A GLU 4   OE2 
8  1 Y 1 A LYS 355 ? CG  ? A LYS 7   CG  
9  1 Y 1 A LYS 355 ? CD  ? A LYS 7   CD  
10 1 Y 1 A LYS 355 ? CE  ? A LYS 7   CE  
11 1 Y 1 A LYS 355 ? NZ  ? A LYS 7   NZ  
12 1 Y 1 A CYS 356 ? SG  ? A CYS 8   SG  
13 1 Y 1 A LYS 362 ? CD  ? A LYS 14  CD  
14 1 Y 1 A LYS 362 ? CE  ? A LYS 14  CE  
15 1 Y 1 A LYS 362 ? NZ  ? A LYS 14  NZ  
16 1 Y 1 A LYS 368 ? CE  ? A LYS 20  CE  
17 1 Y 1 A LYS 368 ? NZ  ? A LYS 20  NZ  
18 1 Y 1 A LYS 378 ? CE  ? A LYS 30  CE  
19 1 Y 1 A LYS 378 ? NZ  ? A LYS 30  NZ  
20 1 Y 1 A ARG 410 ? CG  ? A ARG 62  CG  
21 1 Y 1 A ARG 410 ? CD  ? A ARG 62  CD  
22 1 Y 1 A ARG 410 ? NE  ? A ARG 62  NE  
23 1 Y 1 A ARG 410 ? CZ  ? A ARG 62  CZ  
24 1 Y 1 A ARG 410 ? NH1 ? A ARG 62  NH1 
25 1 Y 1 A ARG 410 ? NH2 ? A ARG 62  NH2 
26 1 Y 1 A GLU 411 ? CG  ? A GLU 63  CG  
27 1 Y 1 A GLU 411 ? CD  ? A GLU 63  CD  
28 1 Y 1 A GLU 411 ? OE1 ? A GLU 63  OE1 
29 1 Y 1 A GLU 411 ? OE2 ? A GLU 63  OE2 
30 1 Y 1 A GLN 416 ? CD  ? A GLN 68  CD  
31 1 Y 1 A GLN 416 ? OE1 ? A GLN 68  OE1 
32 1 Y 1 A GLN 416 ? NE2 ? A GLN 68  NE2 
33 1 Y 1 A ARG 453 ? CD  ? A ARG 105 CD  
34 1 Y 1 A ARG 453 ? NE  ? A ARG 105 NE  
35 1 Y 1 A ARG 453 ? CZ  ? A ARG 105 CZ  
36 1 Y 1 A ARG 453 ? NH1 ? A ARG 105 NH1 
37 1 Y 1 A ARG 453 ? NH2 ? A ARG 105 NH2 
38 1 Y 1 A LYS 456 ? CE  ? A LYS 108 CE  
39 1 Y 1 A LYS 456 ? NZ  ? A LYS 108 NZ  
# 
loop_
_software.citation_id 
_software.classification 
_software.compiler_name 
_software.compiler_version 
_software.contact_author 
_software.contact_author_email 
_software.date 
_software.description 
_software.dependencies 
_software.hardware 
_software.language 
_software.location 
_software.mods 
_software.name 
_software.os 
_software.os_version 
_software.type 
_software.version 
_software.pdbx_ordinal 
? 'data reduction' ? ? ? ? ? ? ? ? ? ? ? XDS    ? ? ? .      1 
? 'data scaling'   ? ? ? ? ? ? ? ? ? ? ? SCALA  ? ? ? .      2 
? 'model building' ? ? ? ? ? ? ? ? ? ? ? Coot   ? ? ? .      3 
? refinement       ? ? ? ? ? ? ? ? ? ? ? BUSTER ? ? ? 2.11.7 4 
# 
_cell.angle_alpha                  90.00 
_cell.angle_alpha_esd              ? 
_cell.angle_beta                   90.00 
_cell.angle_beta_esd               ? 
_cell.angle_gamma                  90.00 
_cell.angle_gamma_esd              ? 
_cell.entry_id                     5UEY 
_cell.details                      ? 
_cell.formula_units_Z              ? 
_cell.length_a                     54.185 
_cell.length_a_esd                 ? 
_cell.length_b                     74.627 
_cell.length_b_esd                 ? 
_cell.length_c                     33.376 
_cell.length_c_esd                 ? 
_cell.volume                       ? 
_cell.volume_esd                   ? 
_cell.Z_PDB                        4 
_cell.reciprocal_angle_alpha       ? 
_cell.reciprocal_angle_beta        ? 
_cell.reciprocal_angle_gamma       ? 
_cell.reciprocal_angle_alpha_esd   ? 
_cell.reciprocal_angle_beta_esd    ? 
_cell.reciprocal_angle_gamma_esd   ? 
_cell.reciprocal_length_a          ? 
_cell.reciprocal_length_b          ? 
_cell.reciprocal_length_c          ? 
_cell.reciprocal_length_a_esd      ? 
_cell.reciprocal_length_b_esd      ? 
_cell.reciprocal_length_c_esd      ? 
_cell.pdbx_unique_axis             ? 
# 
_symmetry.entry_id                         5UEY 
_symmetry.cell_setting                     ? 
_symmetry.Int_Tables_number                18 
_symmetry.space_group_name_Hall            ? 
_symmetry.space_group_name_H-M             'P 21 21 2' 
_symmetry.pdbx_full_space_group_name_H-M   ? 
# 
_exptl.absorpt_coefficient_mu     ? 
_exptl.absorpt_correction_T_max   ? 
_exptl.absorpt_correction_T_min   ? 
_exptl.absorpt_correction_type    ? 
_exptl.absorpt_process_details    ? 
_exptl.entry_id                   5UEY 
_exptl.crystals_number            1 
_exptl.details                    ? 
_exptl.method                     'X-RAY DIFFRACTION' 
_exptl.method_details             ? 
# 
_exptl_crystal.colour                      ? 
_exptl_crystal.density_diffrn              ? 
_exptl_crystal.density_Matthews            2.65 
_exptl_crystal.density_method              ? 
_exptl_crystal.density_percent_sol         53.63 
_exptl_crystal.description                 ? 
_exptl_crystal.F_000                       ? 
_exptl_crystal.id                          1 
_exptl_crystal.preparation                 ? 
_exptl_crystal.size_max                    ? 
_exptl_crystal.size_mid                    ? 
_exptl_crystal.size_min                    ? 
_exptl_crystal.size_rad                    ? 
_exptl_crystal.colour_lustre               ? 
_exptl_crystal.colour_modifier             ? 
_exptl_crystal.colour_primary              ? 
_exptl_crystal.density_meas                ? 
_exptl_crystal.density_meas_esd            ? 
_exptl_crystal.density_meas_gt             ? 
_exptl_crystal.density_meas_lt             ? 
_exptl_crystal.density_meas_temp           ? 
_exptl_crystal.density_meas_temp_esd       ? 
_exptl_crystal.density_meas_temp_gt        ? 
_exptl_crystal.density_meas_temp_lt        ? 
_exptl_crystal.pdbx_crystal_image_url      ? 
_exptl_crystal.pdbx_crystal_image_format   ? 
_exptl_crystal.pdbx_mosaicity              ? 
_exptl_crystal.pdbx_mosaicity_esd          ? 
# 
_exptl_crystal_grow.apparatus       ? 
_exptl_crystal_grow.atmosphere      ? 
_exptl_crystal_grow.crystal_id      1 
_exptl_crystal_grow.details         ? 
_exptl_crystal_grow.method          'VAPOR DIFFUSION' 
_exptl_crystal_grow.method_ref      ? 
_exptl_crystal_grow.pH              ? 
_exptl_crystal_grow.pressure        ? 
_exptl_crystal_grow.pressure_esd    ? 
_exptl_crystal_grow.seeding         ? 
_exptl_crystal_grow.seeding_ref     ? 
_exptl_crystal_grow.temp            277 
_exptl_crystal_grow.temp_details    ? 
_exptl_crystal_grow.temp_esd        ? 
_exptl_crystal_grow.time            ? 
_exptl_crystal_grow.pdbx_details    
;Protein Buffer :
10 mM HEPES PH 7.5
100 mM NaCl    5mM DTT
Crystallization :
15 % (v/v) Ethanol  Tris PH 7.0
;
_exptl_crystal_grow.pdbx_pH_range   ? 
# 
_diffrn.ambient_environment    ? 
_diffrn.ambient_temp           100 
_diffrn.ambient_temp_details   ? 
_diffrn.ambient_temp_esd       ? 
_diffrn.crystal_id             1 
_diffrn.crystal_support        ? 
_diffrn.crystal_treatment      ? 
_diffrn.details                ? 
_diffrn.id                     1 
_diffrn.ambient_pressure       ? 
_diffrn.ambient_pressure_esd   ? 
_diffrn.ambient_pressure_gt    ? 
_diffrn.ambient_pressure_lt    ? 
_diffrn.ambient_temp_gt        ? 
_diffrn.ambient_temp_lt        ? 
# 
_diffrn_detector.details                      ? 
_diffrn_detector.detector                     PIXEL 
_diffrn_detector.diffrn_id                    1 
_diffrn_detector.type                         'DECTRIS PILATUS 300K' 
_diffrn_detector.area_resol_mean              ? 
_diffrn_detector.dtime                        ? 
_diffrn_detector.pdbx_frames_total            ? 
_diffrn_detector.pdbx_collection_time_total   ? 
_diffrn_detector.pdbx_collection_date         2012-08-02 
# 
_diffrn_radiation.collimation                      ? 
_diffrn_radiation.diffrn_id                        1 
_diffrn_radiation.filter_edge                      ? 
_diffrn_radiation.inhomogeneity                    ? 
_diffrn_radiation.monochromator                    ? 
_diffrn_radiation.polarisn_norm                    ? 
_diffrn_radiation.polarisn_ratio                   ? 
_diffrn_radiation.probe                            ? 
_diffrn_radiation.type                             ? 
_diffrn_radiation.xray_symbol                      ? 
_diffrn_radiation.wavelength_id                    1 
_diffrn_radiation.pdbx_monochromatic_or_laue_m_l   M 
_diffrn_radiation.pdbx_wavelength_list             ? 
_diffrn_radiation.pdbx_wavelength                  ? 
_diffrn_radiation.pdbx_diffrn_protocol             'SINGLE WAVELENGTH' 
_diffrn_radiation.pdbx_analyzer                    ? 
_diffrn_radiation.pdbx_scattering_type             x-ray 
# 
_diffrn_radiation_wavelength.id           1 
_diffrn_radiation_wavelength.wavelength   1.0 
_diffrn_radiation_wavelength.wt           1.0 
# 
_diffrn_source.current                     ? 
_diffrn_source.details                     ? 
_diffrn_source.diffrn_id                   1 
_diffrn_source.power                       ? 
_diffrn_source.size                        ? 
_diffrn_source.source                      SYNCHROTRON 
_diffrn_source.target                      ? 
_diffrn_source.type                        'APS BEAMLINE 17-ID' 
_diffrn_source.voltage                     ? 
_diffrn_source.take-off_angle              ? 
_diffrn_source.pdbx_wavelength_list        1.0 
_diffrn_source.pdbx_wavelength             ? 
_diffrn_source.pdbx_synchrotron_beamline   17-ID 
_diffrn_source.pdbx_synchrotron_site       APS 
# 
_reflns.B_iso_Wilson_estimate            70.0 
_reflns.entry_id                         5UEY 
_reflns.data_reduction_details           ? 
_reflns.data_reduction_method            ? 
_reflns.d_resolution_high                2.41 
_reflns.d_resolution_low                 33.4 
_reflns.details                          ? 
_reflns.limit_h_max                      ? 
_reflns.limit_h_min                      ? 
_reflns.limit_k_max                      ? 
_reflns.limit_k_min                      ? 
_reflns.limit_l_max                      ? 
_reflns.limit_l_min                      ? 
_reflns.number_all                       ? 
_reflns.number_obs                       5571 
_reflns.observed_criterion               ? 
_reflns.observed_criterion_F_max         ? 
_reflns.observed_criterion_F_min         ? 
_reflns.observed_criterion_I_max         ? 
_reflns.observed_criterion_I_min         ? 
_reflns.observed_criterion_sigma_F       ? 
_reflns.observed_criterion_sigma_I       ? 
_reflns.percent_possible_obs             99.7 
_reflns.R_free_details                   ? 
_reflns.Rmerge_F_all                     ? 
_reflns.Rmerge_F_obs                     ? 
_reflns.Friedel_coverage                 ? 
_reflns.number_gt                        ? 
_reflns.threshold_expression             ? 
_reflns.pdbx_redundancy                  5.8 
_reflns.pdbx_Rmerge_I_obs                ? 
_reflns.pdbx_Rmerge_I_all                ? 
_reflns.pdbx_Rsym_value                  0.047 
_reflns.pdbx_netI_over_av_sigmaI         ? 
_reflns.pdbx_netI_over_sigmaI            18.9 
_reflns.pdbx_res_netI_over_av_sigmaI_2   ? 
_reflns.pdbx_res_netI_over_sigmaI_2      ? 
_reflns.pdbx_chi_squared                 ? 
_reflns.pdbx_scaling_rejects             ? 
_reflns.pdbx_d_res_high_opt              ? 
_reflns.pdbx_d_res_low_opt               ? 
_reflns.pdbx_d_res_opt_method            ? 
_reflns.phase_calculation_details        ? 
_reflns.pdbx_Rrim_I_all                  ? 
_reflns.pdbx_Rpim_I_all                  ? 
_reflns.pdbx_d_opt                       ? 
_reflns.pdbx_number_measured_all         ? 
_reflns.pdbx_diffrn_id                   1 
_reflns.pdbx_ordinal                     1 
_reflns.pdbx_CC_half                     ? 
_reflns.pdbx_R_split                     ? 
# 
_reflns_shell.d_res_high                  . 
_reflns_shell.d_res_low                   ? 
_reflns_shell.meanI_over_sigI_all         ? 
_reflns_shell.meanI_over_sigI_obs         ? 
_reflns_shell.number_measured_all         ? 
_reflns_shell.number_measured_obs         ? 
_reflns_shell.number_possible             ? 
_reflns_shell.number_unique_all           ? 
_reflns_shell.number_unique_obs           ? 
_reflns_shell.percent_possible_all        ? 
_reflns_shell.percent_possible_obs        ? 
_reflns_shell.Rmerge_F_all                ? 
_reflns_shell.Rmerge_F_obs                ? 
_reflns_shell.Rmerge_I_all                ? 
_reflns_shell.Rmerge_I_obs                ? 
_reflns_shell.meanI_over_sigI_gt          ? 
_reflns_shell.meanI_over_uI_all           ? 
_reflns_shell.meanI_over_uI_gt            ? 
_reflns_shell.number_measured_gt          ? 
_reflns_shell.number_unique_gt            ? 
_reflns_shell.percent_possible_gt         ? 
_reflns_shell.Rmerge_F_gt                 ? 
_reflns_shell.Rmerge_I_gt                 ? 
_reflns_shell.pdbx_redundancy             ? 
_reflns_shell.pdbx_Rsym_value             ? 
_reflns_shell.pdbx_chi_squared            ? 
_reflns_shell.pdbx_netI_over_sigmaI_all   ? 
_reflns_shell.pdbx_netI_over_sigmaI_obs   ? 
_reflns_shell.pdbx_Rrim_I_all             ? 
_reflns_shell.pdbx_Rpim_I_all             ? 
_reflns_shell.pdbx_rejects                ? 
_reflns_shell.pdbx_ordinal                1 
_reflns_shell.pdbx_diffrn_id              1 
_reflns_shell.pdbx_CC_half                ? 
_reflns_shell.pdbx_R_split                ? 
# 
_refine.aniso_B[1][1]                            -31.78930 
_refine.aniso_B[1][2]                            0.00000 
_refine.aniso_B[1][3]                            0.00000 
_refine.aniso_B[2][2]                            26.12720 
_refine.aniso_B[2][3]                            0.00000 
_refine.aniso_B[3][3]                            5.66220 
_refine.B_iso_max                                ? 
_refine.B_iso_mean                               71.16 
_refine.B_iso_min                                ? 
_refine.correlation_coeff_Fo_to_Fc               0.885 
_refine.correlation_coeff_Fo_to_Fc_free          0.850 
_refine.details                                  ? 
_refine.diff_density_max                         ? 
_refine.diff_density_max_esd                     ? 
_refine.diff_density_min                         ? 
_refine.diff_density_min_esd                     ? 
_refine.diff_density_rms                         ? 
_refine.diff_density_rms_esd                     ? 
_refine.entry_id                                 5UEY 
_refine.pdbx_refine_id                           'X-RAY DIFFRACTION' 
_refine.ls_abs_structure_details                 ? 
_refine.ls_abs_structure_Flack                   ? 
_refine.ls_abs_structure_Flack_esd               ? 
_refine.ls_abs_structure_Rogers                  ? 
_refine.ls_abs_structure_Rogers_esd              ? 
_refine.ls_d_res_high                            2.41 
_refine.ls_d_res_low                             33.38 
_refine.ls_extinction_coef                       ? 
_refine.ls_extinction_coef_esd                   ? 
_refine.ls_extinction_expression                 ? 
_refine.ls_extinction_method                     ? 
_refine.ls_goodness_of_fit_all                   ? 
_refine.ls_goodness_of_fit_all_esd               ? 
_refine.ls_goodness_of_fit_obs                   ? 
_refine.ls_goodness_of_fit_obs_esd               ? 
_refine.ls_hydrogen_treatment                    ? 
_refine.ls_matrix_type                           ? 
_refine.ls_number_constraints                    ? 
_refine.ls_number_parameters                     ? 
_refine.ls_number_reflns_all                     ? 
_refine.ls_number_reflns_obs                     5523 
_refine.ls_number_reflns_R_free                  251 
_refine.ls_number_reflns_R_work                  ? 
_refine.ls_number_restraints                     ? 
_refine.ls_percent_reflns_obs                    98.6 
_refine.ls_percent_reflns_R_free                 4.540 
_refine.ls_R_factor_all                          ? 
_refine.ls_R_factor_obs                          0.272 
_refine.ls_R_factor_R_free                       0.310 
_refine.ls_R_factor_R_free_error                 0.000 
_refine.ls_R_factor_R_free_error_details         ? 
_refine.ls_R_factor_R_work                       0.270 
_refine.ls_R_Fsqd_factor_obs                     ? 
_refine.ls_R_I_factor_obs                        ? 
_refine.ls_redundancy_reflns_all                 ? 
_refine.ls_redundancy_reflns_obs                 ? 
_refine.ls_restrained_S_all                      ? 
_refine.ls_restrained_S_obs                      ? 
_refine.ls_shift_over_esd_max                    ? 
_refine.ls_shift_over_esd_mean                   ? 
_refine.ls_structure_factor_coef                 ? 
_refine.ls_weighting_details                     ? 
_refine.ls_weighting_scheme                      ? 
_refine.ls_wR_factor_all                         ? 
_refine.ls_wR_factor_obs                         ? 
_refine.ls_wR_factor_R_free                      ? 
_refine.ls_wR_factor_R_work                      ? 
_refine.occupancy_max                            ? 
_refine.occupancy_min                            ? 
_refine.solvent_model_details                    ? 
_refine.solvent_model_param_bsol                 ? 
_refine.solvent_model_param_ksol                 ? 
_refine.ls_R_factor_gt                           ? 
_refine.ls_goodness_of_fit_gt                    ? 
_refine.ls_goodness_of_fit_ref                   ? 
_refine.ls_shift_over_su_max                     ? 
_refine.ls_shift_over_su_max_lt                  ? 
_refine.ls_shift_over_su_mean                    ? 
_refine.ls_shift_over_su_mean_lt                 ? 
_refine.pdbx_ls_sigma_I                          ? 
_refine.pdbx_ls_sigma_F                          0.000 
_refine.pdbx_ls_sigma_Fsqd                       ? 
_refine.pdbx_data_cutoff_high_absF               ? 
_refine.pdbx_data_cutoff_high_rms_absF           ? 
_refine.pdbx_data_cutoff_low_absF                ? 
_refine.pdbx_isotropic_thermal_model             ? 
_refine.pdbx_ls_cross_valid_method               THROUGHOUT 
_refine.pdbx_method_to_determine_struct          ? 
_refine.pdbx_starting_model                      ? 
_refine.pdbx_stereochemistry_target_values       ? 
_refine.pdbx_R_Free_selection_details            RANDOM 
_refine.pdbx_stereochem_target_val_spec_case     ? 
_refine.pdbx_overall_ESU_R                       ? 
_refine.pdbx_overall_ESU_R_Free                  ? 
_refine.pdbx_solvent_vdw_probe_radii             ? 
_refine.pdbx_solvent_ion_probe_radii             ? 
_refine.pdbx_solvent_shrinkage_radii             ? 
_refine.pdbx_real_space_R                        ? 
_refine.pdbx_density_correlation                 ? 
_refine.pdbx_pd_number_of_powder_patterns        ? 
_refine.pdbx_pd_number_of_points                 ? 
_refine.pdbx_pd_meas_number_of_points            ? 
_refine.pdbx_pd_proc_ls_prof_R_factor            ? 
_refine.pdbx_pd_proc_ls_prof_wR_factor           ? 
_refine.pdbx_pd_Marquardt_correlation_coeff      ? 
_refine.pdbx_pd_Fsqrd_R_factor                   ? 
_refine.pdbx_pd_ls_matrix_band_width             ? 
_refine.pdbx_overall_phase_error                 ? 
_refine.pdbx_overall_SU_R_free_Cruickshank_DPI   0.302 
_refine.pdbx_overall_SU_R_free_Blow_DPI          0.310 
_refine.pdbx_overall_SU_R_Blow_DPI               0.504 
_refine.pdbx_TLS_residual_ADP_flag               ? 
_refine.pdbx_diffrn_id                           1 
_refine.overall_SU_B                             ? 
_refine.overall_SU_ML                            ? 
_refine.overall_SU_R_Cruickshank_DPI             0.455 
_refine.overall_SU_R_free                        ? 
_refine.overall_FOM_free_R_set                   ? 
_refine.overall_FOM_work_R_set                   ? 
_refine.pdbx_average_fsc_overall                 ? 
_refine.pdbx_average_fsc_work                    ? 
_refine.pdbx_average_fsc_free                    ? 
# 
_refine_analyze.entry_id                        5UEY 
_refine_analyze.pdbx_refine_id                  'X-RAY DIFFRACTION' 
_refine_analyze.Luzzati_coordinate_error_free   ? 
_refine_analyze.Luzzati_coordinate_error_obs    0.53 
_refine_analyze.Luzzati_d_res_low_free          ? 
_refine_analyze.Luzzati_d_res_low_obs           ? 
_refine_analyze.Luzzati_sigma_a_free            ? 
_refine_analyze.Luzzati_sigma_a_free_details    ? 
_refine_analyze.Luzzati_sigma_a_obs             ? 
_refine_analyze.Luzzati_sigma_a_obs_details     ? 
_refine_analyze.number_disordered_residues      ? 
_refine_analyze.occupancy_sum_hydrogen          ? 
_refine_analyze.occupancy_sum_non_hydrogen      ? 
_refine_analyze.RG_d_res_high                   ? 
_refine_analyze.RG_d_res_low                    ? 
_refine_analyze.RG_free                         ? 
_refine_analyze.RG_work                         ? 
_refine_analyze.RG_free_work_ratio              ? 
_refine_analyze.pdbx_Luzzati_d_res_high_obs     ? 
# 
_refine_hist.pdbx_refine_id                   'X-RAY DIFFRACTION' 
_refine_hist.cycle_id                         1 
_refine_hist.pdbx_number_atoms_protein        847 
_refine_hist.pdbx_number_atoms_nucleic_acid   0 
_refine_hist.pdbx_number_atoms_ligand         32 
_refine_hist.number_atoms_solvent             30 
_refine_hist.number_atoms_total               909 
_refine_hist.d_res_high                       2.41 
_refine_hist.d_res_low                        33.38 
# 
loop_
_refine_ls_restr.pdbx_refine_id 
_refine_ls_restr.criterion 
_refine_ls_restr.dev_ideal 
_refine_ls_restr.dev_ideal_target 
_refine_ls_restr.number 
_refine_ls_restr.rejects 
_refine_ls_restr.type 
_refine_ls_restr.weight 
_refine_ls_restr.pdbx_restraint_function 
'X-RAY DIFFRACTION' ? 0.008 ? 913  ? t_bond_d                  2.00  HARMONIC     
'X-RAY DIFFRACTION' ? 0.92  ? 1242 ? t_angle_deg               2.00  HARMONIC     
'X-RAY DIFFRACTION' ? ?     ? 300  ? t_dihedral_angle_d        2.00  SINUSOIDAL   
'X-RAY DIFFRACTION' ? ?     ? ?    ? t_incorr_chiral_ct        ?     ?            
'X-RAY DIFFRACTION' ? ?     ? ?    ? t_pseud_angle             ?     ?            
'X-RAY DIFFRACTION' ? ?     ? 18   ? t_trig_c_planes           2.00  HARMONIC     
'X-RAY DIFFRACTION' ? ?     ? 146  ? t_gen_planes              5.00  HARMONIC     
'X-RAY DIFFRACTION' ? ?     ? 913  ? t_it                      20.00 HARMONIC     
'X-RAY DIFFRACTION' ? ?     ? ?    ? t_nbd                     ?     ?            
'X-RAY DIFFRACTION' ? 1.52  ? ?    ? t_omega_torsion           ?     ?            
'X-RAY DIFFRACTION' ? 21.11 ? ?    ? t_other_torsion           ?     ?            
'X-RAY DIFFRACTION' ? ?     ? ?    ? t_improper_torsion        ?     ?            
'X-RAY DIFFRACTION' ? ?     ? 110  ? t_chiral_improper_torsion 5.00  SEMIHARMONIC 
'X-RAY DIFFRACTION' ? ?     ? ?    ? t_sum_occupancies         ?     ?            
'X-RAY DIFFRACTION' ? ?     ? ?    ? t_utility_distance        ?     ?            
'X-RAY DIFFRACTION' ? ?     ? ?    ? t_utility_angle           ?     ?            
'X-RAY DIFFRACTION' ? ?     ? ?    ? t_utility_torsion         ?     ?            
'X-RAY DIFFRACTION' ? ?     ? 992  ? t_ideal_dist_contact      4.00  SEMIHARMONIC 
# 
_refine_ls_shell.pdbx_refine_id                   'X-RAY DIFFRACTION' 
_refine_ls_shell.d_res_high                       2.41 
_refine_ls_shell.d_res_low                        2.69 
_refine_ls_shell.number_reflns_all                1508 
_refine_ls_shell.number_reflns_obs                ? 
_refine_ls_shell.number_reflns_R_free             ? 
_refine_ls_shell.number_reflns_R_work             1426 
_refine_ls_shell.percent_reflns_obs               97.92 
_refine_ls_shell.percent_reflns_R_free            5.44 
_refine_ls_shell.R_factor_all                     0.359 
_refine_ls_shell.R_factor_obs                     ? 
_refine_ls_shell.R_factor_R_free                  0.398 
_refine_ls_shell.R_factor_R_free_error            0.000 
_refine_ls_shell.R_factor_R_work                  0.356 
_refine_ls_shell.redundancy_reflns_all            ? 
_refine_ls_shell.redundancy_reflns_obs            ? 
_refine_ls_shell.wR_factor_all                    ? 
_refine_ls_shell.wR_factor_obs                    ? 
_refine_ls_shell.wR_factor_R_free                 ? 
_refine_ls_shell.wR_factor_R_work                 ? 
_refine_ls_shell.pdbx_total_number_of_bins_used   5 
_refine_ls_shell.pdbx_phase_error                 ? 
_refine_ls_shell.pdbx_fsc_work                    ? 
_refine_ls_shell.pdbx_fsc_free                    ? 
# 
_struct.entry_id                     5UEY 
_struct.title                        BRD4_BD2_A-1412838 
_struct.pdbx_model_details           ? 
_struct.pdbx_formula_weight          ? 
_struct.pdbx_formula_weight_method   ? 
_struct.pdbx_model_type_details      ? 
_struct.pdbx_CASP_flag               N 
# 
_struct_keywords.entry_id        5UEY 
_struct_keywords.text            'SIGNALING PROTEIN-INHIBITOR complex' 
_struct_keywords.pdbx_keywords   'SIGNALING PROTEIN/INHIBITOR' 
# 
loop_
_struct_asym.id 
_struct_asym.pdbx_blank_PDB_chainid_flag 
_struct_asym.pdbx_modified 
_struct_asym.entity_id 
_struct_asym.details 
A N N 1 ? 
B N N 2 ? 
C N N 3 ? 
# 
_struct_ref.id                         1 
_struct_ref.db_name                    UNP 
_struct_ref.db_code                    BRD4_HUMAN 
_struct_ref.pdbx_db_accession          O60885 
_struct_ref.pdbx_db_isoform            ? 
_struct_ref.entity_id                  1 
_struct_ref.pdbx_seq_one_letter_code   
;EQLKCCSGILKEMFAKKHAAYAWPFYKPVDVEALGLHDYCDIIKHPMDMSTIKSKLEAREYRDAQEFGADVRLMFSNCYK
YNPPDHEVVAMARKLQDVFEMRFAKM
;
_struct_ref.pdbx_align_begin           352 
# 
_struct_ref_seq.align_id                      1 
_struct_ref_seq.ref_id                        1 
_struct_ref_seq.pdbx_PDB_id_code              5UEY 
_struct_ref_seq.pdbx_strand_id                A 
_struct_ref_seq.seq_align_beg                 4 
_struct_ref_seq.pdbx_seq_align_beg_ins_code   ? 
_struct_ref_seq.seq_align_end                 109 
_struct_ref_seq.pdbx_seq_align_end_ins_code   ? 
_struct_ref_seq.pdbx_db_accession             O60885 
_struct_ref_seq.db_align_beg                  352 
_struct_ref_seq.pdbx_db_align_beg_ins_code    ? 
_struct_ref_seq.db_align_end                  457 
_struct_ref_seq.pdbx_db_align_end_ins_code    ? 
_struct_ref_seq.pdbx_auth_seq_align_beg       352 
_struct_ref_seq.pdbx_auth_seq_align_end       457 
# 
loop_
_struct_ref_seq_dif.align_id 
_struct_ref_seq_dif.pdbx_pdb_id_code 
_struct_ref_seq_dif.mon_id 
_struct_ref_seq_dif.pdbx_pdb_strand_id 
_struct_ref_seq_dif.seq_num 
_struct_ref_seq_dif.pdbx_pdb_ins_code 
_struct_ref_seq_dif.pdbx_seq_db_name 
_struct_ref_seq_dif.pdbx_seq_db_accession_code 
_struct_ref_seq_dif.db_mon_id 
_struct_ref_seq_dif.pdbx_seq_db_seq_num 
_struct_ref_seq_dif.details 
_struct_ref_seq_dif.pdbx_auth_seq_num 
_struct_ref_seq_dif.pdbx_ordinal 
1 5UEY SER A 1 ? UNP O60885 ? ? 'expression tag' 349 1 
1 5UEY HIS A 2 ? UNP O60885 ? ? 'expression tag' 350 2 
1 5UEY MET A 3 ? UNP O60885 ? ? 'expression tag' 351 3 
# 
_pdbx_struct_assembly.id                   1 
_pdbx_struct_assembly.details              author_and_software_defined_assembly 
_pdbx_struct_assembly.method_details       PISA 
_pdbx_struct_assembly.oligomeric_details   monomeric 
_pdbx_struct_assembly.oligomeric_count     1 
# 
loop_
_pdbx_struct_assembly_prop.biol_id 
_pdbx_struct_assembly_prop.type 
_pdbx_struct_assembly_prop.value 
_pdbx_struct_assembly_prop.details 
1 'ABSA (A^2)' 0    ? 
1 MORE         0    ? 
1 'SSA (A^2)'  6370 ? 
# 
_pdbx_struct_assembly_gen.assembly_id       1 
_pdbx_struct_assembly_gen.oper_expression   1 
_pdbx_struct_assembly_gen.asym_id_list      A,B,C 
# 
_pdbx_struct_oper_list.id                   1 
_pdbx_struct_oper_list.type                 'identity operation' 
_pdbx_struct_oper_list.name                 1_555 
_pdbx_struct_oper_list.symmetry_operation   x,y,z 
_pdbx_struct_oper_list.matrix[1][1]         1.0000000000 
_pdbx_struct_oper_list.matrix[1][2]         0.0000000000 
_pdbx_struct_oper_list.matrix[1][3]         0.0000000000 
_pdbx_struct_oper_list.vector[1]            0.0000000000 
_pdbx_struct_oper_list.matrix[2][1]         0.0000000000 
_pdbx_struct_oper_list.matrix[2][2]         1.0000000000 
_pdbx_struct_oper_list.matrix[2][3]         0.0000000000 
_pdbx_struct_oper_list.vector[2]            0.0000000000 
_pdbx_struct_oper_list.matrix[3][1]         0.0000000000 
_pdbx_struct_oper_list.matrix[3][2]         0.0000000000 
_pdbx_struct_oper_list.matrix[3][3]         1.0000000000 
_pdbx_struct_oper_list.vector[3]            0.0000000000 
# 
loop_
_struct_conf.conf_type_id 
_struct_conf.id 
_struct_conf.pdbx_PDB_helix_id 
_struct_conf.beg_label_comp_id 
_struct_conf.beg_label_asym_id 
_struct_conf.beg_label_seq_id 
_struct_conf.pdbx_beg_PDB_ins_code 
_struct_conf.end_label_comp_id 
_struct_conf.end_label_asym_id 
_struct_conf.end_label_seq_id 
_struct_conf.pdbx_end_PDB_ins_code 
_struct_conf.beg_auth_comp_id 
_struct_conf.beg_auth_asym_id 
_struct_conf.beg_auth_seq_id 
_struct_conf.end_auth_comp_id 
_struct_conf.end_auth_asym_id 
_struct_conf.end_auth_seq_id 
_struct_conf.pdbx_PDB_helix_class 
_struct_conf.details 
_struct_conf.pdbx_PDB_helix_length 
HELX_P HELX_P1 AA1 HIS A 2  ? ALA A 18  ? HIS A 350 ALA A 366 1 ? 17 
HELX_P HELX_P2 AA2 HIS A 21 ? TRP A 26  ? HIS A 369 TRP A 374 1 ? 6  
HELX_P HELX_P3 AA3 PRO A 27 ? TYR A 29  ? PRO A 375 TYR A 377 5 ? 3  
HELX_P HELX_P4 AA4 ASP A 33 ? GLY A 38  ? ASP A 381 GLY A 386 1 ? 6  
HELX_P HELX_P5 AA5 ASP A 41 ? ILE A 46  ? ASP A 389 ILE A 394 1 ? 6  
HELX_P HELX_P6 AA6 ASP A 51 ? ALA A 61  ? ASP A 399 ALA A 409 1 ? 11 
HELX_P HELX_P7 AA7 ASP A 66 ? ASN A 85  ? ASP A 414 ASN A 433 1 ? 20 
HELX_P HELX_P8 AA8 HIS A 89 ? LYS A 108 ? HIS A 437 LYS A 456 1 ? 20 
# 
_struct_conf_type.id          HELX_P 
_struct_conf_type.criteria    ? 
_struct_conf_type.reference   ? 
# 
_struct_site.id                   AC1 
_struct_site.pdbx_evidence_code   Software 
_struct_site.pdbx_auth_asym_id    A 
_struct_site.pdbx_auth_comp_id    88M 
_struct_site.pdbx_auth_seq_id     501 
_struct_site.pdbx_auth_ins_code   ? 
_struct_site.pdbx_num_residues    11 
_struct_site.details              'binding site for residue 88M A 501' 
# 
loop_
_struct_site_gen.id 
_struct_site_gen.site_id 
_struct_site_gen.pdbx_num_res 
_struct_site_gen.label_comp_id 
_struct_site_gen.label_asym_id 
_struct_site_gen.label_seq_id 
_struct_site_gen.pdbx_auth_ins_code 
_struct_site_gen.auth_comp_id 
_struct_site_gen.auth_asym_id 
_struct_site_gen.auth_seq_id 
_struct_site_gen.label_atom_id 
_struct_site_gen.label_alt_id 
_struct_site_gen.symmetry 
_struct_site_gen.details 
1  AC1 11 TRP A 26 ? TRP A 374 . ? 1_555 ? 
2  AC1 11 PRO A 27 ? PRO A 375 . ? 1_555 ? 
3  AC1 11 PHE A 28 ? PHE A 376 . ? 1_555 ? 
4  AC1 11 PRO A 31 ? PRO A 379 . ? 1_555 ? 
5  AC1 11 VAL A 32 ? VAL A 380 . ? 1_555 ? 
6  AC1 11 ASP A 33 ? ASP A 381 . ? 1_555 ? 
7  AC1 11 LEU A 37 ? LEU A 385 . ? 1_555 ? 
8  AC1 11 ASN A 85 ? ASN A 433 . ? 1_555 ? 
9  AC1 11 GLU A 90 ? GLU A 438 . ? 1_555 ? 
10 AC1 11 VAL A 91 ? VAL A 439 . ? 1_555 ? 
11 AC1 11 MET A 94 ? MET A 442 . ? 1_555 ? 
# 
loop_
_pdbx_validate_torsion.id 
_pdbx_validate_torsion.PDB_model_num 
_pdbx_validate_torsion.auth_comp_id 
_pdbx_validate_torsion.auth_asym_id 
_pdbx_validate_torsion.auth_seq_id 
_pdbx_validate_torsion.PDB_ins_code 
_pdbx_validate_torsion.label_alt_id 
_pdbx_validate_torsion.phi 
_pdbx_validate_torsion.psi 
1 1 ALA A 409 ? ? -90.72  -115.55 
2 1 ARG A 410 ? ? -162.02 36.88   
3 1 LYS A 456 ? ? -79.54  41.79   
# 
loop_
_pdbx_distant_solvent_atoms.id 
_pdbx_distant_solvent_atoms.PDB_model_num 
_pdbx_distant_solvent_atoms.auth_atom_id 
_pdbx_distant_solvent_atoms.label_alt_id 
_pdbx_distant_solvent_atoms.auth_asym_id 
_pdbx_distant_solvent_atoms.auth_comp_id 
_pdbx_distant_solvent_atoms.auth_seq_id 
_pdbx_distant_solvent_atoms.PDB_ins_code 
_pdbx_distant_solvent_atoms.neighbor_macromolecule_distance 
_pdbx_distant_solvent_atoms.neighbor_ligand_distance 
1 1 O ? A HOH 629 ? . 5.81 
2 1 O ? A HOH 630 ? . 6.15 
# 
_pdbx_unobs_or_zero_occ_residues.id               1 
_pdbx_unobs_or_zero_occ_residues.PDB_model_num    1 
_pdbx_unobs_or_zero_occ_residues.polymer_flag     Y 
_pdbx_unobs_or_zero_occ_residues.occupancy_flag   1 
_pdbx_unobs_or_zero_occ_residues.auth_asym_id     A 
_pdbx_unobs_or_zero_occ_residues.auth_comp_id     SER 
_pdbx_unobs_or_zero_occ_residues.auth_seq_id      349 
_pdbx_unobs_or_zero_occ_residues.PDB_ins_code     ? 
_pdbx_unobs_or_zero_occ_residues.label_asym_id    A 
_pdbx_unobs_or_zero_occ_residues.label_comp_id    SER 
_pdbx_unobs_or_zero_occ_residues.label_seq_id     1 
# 
loop_
_chem_comp_atom.comp_id 
_chem_comp_atom.atom_id 
_chem_comp_atom.type_symbol 
_chem_comp_atom.pdbx_aromatic_flag 
_chem_comp_atom.pdbx_stereo_config 
_chem_comp_atom.pdbx_ordinal 
88M C1   C Y N 1   
88M C2   C Y N 2   
88M C3   C Y N 3   
88M C4   C Y N 4   
88M C5   C Y N 5   
88M C6   C Y N 6   
88M C7   C Y N 7   
88M C8   C Y N 8   
88M C9   C Y N 9   
88M C10  C Y N 10  
88M C11  C Y N 11  
88M C12  C Y N 12  
88M C13  C N N 13  
88M C14  C N N 14  
88M C15  C N N 15  
88M C16  C N N 16  
88M C17  C N N 17  
88M C18  C N N 18  
88M C19  C N N 19  
88M C20  C N N 20  
88M C21  C N N 21  
88M C22  C N N 22  
88M N23  N N N 23  
88M N24  N N N 24  
88M O25  O N N 25  
88M O26  O N N 26  
88M O27  O N N 27  
88M O28  O N N 28  
88M O29  O N N 29  
88M F30  F N N 30  
88M F31  F N N 31  
88M S32  S N N 32  
88M H1   H N N 33  
88M H2   H N N 34  
88M H3   H N N 35  
88M H4   H N N 36  
88M H5   H N N 37  
88M H6   H N N 38  
88M H13  H N N 39  
88M H14  H N N 40  
88M H7   H N N 41  
88M H8   H N N 42  
88M H9   H N N 43  
88M H10  H N N 44  
88M H11  H N N 45  
88M H12  H N N 46  
88M H15  H N N 47  
88M H16  H N N 48  
88M H17  H N N 49  
88M H18  H N N 50  
88M H19  H N N 51  
88M H20  H N N 52  
88M H21  H N N 53  
88M H22  H N N 54  
88M H23  H N N 55  
88M H24  H N N 56  
ALA N    N N N 57  
ALA CA   C N S 58  
ALA C    C N N 59  
ALA O    O N N 60  
ALA CB   C N N 61  
ALA OXT  O N N 62  
ALA H    H N N 63  
ALA H2   H N N 64  
ALA HA   H N N 65  
ALA HB1  H N N 66  
ALA HB2  H N N 67  
ALA HB3  H N N 68  
ALA HXT  H N N 69  
ARG N    N N N 70  
ARG CA   C N S 71  
ARG C    C N N 72  
ARG O    O N N 73  
ARG CB   C N N 74  
ARG CG   C N N 75  
ARG CD   C N N 76  
ARG NE   N N N 77  
ARG CZ   C N N 78  
ARG NH1  N N N 79  
ARG NH2  N N N 80  
ARG OXT  O N N 81  
ARG H    H N N 82  
ARG H2   H N N 83  
ARG HA   H N N 84  
ARG HB2  H N N 85  
ARG HB3  H N N 86  
ARG HG2  H N N 87  
ARG HG3  H N N 88  
ARG HD2  H N N 89  
ARG HD3  H N N 90  
ARG HE   H N N 91  
ARG HH11 H N N 92  
ARG HH12 H N N 93  
ARG HH21 H N N 94  
ARG HH22 H N N 95  
ARG HXT  H N N 96  
ASN N    N N N 97  
ASN CA   C N S 98  
ASN C    C N N 99  
ASN O    O N N 100 
ASN CB   C N N 101 
ASN CG   C N N 102 
ASN OD1  O N N 103 
ASN ND2  N N N 104 
ASN OXT  O N N 105 
ASN H    H N N 106 
ASN H2   H N N 107 
ASN HA   H N N 108 
ASN HB2  H N N 109 
ASN HB3  H N N 110 
ASN HD21 H N N 111 
ASN HD22 H N N 112 
ASN HXT  H N N 113 
ASP N    N N N 114 
ASP CA   C N S 115 
ASP C    C N N 116 
ASP O    O N N 117 
ASP CB   C N N 118 
ASP CG   C N N 119 
ASP OD1  O N N 120 
ASP OD2  O N N 121 
ASP OXT  O N N 122 
ASP H    H N N 123 
ASP H2   H N N 124 
ASP HA   H N N 125 
ASP HB2  H N N 126 
ASP HB3  H N N 127 
ASP HD2  H N N 128 
ASP HXT  H N N 129 
CYS N    N N N 130 
CYS CA   C N R 131 
CYS C    C N N 132 
CYS O    O N N 133 
CYS CB   C N N 134 
CYS SG   S N N 135 
CYS OXT  O N N 136 
CYS H    H N N 137 
CYS H2   H N N 138 
CYS HA   H N N 139 
CYS HB2  H N N 140 
CYS HB3  H N N 141 
CYS HG   H N N 142 
CYS HXT  H N N 143 
GLN N    N N N 144 
GLN CA   C N S 145 
GLN C    C N N 146 
GLN O    O N N 147 
GLN CB   C N N 148 
GLN CG   C N N 149 
GLN CD   C N N 150 
GLN OE1  O N N 151 
GLN NE2  N N N 152 
GLN OXT  O N N 153 
GLN H    H N N 154 
GLN H2   H N N 155 
GLN HA   H N N 156 
GLN HB2  H N N 157 
GLN HB3  H N N 158 
GLN HG2  H N N 159 
GLN HG3  H N N 160 
GLN HE21 H N N 161 
GLN HE22 H N N 162 
GLN HXT  H N N 163 
GLU N    N N N 164 
GLU CA   C N S 165 
GLU C    C N N 166 
GLU O    O N N 167 
GLU CB   C N N 168 
GLU CG   C N N 169 
GLU CD   C N N 170 
GLU OE1  O N N 171 
GLU OE2  O N N 172 
GLU OXT  O N N 173 
GLU H    H N N 174 
GLU H2   H N N 175 
GLU HA   H N N 176 
GLU HB2  H N N 177 
GLU HB3  H N N 178 
GLU HG2  H N N 179 
GLU HG3  H N N 180 
GLU HE2  H N N 181 
GLU HXT  H N N 182 
GLY N    N N N 183 
GLY CA   C N N 184 
GLY C    C N N 185 
GLY O    O N N 186 
GLY OXT  O N N 187 
GLY H    H N N 188 
GLY H2   H N N 189 
GLY HA2  H N N 190 
GLY HA3  H N N 191 
GLY HXT  H N N 192 
HIS N    N N N 193 
HIS CA   C N S 194 
HIS C    C N N 195 
HIS O    O N N 196 
HIS CB   C N N 197 
HIS CG   C Y N 198 
HIS ND1  N Y N 199 
HIS CD2  C Y N 200 
HIS CE1  C Y N 201 
HIS NE2  N Y N 202 
HIS OXT  O N N 203 
HIS H    H N N 204 
HIS H2   H N N 205 
HIS HA   H N N 206 
HIS HB2  H N N 207 
HIS HB3  H N N 208 
HIS HD1  H N N 209 
HIS HD2  H N N 210 
HIS HE1  H N N 211 
HIS HE2  H N N 212 
HIS HXT  H N N 213 
HOH O    O N N 214 
HOH H1   H N N 215 
HOH H2   H N N 216 
ILE N    N N N 217 
ILE CA   C N S 218 
ILE C    C N N 219 
ILE O    O N N 220 
ILE CB   C N S 221 
ILE CG1  C N N 222 
ILE CG2  C N N 223 
ILE CD1  C N N 224 
ILE OXT  O N N 225 
ILE H    H N N 226 
ILE H2   H N N 227 
ILE HA   H N N 228 
ILE HB   H N N 229 
ILE HG12 H N N 230 
ILE HG13 H N N 231 
ILE HG21 H N N 232 
ILE HG22 H N N 233 
ILE HG23 H N N 234 
ILE HD11 H N N 235 
ILE HD12 H N N 236 
ILE HD13 H N N 237 
ILE HXT  H N N 238 
LEU N    N N N 239 
LEU CA   C N S 240 
LEU C    C N N 241 
LEU O    O N N 242 
LEU CB   C N N 243 
LEU CG   C N N 244 
LEU CD1  C N N 245 
LEU CD2  C N N 246 
LEU OXT  O N N 247 
LEU H    H N N 248 
LEU H2   H N N 249 
LEU HA   H N N 250 
LEU HB2  H N N 251 
LEU HB3  H N N 252 
LEU HG   H N N 253 
LEU HD11 H N N 254 
LEU HD12 H N N 255 
LEU HD13 H N N 256 
LEU HD21 H N N 257 
LEU HD22 H N N 258 
LEU HD23 H N N 259 
LEU HXT  H N N 260 
LYS N    N N N 261 
LYS CA   C N S 262 
LYS C    C N N 263 
LYS O    O N N 264 
LYS CB   C N N 265 
LYS CG   C N N 266 
LYS CD   C N N 267 
LYS CE   C N N 268 
LYS NZ   N N N 269 
LYS OXT  O N N 270 
LYS H    H N N 271 
LYS H2   H N N 272 
LYS HA   H N N 273 
LYS HB2  H N N 274 
LYS HB3  H N N 275 
LYS HG2  H N N 276 
LYS HG3  H N N 277 
LYS HD2  H N N 278 
LYS HD3  H N N 279 
LYS HE2  H N N 280 
LYS HE3  H N N 281 
LYS HZ1  H N N 282 
LYS HZ2  H N N 283 
LYS HZ3  H N N 284 
LYS HXT  H N N 285 
MET N    N N N 286 
MET CA   C N S 287 
MET C    C N N 288 
MET O    O N N 289 
MET CB   C N N 290 
MET CG   C N N 291 
MET SD   S N N 292 
MET CE   C N N 293 
MET OXT  O N N 294 
MET H    H N N 295 
MET H2   H N N 296 
MET HA   H N N 297 
MET HB2  H N N 298 
MET HB3  H N N 299 
MET HG2  H N N 300 
MET HG3  H N N 301 
MET HE1  H N N 302 
MET HE2  H N N 303 
MET HE3  H N N 304 
MET HXT  H N N 305 
PHE N    N N N 306 
PHE CA   C N S 307 
PHE C    C N N 308 
PHE O    O N N 309 
PHE CB   C N N 310 
PHE CG   C Y N 311 
PHE CD1  C Y N 312 
PHE CD2  C Y N 313 
PHE CE1  C Y N 314 
PHE CE2  C Y N 315 
PHE CZ   C Y N 316 
PHE OXT  O N N 317 
PHE H    H N N 318 
PHE H2   H N N 319 
PHE HA   H N N 320 
PHE HB2  H N N 321 
PHE HB3  H N N 322 
PHE HD1  H N N 323 
PHE HD2  H N N 324 
PHE HE1  H N N 325 
PHE HE2  H N N 326 
PHE HZ   H N N 327 
PHE HXT  H N N 328 
PRO N    N N N 329 
PRO CA   C N S 330 
PRO C    C N N 331 
PRO O    O N N 332 
PRO CB   C N N 333 
PRO CG   C N N 334 
PRO CD   C N N 335 
PRO OXT  O N N 336 
PRO H    H N N 337 
PRO HA   H N N 338 
PRO HB2  H N N 339 
PRO HB3  H N N 340 
PRO HG2  H N N 341 
PRO HG3  H N N 342 
PRO HD2  H N N 343 
PRO HD3  H N N 344 
PRO HXT  H N N 345 
SER N    N N N 346 
SER CA   C N S 347 
SER C    C N N 348 
SER O    O N N 349 
SER CB   C N N 350 
SER OG   O N N 351 
SER OXT  O N N 352 
SER H    H N N 353 
SER H2   H N N 354 
SER HA   H N N 355 
SER HB2  H N N 356 
SER HB3  H N N 357 
SER HG   H N N 358 
SER HXT  H N N 359 
THR N    N N N 360 
THR CA   C N S 361 
THR C    C N N 362 
THR O    O N N 363 
THR CB   C N R 364 
THR OG1  O N N 365 
THR CG2  C N N 366 
THR OXT  O N N 367 
THR H    H N N 368 
THR H2   H N N 369 
THR HA   H N N 370 
THR HB   H N N 371 
THR HG1  H N N 372 
THR HG21 H N N 373 
THR HG22 H N N 374 
THR HG23 H N N 375 
THR HXT  H N N 376 
TRP N    N N N 377 
TRP CA   C N S 378 
TRP C    C N N 379 
TRP O    O N N 380 
TRP CB   C N N 381 
TRP CG   C Y N 382 
TRP CD1  C Y N 383 
TRP CD2  C Y N 384 
TRP NE1  N Y N 385 
TRP CE2  C Y N 386 
TRP CE3  C Y N 387 
TRP CZ2  C Y N 388 
TRP CZ3  C Y N 389 
TRP CH2  C Y N 390 
TRP OXT  O N N 391 
TRP H    H N N 392 
TRP H2   H N N 393 
TRP HA   H N N 394 
TRP HB2  H N N 395 
TRP HB3  H N N 396 
TRP HD1  H N N 397 
TRP HE1  H N N 398 
TRP HE3  H N N 399 
TRP HZ2  H N N 400 
TRP HZ3  H N N 401 
TRP HH2  H N N 402 
TRP HXT  H N N 403 
TYR N    N N N 404 
TYR CA   C N S 405 
TYR C    C N N 406 
TYR O    O N N 407 
TYR CB   C N N 408 
TYR CG   C Y N 409 
TYR CD1  C Y N 410 
TYR CD2  C Y N 411 
TYR CE1  C Y N 412 
TYR CE2  C Y N 413 
TYR CZ   C Y N 414 
TYR OH   O N N 415 
TYR OXT  O N N 416 
TYR H    H N N 417 
TYR H2   H N N 418 
TYR HA   H N N 419 
TYR HB2  H N N 420 
TYR HB3  H N N 421 
TYR HD1  H N N 422 
TYR HD2  H N N 423 
TYR HE1  H N N 424 
TYR HE2  H N N 425 
TYR HH   H N N 426 
TYR HXT  H N N 427 
VAL N    N N N 428 
VAL CA   C N S 429 
VAL C    C N N 430 
VAL O    O N N 431 
VAL CB   C N N 432 
VAL CG1  C N N 433 
VAL CG2  C N N 434 
VAL OXT  O N N 435 
VAL H    H N N 436 
VAL H2   H N N 437 
VAL HA   H N N 438 
VAL HB   H N N 439 
VAL HG11 H N N 440 
VAL HG12 H N N 441 
VAL HG13 H N N 442 
VAL HG21 H N N 443 
VAL HG22 H N N 444 
VAL HG23 H N N 445 
VAL HXT  H N N 446 
# 
loop_
_chem_comp_bond.comp_id 
_chem_comp_bond.atom_id_1 
_chem_comp_bond.atom_id_2 
_chem_comp_bond.value_order 
_chem_comp_bond.pdbx_aromatic_flag 
_chem_comp_bond.pdbx_stereo_config 
_chem_comp_bond.pdbx_ordinal 
88M C1  C2   doub Y N 1   
88M C1  C8   sing Y N 2   
88M C2  C9   sing Y N 3   
88M C3  C4   doub Y N 4   
88M C3  C10  sing Y N 5   
88M C4  C11  sing Y N 6   
88M C5  C7   sing Y N 7   
88M C5  C8   doub Y N 8   
88M C6  C11  doub Y N 9   
88M C6  C12  sing Y N 10  
88M C7  C9   doub Y N 11  
88M C7  C15  sing N N 12  
88M C8  N24  sing N N 13  
88M C9  O28  sing N N 14  
88M C10 C12  doub Y N 15  
88M C10 O28  sing N N 16  
88M C11 F30  sing N N 17  
88M C12 F31  sing N N 18  
88M C13 C16  doub N N 19  
88M C13 C17  sing N N 20  
88M C14 C15  doub N N 21  
88M C14 N23  sing N N 22  
88M C15 C16  sing N N 23  
88M C16 O29  sing N N 24  
88M C17 N23  sing N N 25  
88M C17 O25  doub N N 26  
88M C18 C21  sing N N 27  
88M C19 C22  sing N N 28  
88M C20 N23  sing N N 29  
88M C21 O29  sing N N 30  
88M C22 S32  sing N N 31  
88M N24 S32  sing N N 32  
88M O26 S32  sing N N 33  
88M O27 S32  sing N N 34  
88M C1  H1   sing N N 35  
88M C2  H2   sing N N 36  
88M C3  H3   sing N N 37  
88M C4  H4   sing N N 38  
88M C5  H5   sing N N 39  
88M C6  H6   sing N N 40  
88M C13 H13  sing N N 41  
88M C14 H14  sing N N 42  
88M C18 H7   sing N N 43  
88M C18 H8   sing N N 44  
88M C18 H9   sing N N 45  
88M C19 H10  sing N N 46  
88M C19 H11  sing N N 47  
88M C19 H12  sing N N 48  
88M C20 H15  sing N N 49  
88M C20 H16  sing N N 50  
88M C20 H17  sing N N 51  
88M C21 H18  sing N N 52  
88M C21 H19  sing N N 53  
88M C22 H20  sing N N 54  
88M C22 H21  sing N N 55  
88M N24 H24  sing N N 56  
88M O26 H22  sing N N 57  
88M O27 H23  sing N N 58  
ALA N   CA   sing N N 59  
ALA N   H    sing N N 60  
ALA N   H2   sing N N 61  
ALA CA  C    sing N N 62  
ALA CA  CB   sing N N 63  
ALA CA  HA   sing N N 64  
ALA C   O    doub N N 65  
ALA C   OXT  sing N N 66  
ALA CB  HB1  sing N N 67  
ALA CB  HB2  sing N N 68  
ALA CB  HB3  sing N N 69  
ALA OXT HXT  sing N N 70  
ARG N   CA   sing N N 71  
ARG N   H    sing N N 72  
ARG N   H2   sing N N 73  
ARG CA  C    sing N N 74  
ARG CA  CB   sing N N 75  
ARG CA  HA   sing N N 76  
ARG C   O    doub N N 77  
ARG C   OXT  sing N N 78  
ARG CB  CG   sing N N 79  
ARG CB  HB2  sing N N 80  
ARG CB  HB3  sing N N 81  
ARG CG  CD   sing N N 82  
ARG CG  HG2  sing N N 83  
ARG CG  HG3  sing N N 84  
ARG CD  NE   sing N N 85  
ARG CD  HD2  sing N N 86  
ARG CD  HD3  sing N N 87  
ARG NE  CZ   sing N N 88  
ARG NE  HE   sing N N 89  
ARG CZ  NH1  sing N N 90  
ARG CZ  NH2  doub N N 91  
ARG NH1 HH11 sing N N 92  
ARG NH1 HH12 sing N N 93  
ARG NH2 HH21 sing N N 94  
ARG NH2 HH22 sing N N 95  
ARG OXT HXT  sing N N 96  
ASN N   CA   sing N N 97  
ASN N   H    sing N N 98  
ASN N   H2   sing N N 99  
ASN CA  C    sing N N 100 
ASN CA  CB   sing N N 101 
ASN CA  HA   sing N N 102 
ASN C   O    doub N N 103 
ASN C   OXT  sing N N 104 
ASN CB  CG   sing N N 105 
ASN CB  HB2  sing N N 106 
ASN CB  HB3  sing N N 107 
ASN CG  OD1  doub N N 108 
ASN CG  ND2  sing N N 109 
ASN ND2 HD21 sing N N 110 
ASN ND2 HD22 sing N N 111 
ASN OXT HXT  sing N N 112 
ASP N   CA   sing N N 113 
ASP N   H    sing N N 114 
ASP N   H2   sing N N 115 
ASP CA  C    sing N N 116 
ASP CA  CB   sing N N 117 
ASP CA  HA   sing N N 118 
ASP C   O    doub N N 119 
ASP C   OXT  sing N N 120 
ASP CB  CG   sing N N 121 
ASP CB  HB2  sing N N 122 
ASP CB  HB3  sing N N 123 
ASP CG  OD1  doub N N 124 
ASP CG  OD2  sing N N 125 
ASP OD2 HD2  sing N N 126 
ASP OXT HXT  sing N N 127 
CYS N   CA   sing N N 128 
CYS N   H    sing N N 129 
CYS N   H2   sing N N 130 
CYS CA  C    sing N N 131 
CYS CA  CB   sing N N 132 
CYS CA  HA   sing N N 133 
CYS C   O    doub N N 134 
CYS C   OXT  sing N N 135 
CYS CB  SG   sing N N 136 
CYS CB  HB2  sing N N 137 
CYS CB  HB3  sing N N 138 
CYS SG  HG   sing N N 139 
CYS OXT HXT  sing N N 140 
GLN N   CA   sing N N 141 
GLN N   H    sing N N 142 
GLN N   H2   sing N N 143 
GLN CA  C    sing N N 144 
GLN CA  CB   sing N N 145 
GLN CA  HA   sing N N 146 
GLN C   O    doub N N 147 
GLN C   OXT  sing N N 148 
GLN CB  CG   sing N N 149 
GLN CB  HB2  sing N N 150 
GLN CB  HB3  sing N N 151 
GLN CG  CD   sing N N 152 
GLN CG  HG2  sing N N 153 
GLN CG  HG3  sing N N 154 
GLN CD  OE1  doub N N 155 
GLN CD  NE2  sing N N 156 
GLN NE2 HE21 sing N N 157 
GLN NE2 HE22 sing N N 158 
GLN OXT HXT  sing N N 159 
GLU N   CA   sing N N 160 
GLU N   H    sing N N 161 
GLU N   H2   sing N N 162 
GLU CA  C    sing N N 163 
GLU CA  CB   sing N N 164 
GLU CA  HA   sing N N 165 
GLU C   O    doub N N 166 
GLU C   OXT  sing N N 167 
GLU CB  CG   sing N N 168 
GLU CB  HB2  sing N N 169 
GLU CB  HB3  sing N N 170 
GLU CG  CD   sing N N 171 
GLU CG  HG2  sing N N 172 
GLU CG  HG3  sing N N 173 
GLU CD  OE1  doub N N 174 
GLU CD  OE2  sing N N 175 
GLU OE2 HE2  sing N N 176 
GLU OXT HXT  sing N N 177 
GLY N   CA   sing N N 178 
GLY N   H    sing N N 179 
GLY N   H2   sing N N 180 
GLY CA  C    sing N N 181 
GLY CA  HA2  sing N N 182 
GLY CA  HA3  sing N N 183 
GLY C   O    doub N N 184 
GLY C   OXT  sing N N 185 
GLY OXT HXT  sing N N 186 
HIS N   CA   sing N N 187 
HIS N   H    sing N N 188 
HIS N   H2   sing N N 189 
HIS CA  C    sing N N 190 
HIS CA  CB   sing N N 191 
HIS CA  HA   sing N N 192 
HIS C   O    doub N N 193 
HIS C   OXT  sing N N 194 
HIS CB  CG   sing N N 195 
HIS CB  HB2  sing N N 196 
HIS CB  HB3  sing N N 197 
HIS CG  ND1  sing Y N 198 
HIS CG  CD2  doub Y N 199 
HIS ND1 CE1  doub Y N 200 
HIS ND1 HD1  sing N N 201 
HIS CD2 NE2  sing Y N 202 
HIS CD2 HD2  sing N N 203 
HIS CE1 NE2  sing Y N 204 
HIS CE1 HE1  sing N N 205 
HIS NE2 HE2  sing N N 206 
HIS OXT HXT  sing N N 207 
HOH O   H1   sing N N 208 
HOH O   H2   sing N N 209 
ILE N   CA   sing N N 210 
ILE N   H    sing N N 211 
ILE N   H2   sing N N 212 
ILE CA  C    sing N N 213 
ILE CA  CB   sing N N 214 
ILE CA  HA   sing N N 215 
ILE C   O    doub N N 216 
ILE C   OXT  sing N N 217 
ILE CB  CG1  sing N N 218 
ILE CB  CG2  sing N N 219 
ILE CB  HB   sing N N 220 
ILE CG1 CD1  sing N N 221 
ILE CG1 HG12 sing N N 222 
ILE CG1 HG13 sing N N 223 
ILE CG2 HG21 sing N N 224 
ILE CG2 HG22 sing N N 225 
ILE CG2 HG23 sing N N 226 
ILE CD1 HD11 sing N N 227 
ILE CD1 HD12 sing N N 228 
ILE CD1 HD13 sing N N 229 
ILE OXT HXT  sing N N 230 
LEU N   CA   sing N N 231 
LEU N   H    sing N N 232 
LEU N   H2   sing N N 233 
LEU CA  C    sing N N 234 
LEU CA  CB   sing N N 235 
LEU CA  HA   sing N N 236 
LEU C   O    doub N N 237 
LEU C   OXT  sing N N 238 
LEU CB  CG   sing N N 239 
LEU CB  HB2  sing N N 240 
LEU CB  HB3  sing N N 241 
LEU CG  CD1  sing N N 242 
LEU CG  CD2  sing N N 243 
LEU CG  HG   sing N N 244 
LEU CD1 HD11 sing N N 245 
LEU CD1 HD12 sing N N 246 
LEU CD1 HD13 sing N N 247 
LEU CD2 HD21 sing N N 248 
LEU CD2 HD22 sing N N 249 
LEU CD2 HD23 sing N N 250 
LEU OXT HXT  sing N N 251 
LYS N   CA   sing N N 252 
LYS N   H    sing N N 253 
LYS N   H2   sing N N 254 
LYS CA  C    sing N N 255 
LYS CA  CB   sing N N 256 
LYS CA  HA   sing N N 257 
LYS C   O    doub N N 258 
LYS C   OXT  sing N N 259 
LYS CB  CG   sing N N 260 
LYS CB  HB2  sing N N 261 
LYS CB  HB3  sing N N 262 
LYS CG  CD   sing N N 263 
LYS CG  HG2  sing N N 264 
LYS CG  HG3  sing N N 265 
LYS CD  CE   sing N N 266 
LYS CD  HD2  sing N N 267 
LYS CD  HD3  sing N N 268 
LYS CE  NZ   sing N N 269 
LYS CE  HE2  sing N N 270 
LYS CE  HE3  sing N N 271 
LYS NZ  HZ1  sing N N 272 
LYS NZ  HZ2  sing N N 273 
LYS NZ  HZ3  sing N N 274 
LYS OXT HXT  sing N N 275 
MET N   CA   sing N N 276 
MET N   H    sing N N 277 
MET N   H2   sing N N 278 
MET CA  C    sing N N 279 
MET CA  CB   sing N N 280 
MET CA  HA   sing N N 281 
MET C   O    doub N N 282 
MET C   OXT  sing N N 283 
MET CB  CG   sing N N 284 
MET CB  HB2  sing N N 285 
MET CB  HB3  sing N N 286 
MET CG  SD   sing N N 287 
MET CG  HG2  sing N N 288 
MET CG  HG3  sing N N 289 
MET SD  CE   sing N N 290 
MET CE  HE1  sing N N 291 
MET CE  HE2  sing N N 292 
MET CE  HE3  sing N N 293 
MET OXT HXT  sing N N 294 
PHE N   CA   sing N N 295 
PHE N   H    sing N N 296 
PHE N   H2   sing N N 297 
PHE CA  C    sing N N 298 
PHE CA  CB   sing N N 299 
PHE CA  HA   sing N N 300 
PHE C   O    doub N N 301 
PHE C   OXT  sing N N 302 
PHE CB  CG   sing N N 303 
PHE CB  HB2  sing N N 304 
PHE CB  HB3  sing N N 305 
PHE CG  CD1  doub Y N 306 
PHE CG  CD2  sing Y N 307 
PHE CD1 CE1  sing Y N 308 
PHE CD1 HD1  sing N N 309 
PHE CD2 CE2  doub Y N 310 
PHE CD2 HD2  sing N N 311 
PHE CE1 CZ   doub Y N 312 
PHE CE1 HE1  sing N N 313 
PHE CE2 CZ   sing Y N 314 
PHE CE2 HE2  sing N N 315 
PHE CZ  HZ   sing N N 316 
PHE OXT HXT  sing N N 317 
PRO N   CA   sing N N 318 
PRO N   CD   sing N N 319 
PRO N   H    sing N N 320 
PRO CA  C    sing N N 321 
PRO CA  CB   sing N N 322 
PRO CA  HA   sing N N 323 
PRO C   O    doub N N 324 
PRO C   OXT  sing N N 325 
PRO CB  CG   sing N N 326 
PRO CB  HB2  sing N N 327 
PRO CB  HB3  sing N N 328 
PRO CG  CD   sing N N 329 
PRO CG  HG2  sing N N 330 
PRO CG  HG3  sing N N 331 
PRO CD  HD2  sing N N 332 
PRO CD  HD3  sing N N 333 
PRO OXT HXT  sing N N 334 
SER N   CA   sing N N 335 
SER N   H    sing N N 336 
SER N   H2   sing N N 337 
SER CA  C    sing N N 338 
SER CA  CB   sing N N 339 
SER CA  HA   sing N N 340 
SER C   O    doub N N 341 
SER C   OXT  sing N N 342 
SER CB  OG   sing N N 343 
SER CB  HB2  sing N N 344 
SER CB  HB3  sing N N 345 
SER OG  HG   sing N N 346 
SER OXT HXT  sing N N 347 
THR N   CA   sing N N 348 
THR N   H    sing N N 349 
THR N   H2   sing N N 350 
THR CA  C    sing N N 351 
THR CA  CB   sing N N 352 
THR CA  HA   sing N N 353 
THR C   O    doub N N 354 
THR C   OXT  sing N N 355 
THR CB  OG1  sing N N 356 
THR CB  CG2  sing N N 357 
THR CB  HB   sing N N 358 
THR OG1 HG1  sing N N 359 
THR CG2 HG21 sing N N 360 
THR CG2 HG22 sing N N 361 
THR CG2 HG23 sing N N 362 
THR OXT HXT  sing N N 363 
TRP N   CA   sing N N 364 
TRP N   H    sing N N 365 
TRP N   H2   sing N N 366 
TRP CA  C    sing N N 367 
TRP CA  CB   sing N N 368 
TRP CA  HA   sing N N 369 
TRP C   O    doub N N 370 
TRP C   OXT  sing N N 371 
TRP CB  CG   sing N N 372 
TRP CB  HB2  sing N N 373 
TRP CB  HB3  sing N N 374 
TRP CG  CD1  doub Y N 375 
TRP CG  CD2  sing Y N 376 
TRP CD1 NE1  sing Y N 377 
TRP CD1 HD1  sing N N 378 
TRP CD2 CE2  doub Y N 379 
TRP CD2 CE3  sing Y N 380 
TRP NE1 CE2  sing Y N 381 
TRP NE1 HE1  sing N N 382 
TRP CE2 CZ2  sing Y N 383 
TRP CE3 CZ3  doub Y N 384 
TRP CE3 HE3  sing N N 385 
TRP CZ2 CH2  doub Y N 386 
TRP CZ2 HZ2  sing N N 387 
TRP CZ3 CH2  sing Y N 388 
TRP CZ3 HZ3  sing N N 389 
TRP CH2 HH2  sing N N 390 
TRP OXT HXT  sing N N 391 
TYR N   CA   sing N N 392 
TYR N   H    sing N N 393 
TYR N   H2   sing N N 394 
TYR CA  C    sing N N 395 
TYR CA  CB   sing N N 396 
TYR CA  HA   sing N N 397 
TYR C   O    doub N N 398 
TYR C   OXT  sing N N 399 
TYR CB  CG   sing N N 400 
TYR CB  HB2  sing N N 401 
TYR CB  HB3  sing N N 402 
TYR CG  CD1  doub Y N 403 
TYR CG  CD2  sing Y N 404 
TYR CD1 CE1  sing Y N 405 
TYR CD1 HD1  sing N N 406 
TYR CD2 CE2  doub Y N 407 
TYR CD2 HD2  sing N N 408 
TYR CE1 CZ   doub Y N 409 
TYR CE1 HE1  sing N N 410 
TYR CE2 CZ   sing Y N 411 
TYR CE2 HE2  sing N N 412 
TYR CZ  OH   sing N N 413 
TYR OH  HH   sing N N 414 
TYR OXT HXT  sing N N 415 
VAL N   CA   sing N N 416 
VAL N   H    sing N N 417 
VAL N   H2   sing N N 418 
VAL CA  C    sing N N 419 
VAL CA  CB   sing N N 420 
VAL CA  HA   sing N N 421 
VAL C   O    doub N N 422 
VAL C   OXT  sing N N 423 
VAL CB  CG1  sing N N 424 
VAL CB  CG2  sing N N 425 
VAL CB  HB   sing N N 426 
VAL CG1 HG11 sing N N 427 
VAL CG1 HG12 sing N N 428 
VAL CG1 HG13 sing N N 429 
VAL CG2 HG21 sing N N 430 
VAL CG2 HG22 sing N N 431 
VAL CG2 HG23 sing N N 432 
VAL OXT HXT  sing N N 433 
# 
_atom_sites.entry_id                    5UEY 
_atom_sites.fract_transf_matrix[1][1]   0.00389829 
_atom_sites.fract_transf_matrix[1][2]   0.00560375 
_atom_sites.fract_transf_matrix[1][3]   -0.01714609 
_atom_sites.fract_transf_matrix[2][1]   -0.00324241 
_atom_sites.fract_transf_matrix[2][2]   0.01255823 
_atom_sites.fract_transf_matrix[2][3]   0.00336714 
_atom_sites.fract_transf_matrix[3][1]   0.02837436 
_atom_sites.fract_transf_matrix[3][2]   0.00514540 
_atom_sites.fract_transf_matrix[3][3]   0.00813277 
_atom_sites.fract_transf_vector[1]      0.304571 
_atom_sites.fract_transf_vector[2]      0.032684 
_atom_sites.fract_transf_vector[3]      0.352166 
# 
loop_
_atom_type.symbol 
C 
F 
H 
N 
O 
S 
# 
loop_
_atom_site.group_PDB 
_atom_site.id 
_atom_site.type_symbol 
_atom_site.label_atom_id 
_atom_site.label_alt_id 
_atom_site.label_comp_id 
_atom_site.label_asym_id 
_atom_site.label_entity_id 
_atom_site.label_seq_id 
_atom_site.pdbx_PDB_ins_code 
_atom_site.Cartn_x 
_atom_site.Cartn_y 
_atom_site.Cartn_z 
_atom_site.occupancy 
_atom_site.B_iso_or_equiv 
_atom_site.pdbx_formal_charge 
_atom_site.auth_seq_id 
_atom_site.auth_comp_id 
_atom_site.auth_asym_id 
_atom_site.auth_atom_id 
_atom_site.pdbx_PDB_model_num 
ATOM   1   N N   . HIS A 1 2   ? -8.870  -17.350 -11.472 1.00 98.61  ? 350 HIS A N   1 
ATOM   2   C CA  . HIS A 1 2   ? -9.419  -16.240 -10.698 1.00 98.36  ? 350 HIS A CA  1 
ATOM   3   C C   . HIS A 1 2   ? -9.219  -16.429 -9.192  1.00 101.66 ? 350 HIS A C   1 
ATOM   4   O O   . HIS A 1 2   ? -8.859  -15.472 -8.504  1.00 101.27 ? 350 HIS A O   1 
ATOM   5   C CB  . HIS A 1 2   ? -10.903 -16.022 -11.033 1.00 99.21  ? 350 HIS A CB  1 
ATOM   6   C CG  . HIS A 1 2   ? -11.197 -14.677 -11.620 1.00 102.65 ? 350 HIS A CG  1 
ATOM   7   N ND1 . HIS A 1 2   ? -11.845 -13.698 -10.889 1.00 104.42 ? 350 HIS A ND1 1 
ATOM   8   C CD2 . HIS A 1 2   ? -10.922 -14.191 -12.853 1.00 104.40 ? 350 HIS A CD2 1 
ATOM   9   C CE1 . HIS A 1 2   ? -11.948 -12.655 -11.697 1.00 103.82 ? 350 HIS A CE1 1 
ATOM   10  N NE2 . HIS A 1 2   ? -11.402 -12.902 -12.888 1.00 104.15 ? 350 HIS A NE2 1 
ATOM   11  N N   . MET A 1 3   ? -9.451  -17.658 -8.685  1.00 97.65  ? 351 MET A N   1 
ATOM   12  C CA  . MET A 1 3   ? -9.295  -18.004 -7.269  1.00 97.17  ? 351 MET A CA  1 
ATOM   13  C C   . MET A 1 3   ? -7.822  -18.159 -6.878  1.00 100.18 ? 351 MET A C   1 
ATOM   14  O O   . MET A 1 3   ? -7.446  -17.795 -5.762  1.00 99.67  ? 351 MET A O   1 
ATOM   15  C CB  . MET A 1 3   ? -10.079 -19.281 -6.933  1.00 99.51  ? 351 MET A CB  1 
ATOM   16  N N   . GLU A 1 4   ? -6.997  -18.703 -7.799  1.00 96.08  ? 352 GLU A N   1 
ATOM   17  C CA  . GLU A 1 4   ? -5.561  -18.929 -7.608  1.00 95.52  ? 352 GLU A CA  1 
ATOM   18  C C   . GLU A 1 4   ? -4.766  -17.621 -7.526  1.00 98.27  ? 352 GLU A C   1 
ATOM   19  O O   . GLU A 1 4   ? -3.769  -17.563 -6.802  1.00 97.80  ? 352 GLU A O   1 
ATOM   20  C CB  . GLU A 1 4   ? -5.004  -19.824 -8.724  1.00 96.92  ? 352 GLU A CB  1 
ATOM   21  N N   . GLN A 1 5   ? -5.206  -16.583 -8.269  1.00 93.95  ? 353 GLN A N   1 
ATOM   22  C CA  . GLN A 1 5   ? -4.576  -15.258 -8.303  1.00 93.30  ? 353 GLN A CA  1 
ATOM   23  C C   . GLN A 1 5   ? -4.702  -14.534 -6.960  1.00 95.86  ? 353 GLN A C   1 
ATOM   24  O O   . GLN A 1 5   ? -3.720  -13.955 -6.491  1.00 95.46  ? 353 GLN A O   1 
ATOM   25  C CB  . GLN A 1 5   ? -5.158  -14.394 -9.436  1.00 94.68  ? 353 GLN A CB  1 
ATOM   26  C CG  . GLN A 1 5   ? -4.685  -14.798 -10.829 1.00 111.21 ? 353 GLN A CG  1 
ATOM   27  C CD  . GLN A 1 5   ? -5.082  -13.783 -11.870 1.00 132.32 ? 353 GLN A CD  1 
ATOM   28  O OE1 . GLN A 1 5   ? -6.250  -13.671 -12.258 1.00 128.31 ? 353 GLN A OE1 1 
ATOM   29  N NE2 . GLN A 1 5   ? -4.110  -13.028 -12.358 1.00 125.09 ? 353 GLN A NE2 1 
ATOM   30  N N   . LEU A 1 6   ? -5.902  -14.590 -6.338  1.00 91.30  ? 354 LEU A N   1 
ATOM   31  C CA  . LEU A 1 6   ? -6.219  -13.976 -5.044  1.00 90.53  ? 354 LEU A CA  1 
ATOM   32  C C   . LEU A 1 6   ? -5.401  -14.565 -3.888  1.00 92.89  ? 354 LEU A C   1 
ATOM   33  O O   . LEU A 1 6   ? -5.082  -13.841 -2.943  1.00 92.53  ? 354 LEU A O   1 
ATOM   34  C CB  . LEU A 1 6   ? -7.726  -14.082 -4.755  1.00 90.61  ? 354 LEU A CB  1 
ATOM   35  C CG  . LEU A 1 6   ? -8.578  -12.840 -5.053  1.00 95.37  ? 354 LEU A CG  1 
ATOM   36  C CD1 . LEU A 1 6   ? -8.805  -12.653 -6.553  1.00 95.54  ? 354 LEU A CD1 1 
ATOM   37  C CD2 . LEU A 1 6   ? -9.920  -12.934 -4.360  1.00 97.95  ? 354 LEU A CD2 1 
ATOM   38  N N   . LYS A 1 7   ? -5.055  -15.869 -3.973  1.00 88.16  ? 355 LYS A N   1 
ATOM   39  C CA  . LYS A 1 7   ? -4.238  -16.574 -2.980  1.00 87.32  ? 355 LYS A CA  1 
ATOM   40  C C   . LYS A 1 7   ? -2.789  -16.080 -3.046  1.00 89.43  ? 355 LYS A C   1 
ATOM   41  O O   . LYS A 1 7   ? -2.124  -15.990 -2.012  1.00 88.92  ? 355 LYS A O   1 
ATOM   42  C CB  . LYS A 1 7   ? -4.301  -18.092 -3.205  1.00 89.91  ? 355 LYS A CB  1 
ATOM   43  N N   . CYS A 1 8   ? -2.315  -15.747 -4.268  1.00 84.66  ? 356 CYS A N   1 
ATOM   44  C CA  . CYS A 1 8   ? -0.976  -15.215 -4.528  1.00 83.78  ? 356 CYS A CA  1 
ATOM   45  C C   . CYS A 1 8   ? -0.867  -13.776 -4.018  1.00 85.85  ? 356 CYS A C   1 
ATOM   46  O O   . CYS A 1 8   ? 0.202   -13.379 -3.553  1.00 85.32  ? 356 CYS A O   1 
ATOM   47  C CB  . CYS A 1 8   ? -0.631  -15.311 -6.011  1.00 84.08  ? 356 CYS A CB  1 
ATOM   48  N N   . CYS A 1 9   ? -1.984  -13.009 -4.085  1.00 81.08  ? 357 CYS A N   1 
ATOM   49  C CA  . CYS A 1 9   ? -2.092  -11.623 -3.611  1.00 80.19  ? 357 CYS A CA  1 
ATOM   50  C C   . CYS A 1 9   ? -1.860  -11.531 -2.101  1.00 82.61  ? 357 CYS A C   1 
ATOM   51  O O   . CYS A 1 9   ? -1.322  -10.529 -1.625  1.00 82.14  ? 357 CYS A O   1 
ATOM   52  C CB  . CYS A 1 9   ? -3.434  -11.014 -4.006  1.00 80.43  ? 357 CYS A CB  1 
ATOM   53  S SG  . CYS A 1 9   ? -3.636  -10.753 -5.787  1.00 84.28  ? 357 CYS A SG  1 
ATOM   54  N N   . SER A 1 10  ? -2.255  -12.585 -1.355  1.00 78.13  ? 358 SER A N   1 
ATOM   55  C CA  . SER A 1 10  ? -2.064  -12.698 0.091   1.00 77.47  ? 358 SER A CA  1 
ATOM   56  C C   . SER A 1 10  ? -0.582  -12.917 0.406   1.00 80.22  ? 358 SER A C   1 
ATOM   57  O O   . SER A 1 10  ? -0.096  -12.430 1.427   1.00 79.83  ? 358 SER A O   1 
ATOM   58  C CB  . SER A 1 10  ? -2.907  -13.839 0.654   1.00 81.01  ? 358 SER A CB  1 
ATOM   59  O OG  . SER A 1 10  ? -2.893  -13.847 2.072   0.50 89.66  ? 358 SER A OG  1 
ATOM   60  N N   . GLY A 1 11  ? 0.113   -13.627 -0.488  1.00 75.87  ? 359 GLY A N   1 
ATOM   61  C CA  . GLY A 1 11  ? 1.541   -13.910 -0.391  1.00 75.24  ? 359 GLY A CA  1 
ATOM   62  C C   . GLY A 1 11  ? 2.400   -12.677 -0.591  1.00 77.83  ? 359 GLY A C   1 
ATOM   63  O O   . GLY A 1 11  ? 3.440   -12.538 0.057   1.00 77.25  ? 359 GLY A O   1 
ATOM   64  N N   . ILE A 1 12  ? 1.960   -11.769 -1.489  1.00 73.67  ? 360 ILE A N   1 
ATOM   65  C CA  . ILE A 1 12  ? 2.637   -10.502 -1.791  1.00 73.16  ? 360 ILE A CA  1 
ATOM   66  C C   . ILE A 1 12  ? 2.517   -9.565  -0.574  1.00 76.25  ? 360 ILE A C   1 
ATOM   67  O O   . ILE A 1 12  ? 3.515   -8.964  -0.170  1.00 75.81  ? 360 ILE A O   1 
ATOM   68  C CB  . ILE A 1 12  ? 2.106   -9.859  -3.114  1.00 76.21  ? 360 ILE A CB  1 
ATOM   69  C CG1 . ILE A 1 12  ? 2.269   -10.825 -4.314  1.00 76.56  ? 360 ILE A CG1 1 
ATOM   70  C CG2 . ILE A 1 12  ? 2.796   -8.515  -3.408  1.00 76.92  ? 360 ILE A CG2 1 
ATOM   71  C CD1 . ILE A 1 12  ? 1.210   -10.684 -5.419  1.00 83.31  ? 360 ILE A CD1 1 
ATOM   72  N N   . LEU A 1 13  ? 1.306   -9.481  0.024   1.00 72.15  ? 361 LEU A N   1 
ATOM   73  C CA  . LEU A 1 13  ? 1.017   -8.664  1.208   1.00 71.60  ? 361 LEU A CA  1 
ATOM   74  C C   . LEU A 1 13  ? 1.785   -9.146  2.441   1.00 74.77  ? 361 LEU A C   1 
ATOM   75  O O   . LEU A 1 13  ? 2.233   -8.317  3.235   1.00 74.30  ? 361 LEU A O   1 
ATOM   76  C CB  . LEU A 1 13  ? -0.491  -8.644  1.504   1.00 71.64  ? 361 LEU A CB  1 
ATOM   77  C CG  . LEU A 1 13  ? -1.196  -7.289  1.407   1.00 76.27  ? 361 LEU A CG  1 
ATOM   78  C CD1 . LEU A 1 13  ? -2.694  -7.472  1.326   1.00 76.44  ? 361 LEU A CD1 1 
ATOM   79  C CD2 . LEU A 1 13  ? -0.859  -6.392  2.592   1.00 78.60  ? 361 LEU A CD2 1 
ATOM   80  N N   . LYS A 1 14  ? 1.934   -10.483 2.597   1.00 70.89  ? 362 LYS A N   1 
ATOM   81  C CA  . LYS A 1 14  ? 2.664   -11.111 3.705   1.00 70.43  ? 362 LYS A CA  1 
ATOM   82  C C   . LYS A 1 14  ? 4.160   -10.801 3.638   1.00 73.59  ? 362 LYS A C   1 
ATOM   83  O O   . LYS A 1 14  ? 4.782   -10.589 4.680   1.00 73.26  ? 362 LYS A O   1 
ATOM   84  C CB  . LYS A 1 14  ? 2.424   -12.627 3.739   1.00 72.93  ? 362 LYS A CB  1 
ATOM   85  C CG  . LYS A 1 14  ? 1.166   -13.027 4.494   1.00 87.64  ? 362 LYS A CG  1 
ATOM   86  N N   . GLU A 1 15  ? 4.728   -10.763 2.411   1.00 69.48  ? 363 GLU A N   1 
ATOM   87  C CA  . GLU A 1 15  ? 6.135   -10.439 2.156   1.00 68.91  ? 363 GLU A CA  1 
ATOM   88  C C   . GLU A 1 15  ? 6.392   -8.970  2.514   1.00 71.71  ? 363 GLU A C   1 
ATOM   89  O O   . GLU A 1 15  ? 7.416   -8.661  3.124   1.00 71.39  ? 363 GLU A O   1 
ATOM   90  C CB  . GLU A 1 15  ? 6.503   -10.717 0.686   1.00 70.29  ? 363 GLU A CB  1 
ATOM   91  C CG  . GLU A 1 15  ? 7.995   -10.608 0.390   1.00 80.78  ? 363 GLU A CG  1 
ATOM   92  C CD  . GLU A 1 15  ? 8.441   -10.792 -1.050  1.00 100.28 ? 363 GLU A CD  1 
ATOM   93  O OE1 . GLU A 1 15  ? 7.653   -11.320 -1.869  1.00 95.20  ? 363 GLU A OE1 1 
ATOM   94  O OE2 . GLU A 1 15  ? 9.600   -10.427 -1.354  1.00 92.04  ? 363 GLU A OE2 1 
ATOM   95  N N   . MET A 1 16  ? 5.443   -8.079  2.159   1.00 67.30  ? 364 MET A N   1 
ATOM   96  C CA  . MET A 1 16  ? 5.499   -6.640  2.434   1.00 66.76  ? 364 MET A CA  1 
ATOM   97  C C   . MET A 1 16  ? 5.423   -6.345  3.940   1.00 70.95  ? 364 MET A C   1 
ATOM   98  O O   . MET A 1 16  ? 6.018   -5.369  4.398   1.00 70.45  ? 364 MET A O   1 
ATOM   99  C CB  . MET A 1 16  ? 4.379   -5.902  1.682   1.00 68.85  ? 364 MET A CB  1 
ATOM   100 C CG  . MET A 1 16  ? 4.632   -5.765  0.192   1.00 72.10  ? 364 MET A CG  1 
ATOM   101 S SD  . MET A 1 16  ? 3.138   -5.386  -0.758  1.00 75.89  ? 364 MET A SD  1 
ATOM   102 C CE  . MET A 1 16  ? 2.984   -3.634  -0.450  1.00 72.57  ? 364 MET A CE  1 
ATOM   103 N N   . PHE A 1 17  ? 4.698   -7.194  4.699   1.00 67.94  ? 365 PHE A N   1 
ATOM   104 C CA  . PHE A 1 17  ? 4.527   -7.078  6.150   1.00 68.03  ? 365 PHE A CA  1 
ATOM   105 C C   . PHE A 1 17  ? 5.700   -7.670  6.944   1.00 72.41  ? 365 PHE A C   1 
ATOM   106 O O   . PHE A 1 17  ? 5.864   -7.331  8.120   1.00 72.00  ? 365 PHE A O   1 
ATOM   107 C CB  . PHE A 1 17  ? 3.206   -7.731  6.596   1.00 69.93  ? 365 PHE A CB  1 
ATOM   108 C CG  . PHE A 1 17  ? 2.051   -6.782  6.819   1.00 71.56  ? 365 PHE A CG  1 
ATOM   109 C CD1 . PHE A 1 17  ? 2.052   -5.897  7.892   1.00 74.69  ? 365 PHE A CD1 1 
ATOM   110 C CD2 . PHE A 1 17  ? 0.933   -6.818  5.995   1.00 73.72  ? 365 PHE A CD2 1 
ATOM   111 C CE1 . PHE A 1 17  ? 0.976   -5.031  8.106   1.00 75.62  ? 365 PHE A CE1 1 
ATOM   112 C CE2 . PHE A 1 17  ? -0.145  -5.955  6.213   1.00 76.54  ? 365 PHE A CE2 1 
ATOM   113 C CZ  . PHE A 1 17  ? -0.116  -5.068  7.268   1.00 74.66  ? 365 PHE A CZ  1 
ATOM   114 N N   . ALA A 1 18  ? 6.505   -8.553  6.310   1.00 69.41  ? 366 ALA A N   1 
ATOM   115 C CA  . ALA A 1 18  ? 7.656   -9.233  6.921   1.00 69.32  ? 366 ALA A CA  1 
ATOM   116 C C   . ALA A 1 18  ? 8.768   -8.284  7.396   1.00 73.21  ? 366 ALA A C   1 
ATOM   117 O O   . ALA A 1 18  ? 8.871   -7.154  6.910   1.00 72.73  ? 366 ALA A O   1 
ATOM   118 C CB  . ALA A 1 18  ? 8.217   -10.278 5.967   1.00 70.07  ? 366 ALA A CB  1 
ATOM   119 N N   . LYS A 1 19  ? 9.595   -8.761  8.353   1.00 69.83  ? 367 LYS A N   1 
ATOM   120 C CA  . LYS A 1 19  ? 10.709  -8.032  8.973   1.00 69.59  ? 367 LYS A CA  1 
ATOM   121 C C   . LYS A 1 19  ? 11.820  -7.607  7.998   1.00 72.92  ? 367 LYS A C   1 
ATOM   122 O O   . LYS A 1 19  ? 12.548  -6.654  8.290   1.00 72.43  ? 367 LYS A O   1 
ATOM   123 C CB  . LYS A 1 19  ? 11.300  -8.834  10.146  1.00 72.26  ? 367 LYS A CB  1 
ATOM   124 C CG  . LYS A 1 19  ? 10.412  -8.856  11.386  1.00 87.35  ? 367 LYS A CG  1 
ATOM   125 C CD  . LYS A 1 19  ? 11.016  -9.706  12.494  1.00 98.14  ? 367 LYS A CD  1 
ATOM   126 C CE  . LYS A 1 19  ? 10.124  -9.763  13.711  1.00 109.83 ? 367 LYS A CE  1 
ATOM   127 N NZ  . LYS A 1 19  ? 10.706  -10.616 14.781  1.00 119.04 ? 367 LYS A NZ  1 
ATOM   128 N N   . LYS A 1 20  ? 11.947  -8.311  6.851   1.00 69.09  ? 368 LYS A N   1 
ATOM   129 C CA  . LYS A 1 20  ? 12.941  -8.052  5.804   1.00 68.73  ? 368 LYS A CA  1 
ATOM   130 C C   . LYS A 1 20  ? 12.770  -6.665  5.163   1.00 72.19  ? 368 LYS A C   1 
ATOM   131 O O   . LYS A 1 20  ? 13.769  -6.001  4.874   1.00 71.77  ? 368 LYS A O   1 
ATOM   132 C CB  . LYS A 1 20  ? 12.880  -9.154  4.729   1.00 71.27  ? 368 LYS A CB  1 
ATOM   133 C CG  . LYS A 1 20  ? 14.110  -9.221  3.828   1.00 85.71  ? 368 LYS A CG  1 
ATOM   134 C CD  . LYS A 1 20  ? 13.920  -10.212 2.691   1.00 95.73  ? 368 LYS A CD  1 
ATOM   135 N N   . HIS A 1 21  ? 11.511  -6.234  4.949   1.00 68.30  ? 369 HIS A N   1 
ATOM   136 C CA  . HIS A 1 21  ? 11.183  -4.946  4.331   1.00 67.85  ? 369 HIS A CA  1 
ATOM   137 C C   . HIS A 1 21  ? 10.670  -3.899  5.338   1.00 71.31  ? 369 HIS A C   1 
ATOM   138 O O   . HIS A 1 21  ? 10.450  -2.747  4.955   1.00 70.95  ? 369 HIS A O   1 
ATOM   139 C CB  . HIS A 1 21  ? 10.171  -5.143  3.183   1.00 68.53  ? 369 HIS A CB  1 
ATOM   140 C CG  . HIS A 1 21  ? 10.565  -6.196  2.192   1.00 71.83  ? 369 HIS A CG  1 
ATOM   141 N ND1 . HIS A 1 21  ? 11.612  -6.005  1.310   1.00 73.55  ? 369 HIS A ND1 1 
ATOM   142 C CD2 . HIS A 1 21  ? 10.026  -7.416  1.970   1.00 73.56  ? 369 HIS A CD2 1 
ATOM   143 C CE1 . HIS A 1 21  ? 11.684  -7.112  0.591   1.00 72.95  ? 369 HIS A CE1 1 
ATOM   144 N NE2 . HIS A 1 21  ? 10.746  -7.989  0.948   1.00 73.31  ? 369 HIS A NE2 1 
ATOM   145 N N   . ALA A 1 22  ? 10.530  -4.291  6.626   1.00 67.51  ? 370 ALA A N   1 
ATOM   146 C CA  . ALA A 1 22  ? 10.028  -3.487  7.752   1.00 67.17  ? 370 ALA A CA  1 
ATOM   147 C C   . ALA A 1 22  ? 10.648  -2.090  7.925   1.00 70.60  ? 370 ALA A C   1 
ATOM   148 O O   . ALA A 1 22  ? 9.975   -1.207  8.457   1.00 70.26  ? 370 ALA A O   1 
ATOM   149 C CB  . ALA A 1 22  ? 10.166  -4.267  9.049   1.00 67.94  ? 370 ALA A CB  1 
ATOM   150 N N   . ALA A 1 23  ? 11.913  -1.893  7.495   1.00 66.56  ? 371 ALA A N   1 
ATOM   151 C CA  . ALA A 1 23  ? 12.630  -0.616  7.608   1.00 66.09  ? 371 ALA A CA  1 
ATOM   152 C C   . ALA A 1 23  ? 12.023  0.518   6.772   1.00 69.24  ? 371 ALA A C   1 
ATOM   153 O O   . ALA A 1 23  ? 12.166  1.686   7.141   1.00 68.81  ? 371 ALA A O   1 
ATOM   154 C CB  . ALA A 1 23  ? 14.093  -0.804  7.247   1.00 66.83  ? 371 ALA A CB  1 
ATOM   155 N N   . TYR A 1 24  ? 11.355  0.175   5.653   1.00 65.24  ? 372 TYR A N   1 
ATOM   156 C CA  . TYR A 1 24  ? 10.713  1.137   4.751   1.00 64.74  ? 372 TYR A CA  1 
ATOM   157 C C   . TYR A 1 24  ? 9.209   0.872   4.548   1.00 68.09  ? 372 TYR A C   1 
ATOM   158 O O   . TYR A 1 24  ? 8.521   1.698   3.941   1.00 67.49  ? 372 TYR A O   1 
ATOM   159 C CB  . TYR A 1 24  ? 11.458  1.233   3.400   1.00 65.82  ? 372 TYR A CB  1 
ATOM   160 C CG  . TYR A 1 24  ? 11.918  -0.090  2.826   1.00 67.44  ? 372 TYR A CG  1 
ATOM   161 C CD1 . TYR A 1 24  ? 11.057  -0.884  2.074   1.00 69.35  ? 372 TYR A CD1 1 
ATOM   162 C CD2 . TYR A 1 24  ? 13.229  -0.527  2.993   1.00 68.13  ? 372 TYR A CD2 1 
ATOM   163 C CE1 . TYR A 1 24  ? 11.480  -2.096  1.529   1.00 70.10  ? 372 TYR A CE1 1 
ATOM   164 C CE2 . TYR A 1 24  ? 13.664  -1.737  2.456   1.00 68.96  ? 372 TYR A CE2 1 
ATOM   165 C CZ  . TYR A 1 24  ? 12.785  -2.519  1.725   1.00 76.28  ? 372 TYR A CZ  1 
ATOM   166 O OH  . TYR A 1 24  ? 13.212  -3.710  1.190   1.00 76.99  ? 372 TYR A OH  1 
ATOM   167 N N   . ALA A 1 25  ? 8.700   -0.260  5.077   1.00 64.43  ? 373 ALA A N   1 
ATOM   168 C CA  . ALA A 1 25  ? 7.293   -0.658  4.968   1.00 64.19  ? 373 ALA A CA  1 
ATOM   169 C C   . ALA A 1 25  ? 6.422   -0.227  6.155   1.00 68.05  ? 373 ALA A C   1 
ATOM   170 O O   . ALA A 1 25  ? 5.196   -0.230  6.024   1.00 67.79  ? 373 ALA A O   1 
ATOM   171 C CB  . ALA A 1 25  ? 7.191   -2.162  4.772   1.00 64.94  ? 373 ALA A CB  1 
ATOM   172 N N   . TRP A 1 26  ? 7.045   0.158   7.298   1.00 64.54  ? 374 TRP A N   1 
ATOM   173 C CA  . TRP A 1 26  ? 6.337   0.555   8.522   1.00 64.35  ? 374 TRP A CA  1 
ATOM   174 C C   . TRP A 1 26  ? 5.396   1.783   8.371   1.00 68.02  ? 374 TRP A C   1 
ATOM   175 O O   . TRP A 1 26  ? 4.336   1.732   9.001   1.00 67.46  ? 374 TRP A O   1 
ATOM   176 C CB  . TRP A 1 26  ? 7.284   0.735   9.724   1.00 63.11  ? 374 TRP A CB  1 
ATOM   177 C CG  . TRP A 1 26  ? 8.259   1.871   9.630   1.00 64.08  ? 374 TRP A CG  1 
ATOM   178 C CD1 . TRP A 1 26  ? 9.534   1.816   9.155   1.00 66.97  ? 374 TRP A CD1 1 
ATOM   179 C CD2 . TRP A 1 26  ? 8.061   3.211   10.101  1.00 63.94  ? 374 TRP A CD2 1 
ATOM   180 N NE1 . TRP A 1 26  ? 10.138  3.045   9.275   1.00 66.42  ? 374 TRP A NE1 1 
ATOM   181 C CE2 . TRP A 1 26  ? 9.252   3.925   9.840   1.00 67.84  ? 374 TRP A CE2 1 
ATOM   182 C CE3 . TRP A 1 26  ? 6.981   3.889   10.691  1.00 65.21  ? 374 TRP A CE3 1 
ATOM   183 C CZ2 . TRP A 1 26  ? 9.396   5.281   10.156  1.00 67.18  ? 374 TRP A CZ2 1 
ATOM   184 C CZ3 . TRP A 1 26  ? 7.124   5.233   11.001  1.00 66.70  ? 374 TRP A CZ3 1 
ATOM   185 C CH2 . TRP A 1 26  ? 8.322   5.913   10.741  1.00 67.34  ? 374 TRP A CH2 1 
ATOM   186 N N   . PRO A 1 27  ? 5.661   2.851   7.561   1.00 64.53  ? 375 PRO A N   1 
ATOM   187 C CA  . PRO A 1 27  ? 4.677   3.948   7.474   1.00 64.26  ? 375 PRO A CA  1 
ATOM   188 C C   . PRO A 1 27  ? 3.441   3.608   6.628   1.00 67.91  ? 375 PRO A C   1 
ATOM   189 O O   . PRO A 1 27  ? 2.557   4.450   6.471   1.00 67.41  ? 375 PRO A O   1 
ATOM   190 C CB  . PRO A 1 27  ? 5.484   5.112   6.873   1.00 66.02  ? 375 PRO A CB  1 
ATOM   191 C CG  . PRO A 1 27  ? 6.906   4.632   6.772   1.00 70.44  ? 375 PRO A CG  1 
ATOM   192 C CD  . PRO A 1 27  ? 6.834   3.149   6.715   1.00 66.02  ? 375 PRO A CD  1 
ATOM   193 N N   . PHE A 1 28  ? 3.363   2.365   6.113   1.00 64.51  ? 376 PHE A N   1 
ATOM   194 C CA  . PHE A 1 28  ? 2.265   1.889   5.267   1.00 64.43  ? 376 PHE A CA  1 
ATOM   195 C C   . PHE A 1 28  ? 1.426   0.777   5.919   1.00 69.30  ? 376 PHE A C   1 
ATOM   196 O O   . PHE A 1 28  ? 0.432   0.348   5.327   1.00 68.78  ? 376 PHE A O   1 
ATOM   197 C CB  . PHE A 1 28  ? 2.803   1.451   3.888   1.00 66.01  ? 376 PHE A CB  1 
ATOM   198 C CG  . PHE A 1 28  ? 3.605   2.518   3.178   1.00 67.27  ? 376 PHE A CG  1 
ATOM   199 C CD1 . PHE A 1 28  ? 2.977   3.470   2.384   1.00 70.15  ? 376 PHE A CD1 1 
ATOM   200 C CD2 . PHE A 1 28  ? 4.987   2.579   3.315   1.00 69.07  ? 376 PHE A CD2 1 
ATOM   201 C CE1 . PHE A 1 28  ? 3.718   4.464   1.740   1.00 70.95  ? 376 PHE A CE1 1 
ATOM   202 C CE2 . PHE A 1 28  ? 5.725   3.578   2.678   1.00 71.77  ? 376 PHE A CE2 1 
ATOM   203 C CZ  . PHE A 1 28  ? 5.084   4.518   1.902   1.00 69.85  ? 376 PHE A CZ  1 
ATOM   204 N N   . TYR A 1 29  ? 1.807   0.336   7.142   1.00 66.78  ? 377 TYR A N   1 
ATOM   205 C CA  . TYR A 1 29  ? 1.124   -0.720  7.902   1.00 67.01  ? 377 TYR A CA  1 
ATOM   206 C C   . TYR A 1 29  ? -0.312  -0.332  8.278   1.00 72.01  ? 377 TYR A C   1 
ATOM   207 O O   . TYR A 1 29  ? -1.257  -0.995  7.849   1.00 71.47  ? 377 TYR A O   1 
ATOM   208 C CB  . TYR A 1 29  ? 1.918   -1.093  9.177   1.00 68.08  ? 377 TYR A CB  1 
ATOM   209 C CG  . TYR A 1 29  ? 3.214   -1.854  8.980   1.00 69.76  ? 377 TYR A CG  1 
ATOM   210 C CD1 . TYR A 1 29  ? 3.512   -2.469  7.766   1.00 71.75  ? 377 TYR A CD1 1 
ATOM   211 C CD2 . TYR A 1 29  ? 4.113   -2.018  10.030  1.00 70.56  ? 377 TYR A CD2 1 
ATOM   212 C CE1 . TYR A 1 29  ? 4.696   -3.182  7.587   1.00 72.57  ? 377 TYR A CE1 1 
ATOM   213 C CE2 . TYR A 1 29  ? 5.296   -2.738  9.866   1.00 71.48  ? 377 TYR A CE2 1 
ATOM   214 C CZ  . TYR A 1 29  ? 5.585   -3.316  8.641   1.00 78.62  ? 377 TYR A CZ  1 
ATOM   215 O OH  . TYR A 1 29  ? 6.748   -4.027  8.473   1.00 79.18  ? 377 TYR A OH  1 
ATOM   216 N N   . LYS A 1 30  ? -0.462  0.750   9.068   1.00 69.52  ? 378 LYS A N   1 
ATOM   217 C CA  . LYS A 1 30  ? -1.736  1.279   9.563   1.00 69.75  ? 378 LYS A CA  1 
ATOM   218 C C   . LYS A 1 30  ? -2.173  2.523   8.758   1.00 74.42  ? 378 LYS A C   1 
ATOM   219 O O   . LYS A 1 30  ? -1.318  3.121   8.098   1.00 74.13  ? 378 LYS A O   1 
ATOM   220 C CB  . LYS A 1 30  ? -1.600  1.629   11.059  1.00 72.37  ? 378 LYS A CB  1 
ATOM   221 C CG  . LYS A 1 30  ? -1.554  0.413   11.977  1.00 87.38  ? 378 LYS A CG  1 
ATOM   222 C CD  . LYS A 1 30  ? -1.345  0.815   13.427  1.00 97.72  ? 378 LYS A CD  1 
ATOM   223 N N   . PRO A 1 31  ? -3.469  2.952   8.797   1.00 71.46  ? 379 PRO A N   1 
ATOM   224 C CA  . PRO A 1 31  ? -3.866  4.155   8.034   1.00 71.45  ? 379 PRO A CA  1 
ATOM   225 C C   . PRO A 1 31  ? -3.159  5.430   8.488   1.00 75.79  ? 379 PRO A C   1 
ATOM   226 O O   . PRO A 1 31  ? -2.733  5.522   9.641   1.00 75.39  ? 379 PRO A O   1 
ATOM   227 C CB  . PRO A 1 31  ? -5.382  4.246   8.255   1.00 73.18  ? 379 PRO A CB  1 
ATOM   228 C CG  . PRO A 1 31  ? -5.794  2.904   8.751   1.00 77.55  ? 379 PRO A CG  1 
ATOM   229 C CD  . PRO A 1 31  ? -4.627  2.375   9.512   1.00 73.05  ? 379 PRO A CD  1 
ATOM   230 N N   . VAL A 1 32  ? -3.028  6.404   7.568   1.00 72.80  ? 380 VAL A N   1 
ATOM   231 C CA  . VAL A 1 32  ? -2.364  7.689   7.808   1.00 72.92  ? 380 VAL A CA  1 
ATOM   232 C C   . VAL A 1 32  ? -3.086  8.485   8.908   1.00 77.21  ? 380 VAL A C   1 
ATOM   233 O O   . VAL A 1 32  ? -4.242  8.878   8.730   1.00 76.63  ? 380 VAL A O   1 
ATOM   234 C CB  . VAL A 1 32  ? -2.153  8.502   6.496   1.00 76.93  ? 380 VAL A CB  1 
ATOM   235 C CG1 . VAL A 1 32  ? -1.530  9.868   6.776   1.00 76.73  ? 380 VAL A CG1 1 
ATOM   236 C CG2 . VAL A 1 32  ? -1.299  7.723   5.498   1.00 76.77  ? 380 VAL A CG2 1 
ATOM   237 N N   . ASP A 1 33  ? -2.403  8.677   10.054  1.00 74.32  ? 381 ASP A N   1 
ATOM   238 C CA  . ASP A 1 33  ? -2.933  9.406   11.206  1.00 74.42  ? 381 ASP A CA  1 
ATOM   239 C C   . ASP A 1 33  ? -2.831  10.914  10.968  1.00 78.74  ? 381 ASP A C   1 
ATOM   240 O O   . ASP A 1 33  ? -1.734  11.480  10.998  1.00 78.38  ? 381 ASP A O   1 
ATOM   241 C CB  . ASP A 1 33  ? -2.218  8.987   12.505  1.00 76.33  ? 381 ASP A CB  1 
ATOM   242 C CG  . ASP A 1 33  ? -3.133  8.883   13.709  1.00 86.74  ? 381 ASP A CG  1 
ATOM   243 O OD1 . ASP A 1 33  ? -3.784  9.896   14.053  1.00 87.38  ? 381 ASP A OD1 1 
ATOM   244 O OD2 . ASP A 1 33  ? -3.179  7.797   14.327  1.00 92.51  ? 381 ASP A OD2 1 
ATOM   245 N N   . VAL A 1 34  ? -3.982  11.549  10.697  1.00 75.64  ? 382 VAL A N   1 
ATOM   246 C CA  . VAL A 1 34  ? -4.086  12.984  10.408  1.00 75.65  ? 382 VAL A CA  1 
ATOM   247 C C   . VAL A 1 34  ? -3.935  13.861  11.664  1.00 79.83  ? 382 VAL A C   1 
ATOM   248 O O   . VAL A 1 34  ? -3.337  14.935  11.583  1.00 79.45  ? 382 VAL A O   1 
ATOM   249 C CB  . VAL A 1 34  ? -5.365  13.354  9.599   1.00 79.57  ? 382 VAL A CB  1 
ATOM   250 C CG1 . VAL A 1 34  ? -5.277  12.843  8.165   1.00 79.36  ? 382 VAL A CG1 1 
ATOM   251 C CG2 . VAL A 1 34  ? -6.643  12.855  10.275  1.00 79.42  ? 382 VAL A CG2 1 
ATOM   252 N N   . GLU A 1 35  ? -4.473  13.403  12.811  1.00 76.56  ? 383 GLU A N   1 
ATOM   253 C CA  . GLU A 1 35  ? -4.452  14.137  14.080  1.00 76.44  ? 383 GLU A CA  1 
ATOM   254 C C   . GLU A 1 35  ? -3.123  14.038  14.835  1.00 80.29  ? 383 GLU A C   1 
ATOM   255 O O   . GLU A 1 35  ? -2.655  15.050  15.361  1.00 79.94  ? 383 GLU A O   1 
ATOM   256 C CB  . GLU A 1 35  ? -5.628  13.719  14.988  1.00 77.84  ? 383 GLU A CB  1 
ATOM   257 C CG  . GLU A 1 35  ? -7.017  13.896  14.379  1.00 88.57  ? 383 GLU A CG  1 
ATOM   258 C CD  . GLU A 1 35  ? -7.436  15.304  13.997  1.00 108.74 ? 383 GLU A CD  1 
ATOM   259 O OE1 . GLU A 1 35  ? -7.301  16.221  14.839  1.00 103.40 ? 383 GLU A OE1 1 
ATOM   260 O OE2 . GLU A 1 35  ? -7.937  15.480  12.864  1.00 101.77 ? 383 GLU A OE2 1 
ATOM   261 N N   . ALA A 1 36  ? -2.526  12.829  14.900  1.00 76.80  ? 384 ALA A N   1 
ATOM   262 C CA  . ALA A 1 36  ? -1.263  12.573  15.602  1.00 76.60  ? 384 ALA A CA  1 
ATOM   263 C C   . ALA A 1 36  ? -0.047  13.237  14.944  1.00 80.48  ? 384 ALA A C   1 
ATOM   264 O O   . ALA A 1 36  ? 0.824   13.742  15.657  1.00 80.18  ? 384 ALA A O   1 
ATOM   265 C CB  . ALA A 1 36  ? -1.033  11.076  15.747  1.00 77.32  ? 384 ALA A CB  1 
ATOM   266 N N   . LEU A 1 37  ? 0.013   13.235  13.597  1.00 76.81  ? 385 LEU A N   1 
ATOM   267 C CA  . LEU A 1 37  ? 1.111   13.832  12.827  1.00 76.50  ? 385 LEU A CA  1 
ATOM   268 C C   . LEU A 1 37  ? 0.882   15.313  12.486  1.00 79.87  ? 385 LEU A C   1 
ATOM   269 O O   . LEU A 1 37  ? 1.832   16.011  12.122  1.00 79.45  ? 385 LEU A O   1 
ATOM   270 C CB  . LEU A 1 37  ? 1.396   13.013  11.555  1.00 76.59  ? 385 LEU A CB  1 
ATOM   271 C CG  . LEU A 1 37  ? 2.284   11.785  11.740  1.00 81.31  ? 385 LEU A CG  1 
ATOM   272 C CD1 . LEU A 1 37  ? 1.450   10.529  11.934  1.00 81.48  ? 385 LEU A CD1 1 
ATOM   273 C CD2 . LEU A 1 37  ? 3.209   11.606  10.557  1.00 83.76  ? 385 LEU A CD2 1 
ATOM   274 N N   . GLY A 1 38  ? -0.363  15.768  12.620  1.00 75.93  ? 386 GLY A N   1 
ATOM   275 C CA  . GLY A 1 38  ? -0.760  17.145  12.344  1.00 75.53  ? 386 GLY A CA  1 
ATOM   276 C C   . GLY A 1 38  ? -0.865  17.465  10.868  1.00 78.76  ? 386 GLY A C   1 
ATOM   277 O O   . GLY A 1 38  ? -0.446  18.544  10.436  1.00 78.36  ? 386 GLY A O   1 
ATOM   278 N N   . LEU A 1 39  ? -1.430  16.528  10.086  1.00 74.75  ? 387 LEU A N   1 
ATOM   279 C CA  . LEU A 1 39  ? -1.619  16.669  8.641   1.00 74.28  ? 387 LEU A CA  1 
ATOM   280 C C   . LEU A 1 39  ? -3.064  17.123  8.383   1.00 77.32  ? 387 LEU A C   1 
ATOM   281 O O   . LEU A 1 39  ? -3.933  16.316  8.040   1.00 76.79  ? 387 LEU A O   1 
ATOM   282 C CB  . LEU A 1 39  ? -1.283  15.349  7.900   1.00 74.33  ? 387 LEU A CB  1 
ATOM   283 C CG  . LEU A 1 39  ? 0.030   14.641  8.277   1.00 79.04  ? 387 LEU A CG  1 
ATOM   284 C CD1 . LEU A 1 39  ? -0.058  13.161  8.005   1.00 79.18  ? 387 LEU A CD1 1 
ATOM   285 C CD2 . LEU A 1 39  ? 1.227   15.246  7.557   1.00 81.70  ? 387 LEU A CD2 1 
ATOM   286 N N   . HIS A 1 40  ? -3.312  18.427  8.604   1.00 73.32  ? 388 HIS A N   1 
ATOM   287 C CA  . HIS A 1 40  ? -4.618  19.086  8.475   1.00 72.80  ? 388 HIS A CA  1 
ATOM   288 C C   . HIS A 1 40  ? -5.203  19.078  7.061   1.00 75.98  ? 388 HIS A C   1 
ATOM   289 O O   . HIS A 1 40  ? -6.427  19.061  6.912   1.00 75.44  ? 388 HIS A O   1 
ATOM   290 C CB  . HIS A 1 40  ? -4.547  20.525  9.017   1.00 73.48  ? 388 HIS A CB  1 
ATOM   291 C CG  . HIS A 1 40  ? -3.587  21.406  8.276   1.00 76.79  ? 388 HIS A CG  1 
ATOM   292 N ND1 . HIS A 1 40  ? -2.235  21.408  8.571   1.00 78.50  ? 388 HIS A ND1 1 
ATOM   293 C CD2 . HIS A 1 40  ? -3.817  22.285  7.274   1.00 78.45  ? 388 HIS A CD2 1 
ATOM   294 C CE1 . HIS A 1 40  ? -1.689  22.285  7.744   1.00 77.86  ? 388 HIS A CE1 1 
ATOM   295 N NE2 . HIS A 1 40  ? -2.602  22.838  6.944   1.00 78.19  ? 388 HIS A NE2 1 
ATOM   296 N N   . ASP A 1 41  ? -4.338  19.110  6.034   1.00 72.23  ? 389 ASP A N   1 
ATOM   297 C CA  . ASP A 1 41  ? -4.746  19.153  4.628   1.00 71.89  ? 389 ASP A CA  1 
ATOM   298 C C   . ASP A 1 41  ? -4.683  17.792  3.903   1.00 75.26  ? 389 ASP A C   1 
ATOM   299 O O   . ASP A 1 41  ? -4.883  17.751  2.684   1.00 75.02  ? 389 ASP A O   1 
ATOM   300 C CB  . ASP A 1 41  ? -3.929  20.226  3.874   1.00 73.70  ? 389 ASP A CB  1 
ATOM   301 C CG  . ASP A 1 41  ? -2.427  19.990  3.800   1.00 83.33  ? 389 ASP A CG  1 
ATOM   302 O OD1 . ASP A 1 41  ? -1.891  19.267  4.672   1.00 83.75  ? 389 ASP A OD1 1 
ATOM   303 O OD2 . ASP A 1 41  ? -1.782  20.561  2.897   1.00 89.24  ? 389 ASP A OD2 1 
ATOM   304 N N   . TYR A 1 42  ? -4.436  16.686  4.642   1.00 71.23  ? 390 TYR A N   1 
ATOM   305 C CA  . TYR A 1 42  ? -4.348  15.340  4.065   1.00 70.88  ? 390 TYR A CA  1 
ATOM   306 C C   . TYR A 1 42  ? -5.675  14.860  3.468   1.00 74.30  ? 390 TYR A C   1 
ATOM   307 O O   . TYR A 1 42  ? -5.676  14.360  2.343   1.00 73.81  ? 390 TYR A O   1 
ATOM   308 C CB  . TYR A 1 42  ? -3.769  14.324  5.069   1.00 72.08  ? 390 TYR A CB  1 
ATOM   309 C CG  . TYR A 1 42  ? -3.470  12.969  4.461   1.00 73.76  ? 390 TYR A CG  1 
ATOM   310 C CD1 . TYR A 1 42  ? -2.304  12.751  3.730   1.00 75.67  ? 390 TYR A CD1 1 
ATOM   311 C CD2 . TYR A 1 42  ? -4.347  11.901  4.623   1.00 74.53  ? 390 TYR A CD2 1 
ATOM   312 C CE1 . TYR A 1 42  ? -2.029  11.509  3.161   1.00 76.38  ? 390 TYR A CE1 1 
ATOM   313 C CE2 . TYR A 1 42  ? -4.082  10.654  4.057   1.00 75.46  ? 390 TYR A CE2 1 
ATOM   314 C CZ  . TYR A 1 42  ? -2.920  10.462  3.327   1.00 82.68  ? 390 TYR A CZ  1 
ATOM   315 O OH  . TYR A 1 42  ? -2.656  9.235   2.769   1.00 83.52  ? 390 TYR A OH  1 
ATOM   316 N N   . CYS A 1 43  ? -6.794  15.035  4.198   1.00 70.60  ? 391 CYS A N   1 
ATOM   317 C CA  . CYS A 1 43  ? -8.135  14.654  3.738   1.00 70.23  ? 391 CYS A CA  1 
ATOM   318 C C   . CYS A 1 43  ? -8.628  15.549  2.587   1.00 73.70  ? 391 CYS A C   1 
ATOM   319 O O   . CYS A 1 43  ? -9.464  15.114  1.791   1.00 73.25  ? 391 CYS A O   1 
ATOM   320 C CB  . CYS A 1 43  ? -9.125  14.624  4.898   1.00 70.47  ? 391 CYS A CB  1 
ATOM   321 S SG  . CYS A 1 43  ? -8.804  13.319  6.114   0.50 74.31  ? 391 CYS A SG  1 
ATOM   322 N N   . ASP A 1 44  ? -8.096  16.786  2.495   1.00 69.97  ? 392 ASP A N   1 
ATOM   323 C CA  . ASP A 1 44  ? -8.417  17.761  1.449   1.00 69.63  ? 392 ASP A CA  1 
ATOM   324 C C   . ASP A 1 44  ? -7.794  17.368  0.108   1.00 72.70  ? 392 ASP A C   1 
ATOM   325 O O   . ASP A 1 44  ? -8.468  17.449  -0.921  1.00 72.12  ? 392 ASP A O   1 
ATOM   326 C CB  . ASP A 1 44  ? -7.954  19.170  1.857   1.00 71.55  ? 392 ASP A CB  1 
ATOM   327 C CG  . ASP A 1 44  ? -9.020  19.988  2.553   1.00 82.37  ? 392 ASP A CG  1 
ATOM   328 O OD1 . ASP A 1 44  ? -9.894  20.543  1.852   1.00 83.07  ? 392 ASP A OD1 1 
ATOM   329 O OD2 . ASP A 1 44  ? -8.965  20.100  3.795   1.00 88.57  ? 392 ASP A OD2 1 
ATOM   330 N N   . ILE A 1 45  ? -6.508  16.955  0.121   1.00 68.82  ? 393 ILE A N   1 
ATOM   331 C CA  . ILE A 1 45  ? -5.754  16.551  -1.071  1.00 68.38  ? 393 ILE A CA  1 
ATOM   332 C C   . ILE A 1 45  ? -6.041  15.083  -1.429  1.00 71.88  ? 393 ILE A C   1 
ATOM   333 O O   . ILE A 1 45  ? -6.420  14.800  -2.568  1.00 71.42  ? 393 ILE A O   1 
ATOM   334 C CB  . ILE A 1 45  ? -4.231  16.869  -0.929  1.00 71.42  ? 393 ILE A CB  1 
ATOM   335 C CG1 . ILE A 1 45  ? -4.001  18.375  -0.644  1.00 71.77  ? 393 ILE A CG1 1 
ATOM   336 C CG2 . ILE A 1 45  ? -3.437  16.419  -2.171  1.00 72.12  ? 393 ILE A CG2 1 
ATOM   337 C CD1 . ILE A 1 45  ? -2.752  18.707  0.172   1.00 78.67  ? 393 ILE A CD1 1 
ATOM   338 N N   . ILE A 1 46  ? -5.871  14.162  -0.460  1.00 68.14  ? 394 ILE A N   1 
ATOM   339 C CA  . ILE A 1 46  ? -6.104  12.729  -0.659  1.00 67.83  ? 394 ILE A CA  1 
ATOM   340 C C   . ILE A 1 46  ? -7.583  12.396  -0.434  1.00 71.69  ? 394 ILE A C   1 
ATOM   341 O O   . ILE A 1 46  ? -8.065  12.415  0.701   1.00 71.13  ? 394 ILE A O   1 
ATOM   342 C CB  . ILE A 1 46  ? -5.117  11.852  0.179   1.00 70.88  ? 394 ILE A CB  1 
ATOM   343 C CG1 . ILE A 1 46  ? -3.619  12.186  -0.121  1.00 71.27  ? 394 ILE A CG1 1 
ATOM   344 C CG2 . ILE A 1 46  ? -5.404  10.351  0.049   1.00 71.51  ? 394 ILE A CG2 1 
ATOM   345 C CD1 . ILE A 1 46  ? -3.159  12.248  -1.636  1.00 77.77  ? 394 ILE A CD1 1 
ATOM   346 N N   . LYS A 1 47  ? -8.297  12.109  -1.536  1.00 68.52  ? 395 LYS A N   1 
ATOM   347 C CA  . LYS A 1 47  ? -9.728  11.791  -1.530  1.00 68.38  ? 395 LYS A CA  1 
ATOM   348 C C   . LYS A 1 47  ? -10.003 10.338  -1.143  1.00 72.08  ? 395 LYS A C   1 
ATOM   349 O O   . LYS A 1 47  ? -10.952 10.078  -0.400  1.00 71.51  ? 395 LYS A O   1 
ATOM   350 C CB  . LYS A 1 47  ? -10.390 12.137  -2.883  1.00 71.02  ? 395 LYS A CB  1 
ATOM   351 C CG  . LYS A 1 47  ? -10.074 13.539  -3.452  1.00 86.40  ? 395 LYS A CG  1 
ATOM   352 C CD  . LYS A 1 47  ? -10.442 14.724  -2.534  1.00 96.61  ? 395 LYS A CD  1 
ATOM   353 C CE  . LYS A 1 47  ? -11.904 15.101  -2.567  1.00 107.16 ? 395 LYS A CE  1 
ATOM   354 N NZ  . LYS A 1 47  ? -12.204 16.202  -1.613  1.00 116.39 ? 395 LYS A NZ  1 
ATOM   355 N N   . HIS A 1 48  ? -9.177  9.398   -1.643  1.00 68.70  ? 396 HIS A N   1 
ATOM   356 C CA  . HIS A 1 48  ? -9.305  7.968   -1.360  1.00 68.47  ? 396 HIS A CA  1 
ATOM   357 C C   . HIS A 1 48  ? -8.039  7.439   -0.654  1.00 72.45  ? 396 HIS A C   1 
ATOM   358 O O   . HIS A 1 48  ? -7.086  7.035   -1.329  1.00 72.12  ? 396 HIS A O   1 
ATOM   359 C CB  . HIS A 1 48  ? -9.620  7.174   -2.645  1.00 69.18  ? 396 HIS A CB  1 
ATOM   360 C CG  . HIS A 1 48  ? -10.861 7.629   -3.346  1.00 72.54  ? 396 HIS A CG  1 
ATOM   361 N ND1 . HIS A 1 48  ? -12.113 7.190   -2.951  1.00 74.27  ? 396 HIS A ND1 1 
ATOM   362 C CD2 . HIS A 1 48  ? -11.004 8.473   -4.394  1.00 74.24  ? 396 HIS A CD2 1 
ATOM   363 C CE1 . HIS A 1 48  ? -12.973 7.777   -3.769  1.00 73.67  ? 396 HIS A CE1 1 
ATOM   364 N NE2 . HIS A 1 48  ? -12.351 8.559   -4.653  1.00 73.99  ? 396 HIS A NE2 1 
ATOM   365 N N   . PRO A 1 49  ? -7.992  7.460   0.701   1.00 68.94  ? 397 PRO A N   1 
ATOM   366 C CA  . PRO A 1 49  ? -6.789  6.977   1.403   1.00 68.63  ? 397 PRO A CA  1 
ATOM   367 C C   . PRO A 1 49  ? -6.690  5.454   1.435   1.00 72.21  ? 397 PRO A C   1 
ATOM   368 O O   . PRO A 1 49  ? -7.718  4.772   1.468   1.00 71.79  ? 397 PRO A O   1 
ATOM   369 C CB  . PRO A 1 49  ? -6.928  7.565   2.816   1.00 70.41  ? 397 PRO A CB  1 
ATOM   370 C CG  . PRO A 1 49  ? -8.184  8.408   2.801   1.00 74.90  ? 397 PRO A CG  1 
ATOM   371 C CD  . PRO A 1 49  ? -9.011  7.920   1.662   1.00 70.47  ? 397 PRO A CD  1 
ATOM   372 N N   . MET A 1 50  ? -5.451  4.923   1.425   1.00 68.54  ? 398 MET A N   1 
ATOM   373 C CA  . MET A 1 50  ? -5.191  3.480   1.438   1.00 68.17  ? 398 MET A CA  1 
ATOM   374 C C   . MET A 1 50  ? -3.947  3.101   2.254   1.00 71.40  ? 398 MET A C   1 
ATOM   375 O O   . MET A 1 50  ? -2.980  3.861   2.310   1.00 70.85  ? 398 MET A O   1 
ATOM   376 C CB  . MET A 1 50  ? -5.109  2.936   -0.003  1.00 70.52  ? 398 MET A CB  1 
ATOM   377 C CG  . MET A 1 50  ? -5.325  1.425   -0.128  1.00 74.23  ? 398 MET A CG  1 
ATOM   378 S SD  . MET A 1 50  ? -6.835  0.742   0.615   1.00 78.45  ? 398 MET A SD  1 
ATOM   379 C CE  . MET A 1 50  ? -8.086  1.438   -0.464  1.00 75.14  ? 398 MET A CE  1 
ATOM   380 N N   . ASP A 1 51  ? -3.995  1.914   2.885   1.00 67.78  ? 399 ASP A N   1 
ATOM   381 C CA  . ASP A 1 51  ? -2.937  1.329   3.714   1.00 67.53  ? 399 ASP A CA  1 
ATOM   382 C C   . ASP A 1 51  ? -2.969  -0.203  3.615   1.00 70.89  ? 399 ASP A C   1 
ATOM   383 O O   . ASP A 1 51  ? -3.993  -0.765  3.222   1.00 70.37  ? 399 ASP A O   1 
ATOM   384 C CB  . ASP A 1 51  ? -3.091  1.778   5.177   1.00 69.45  ? 399 ASP A CB  1 
ATOM   385 C CG  . ASP A 1 51  ? -4.440  1.435   5.773   1.00 80.10  ? 399 ASP A CG  1 
ATOM   386 O OD1 . ASP A 1 51  ? -5.429  2.127   5.441   1.00 80.63  ? 399 ASP A OD1 1 
ATOM   387 O OD2 . ASP A 1 51  ? -4.507  0.484   6.577   1.00 86.09  ? 399 ASP A OD2 1 
ATOM   388 N N   . MET A 1 52  ? -1.860  -0.872  3.998   1.00 67.17  ? 400 MET A N   1 
ATOM   389 C CA  . MET A 1 52  ? -1.706  -2.332  3.955   1.00 66.90  ? 400 MET A CA  1 
ATOM   390 C C   . MET A 1 52  ? -2.748  -3.108  4.773   1.00 71.14  ? 400 MET A C   1 
ATOM   391 O O   . MET A 1 52  ? -3.138  -4.197  4.352   1.00 70.62  ? 400 MET A O   1 
ATOM   392 C CB  . MET A 1 52  ? -0.287  -2.748  4.360   1.00 69.07  ? 400 MET A CB  1 
ATOM   393 C CG  . MET A 1 52  ? 0.713   -2.641  3.225   1.00 72.47  ? 400 MET A CG  1 
ATOM   394 S SD  . MET A 1 52  ? 2.419   -2.390  3.774   1.00 76.32  ? 400 MET A SD  1 
ATOM   395 C CE  . MET A 1 52  ? 2.774   -3.979  4.481   1.00 72.95  ? 400 MET A CE  1 
ATOM   396 N N   . SER A 1 53  ? -3.201  -2.552  5.919   1.00 68.10  ? 401 SER A N   1 
ATOM   397 C CA  . SER A 1 53  ? -4.216  -3.177  6.779   1.00 68.06  ? 401 SER A CA  1 
ATOM   398 C C   . SER A 1 53  ? -5.594  -3.195  6.109   1.00 72.15  ? 401 SER A C   1 
ATOM   399 O O   . SER A 1 53  ? -6.320  -4.181  6.248   1.00 71.57  ? 401 SER A O   1 
ATOM   400 C CB  . SER A 1 53  ? -4.292  -2.479  8.133   1.00 71.63  ? 401 SER A CB  1 
ATOM   401 O OG  . SER A 1 53  ? -3.115  -2.696  8.894   1.00 80.43  ? 401 SER A OG  1 
ATOM   402 N N   . THR A 1 54  ? -5.942  -2.114  5.376   1.00 69.13  ? 402 THR A N   1 
ATOM   403 C CA  . THR A 1 54  ? -7.208  -1.983  4.646   1.00 69.18  ? 402 THR A CA  1 
ATOM   404 C C   . THR A 1 54  ? -7.235  -2.947  3.450   1.00 73.71  ? 402 THR A C   1 
ATOM   405 O O   . THR A 1 54  ? -8.262  -3.585  3.214   1.00 73.37  ? 402 THR A O   1 
ATOM   406 C CB  . THR A 1 54  ? -7.487  -0.511  4.287   1.00 76.96  ? 402 THR A CB  1 
ATOM   407 O OG1 . THR A 1 54  ? -7.426  0.272   5.480   1.00 76.31  ? 402 THR A OG1 1 
ATOM   408 C CG2 . THR A 1 54  ? -8.852  -0.308  3.632   1.00 75.79  ? 402 THR A CG2 1 
ATOM   409 N N   . ILE A 1 55  ? -6.096  -3.072  2.723   1.00 70.54  ? 403 ILE A N   1 
ATOM   410 C CA  . ILE A 1 55  ? -5.943  -3.989  1.582   1.00 70.48  ? 403 ILE A CA  1 
ATOM   411 C C   . ILE A 1 55  ? -6.056  -5.441  2.089   1.00 74.65  ? 403 ILE A C   1 
ATOM   412 O O   . ILE A 1 55  ? -6.700  -6.262  1.435   1.00 74.14  ? 403 ILE A O   1 
ATOM   413 C CB  . ILE A 1 55  ? -4.635  -3.730  0.763   1.00 73.56  ? 403 ILE A CB  1 
ATOM   414 C CG1 . ILE A 1 55  ? -4.524  -2.251  0.323   1.00 74.05  ? 403 ILE A CG1 1 
ATOM   415 C CG2 . ILE A 1 55  ? -4.550  -4.654  -0.465  1.00 74.12  ? 403 ILE A CG2 1 
ATOM   416 C CD1 . ILE A 1 55  ? -3.084  -1.742  0.068   1.00 81.57  ? 403 ILE A CD1 1 
ATOM   417 N N   . LYS A 1 56  ? -5.473  -5.727  3.277   1.00 71.59  ? 404 LYS A N   1 
ATOM   418 C CA  . LYS A 1 56  ? -5.515  -7.032  3.943   1.00 71.68  ? 404 LYS A CA  1 
ATOM   419 C C   . LYS A 1 56  ? -6.956  -7.381  4.340   1.00 76.42  ? 404 LYS A C   1 
ATOM   420 O O   . LYS A 1 56  ? -7.384  -8.511  4.108   1.00 76.13  ? 404 LYS A O   1 
ATOM   421 C CB  . LYS A 1 56  ? -4.599  -7.037  5.182   1.00 74.12  ? 404 LYS A CB  1 
ATOM   422 C CG  . LYS A 1 56  ? -4.218  -8.426  5.675   1.00 87.80  ? 404 LYS A CG  1 
ATOM   423 C CD  . LYS A 1 56  ? -3.436  -8.354  6.982   1.00 97.78  ? 404 LYS A CD  1 
ATOM   424 C CE  . LYS A 1 56  ? -2.914  -9.698  7.433   1.00 109.45 ? 404 LYS A CE  1 
ATOM   425 N NZ  . LYS A 1 56  ? -3.993  -10.574 7.967   1.00 118.82 ? 404 LYS A NZ  1 
ATOM   426 N N   . SER A 1 57  ? -7.697  -6.405  4.913   1.00 73.44  ? 405 SER A N   1 
ATOM   427 C CA  . SER A 1 57  ? -9.093  -6.551  5.340   1.00 73.50  ? 405 SER A CA  1 
ATOM   428 C C   . SER A 1 57  ? -10.039 -6.753  4.154   1.00 77.87  ? 405 SER A C   1 
ATOM   429 O O   . SER A 1 57  ? -10.965 -7.560  4.250   1.00 77.52  ? 405 SER A O   1 
ATOM   430 C CB  . SER A 1 57  ? -9.533  -5.350  6.171   1.00 77.00  ? 405 SER A CB  1 
ATOM   431 O OG  . SER A 1 57  ? -8.820  -5.278  7.394   1.00 85.78  ? 405 SER A OG  1 
ATOM   432 N N   . LYS A 1 58  ? -9.800  -6.027  3.039   1.00 74.72  ? 406 LYS A N   1 
ATOM   433 C CA  . LYS A 1 58  ? -10.589 -6.126  1.806   1.00 74.70  ? 406 LYS A CA  1 
ATOM   434 C C   . LYS A 1 58  ? -10.367 -7.480  1.125   1.00 79.16  ? 406 LYS A C   1 
ATOM   435 O O   . LYS A 1 58  ? -11.298 -8.029  0.533   1.00 78.67  ? 406 LYS A O   1 
ATOM   436 C CB  . LYS A 1 58  ? -10.254 -4.976  0.844   1.00 77.13  ? 406 LYS A CB  1 
ATOM   437 C CG  . LYS A 1 58  ? -10.982 -3.673  1.167   1.00 90.92  ? 406 LYS A CG  1 
ATOM   438 C CD  . LYS A 1 58  ? -10.613 -2.545  0.203   1.00 100.41 ? 406 LYS A CD  1 
ATOM   439 C CE  . LYS A 1 58  ? -11.556 -2.438  -0.974  1.00 110.74 ? 406 LYS A CE  1 
ATOM   440 N NZ  . LYS A 1 58  ? -11.180 -1.324  -1.882  1.00 119.95 ? 406 LYS A NZ  1 
ATOM   441 N N   . LEU A 1 59  ? -9.135  -8.017  1.229   1.00 76.24  ? 407 LEU A N   1 
ATOM   442 C CA  . LEU A 1 59  ? -8.740  -9.313  0.675   1.00 76.24  ? 407 LEU A CA  1 
ATOM   443 C C   . LEU A 1 59  ? -9.246  -10.456 1.562   1.00 80.50  ? 407 LEU A C   1 
ATOM   444 O O   . LEU A 1 59  ? -9.643  -11.496 1.033   1.00 80.02  ? 407 LEU A O   1 
ATOM   445 C CB  . LEU A 1 59  ? -7.211  -9.380  0.524   1.00 76.30  ? 407 LEU A CB  1 
ATOM   446 C CG  . LEU A 1 59  ? -6.651  -10.459 -0.400  1.00 81.03  ? 407 LEU A CG  1 
ATOM   447 C CD1 . LEU A 1 59  ? -6.694  -10.021 -1.859  1.00 81.16  ? 407 LEU A CD1 1 
ATOM   448 C CD2 . LEU A 1 59  ? -5.231  -10.786 -0.023  1.00 83.51  ? 407 LEU A CD2 1 
ATOM   449 N N   . GLU A 1 60  ? -9.246  -10.255 2.906   1.00 77.39  ? 408 GLU A N   1 
ATOM   450 C CA  . GLU A 1 60  ? -9.729  -11.231 3.894   1.00 77.33  ? 408 GLU A CA  1 
ATOM   451 C C   . GLU A 1 60  ? -11.227 -11.495 3.714   1.00 81.23  ? 408 GLU A C   1 
ATOM   452 O O   . GLU A 1 60  ? -11.703 -12.579 4.052   1.00 80.89  ? 408 GLU A O   1 
ATOM   453 C CB  . GLU A 1 60  ? -9.419  -10.771 5.326   1.00 78.77  ? 408 GLU A CB  1 
ATOM   454 C CG  . GLU A 1 60  ? -8.608  -11.785 6.118   1.00 89.91  ? 408 GLU A CG  1 
ATOM   455 C CD  . GLU A 1 60  ? -7.472  -11.225 6.955   1.00 111.57 ? 408 GLU A CD  1 
ATOM   456 O OE1 . GLU A 1 60  ? -7.696  -10.239 7.694   1.00 108.14 ? 408 GLU A OE1 1 
ATOM   457 O OE2 . GLU A 1 60  ? -6.363  -11.805 6.903   1.00 105.38 ? 408 GLU A OE2 1 
ATOM   458 N N   . ALA A 1 61  ? -11.954 -10.505 3.155   1.00 77.65  ? 409 ALA A N   1 
ATOM   459 C CA  . ALA A 1 61  ? -13.371 -10.599 2.830   1.00 77.39  ? 409 ALA A CA  1 
ATOM   460 C C   . ALA A 1 61  ? -13.471 -11.118 1.380   1.00 81.02  ? 409 ALA A C   1 
ATOM   461 O O   . ALA A 1 61  ? -13.028 -12.241 1.128   1.00 80.71  ? 409 ALA A O   1 
ATOM   462 C CB  . ALA A 1 61  ? -14.036 -9.234  2.983   1.00 78.10  ? 409 ALA A CB  1 
ATOM   463 N N   . ARG A 1 62  ? -14.008 -10.308 0.433   1.00 77.23  ? 410 ARG A N   1 
ATOM   464 C CA  . ARG A 1 62  ? -14.154 -10.653 -0.989  1.00 76.91  ? 410 ARG A CA  1 
ATOM   465 C C   . ARG A 1 62  ? -14.375 -9.393  -1.855  1.00 80.38  ? 410 ARG A C   1 
ATOM   466 O O   . ARG A 1 62  ? -15.126 -9.433  -2.836  1.00 79.97  ? 410 ARG A O   1 
ATOM   467 C CB  . ARG A 1 62  ? -15.287 -11.680 -1.189  1.00 77.34  ? 410 ARG A CB  1 
ATOM   468 N N   . GLU A 1 63  ? -13.699 -8.281  -1.495  1.00 76.51  ? 411 GLU A N   1 
ATOM   469 C CA  . GLU A 1 63  ? -13.803 -6.990  -2.182  1.00 76.13  ? 411 GLU A CA  1 
ATOM   470 C C   . GLU A 1 63  ? -13.235 -6.980  -3.606  1.00 79.48  ? 411 GLU A C   1 
ATOM   471 O O   . GLU A 1 63  ? -13.743 -6.236  -4.447  1.00 79.19  ? 411 GLU A O   1 
ATOM   472 C CB  . GLU A 1 63  ? -13.179 -5.869  -1.343  1.00 77.51  ? 411 GLU A CB  1 
ATOM   473 N N   . TYR A 1 64  ? -12.192 -7.790  -3.876  1.00 75.38  ? 412 TYR A N   1 
ATOM   474 C CA  . TYR A 1 64  ? -11.564 -7.859  -5.199  1.00 74.91  ? 412 TYR A CA  1 
ATOM   475 C C   . TYR A 1 64  ? -11.994 -9.108  -5.969  1.00 78.10  ? 412 TYR A C   1 
ATOM   476 O O   . TYR A 1 64  ? -11.928 -10.217 -5.431  1.00 77.66  ? 412 TYR A O   1 
ATOM   477 C CB  . TYR A 1 64  ? -10.023 -7.801  -5.101  1.00 76.02  ? 412 TYR A CB  1 
ATOM   478 C CG  . TYR A 1 64  ? -9.473  -6.795  -4.110  1.00 77.55  ? 412 TYR A CG  1 
ATOM   479 C CD1 . TYR A 1 64  ? -9.509  -5.429  -4.378  1.00 79.49  ? 412 TYR A CD1 1 
ATOM   480 C CD2 . TYR A 1 64  ? -8.863  -7.212  -2.932  1.00 78.21  ? 412 TYR A CD2 1 
ATOM   481 C CE1 . TYR A 1 64  ? -8.984  -4.502  -3.479  1.00 80.17  ? 412 TYR A CE1 1 
ATOM   482 C CE2 . TYR A 1 64  ? -8.328  -6.295  -2.028  1.00 79.04  ? 412 TYR A CE2 1 
ATOM   483 C CZ  . TYR A 1 64  ? -8.394  -4.939  -2.305  1.00 85.96  ? 412 TYR A CZ  1 
ATOM   484 O OH  . TYR A 1 64  ? -7.871  -4.032  -1.417  1.00 86.20  ? 412 TYR A OH  1 
ATOM   485 N N   . ARG A 1 65  ? -12.428 -8.925  -7.231  1.00 74.08  ? 413 ARG A N   1 
ATOM   486 C CA  . ARG A 1 65  ? -12.843 -10.019 -8.118  1.00 73.59  ? 413 ARG A CA  1 
ATOM   487 C C   . ARG A 1 65  ? -11.601 -10.706 -8.689  1.00 76.73  ? 413 ARG A C   1 
ATOM   488 O O   . ARG A 1 65  ? -11.488 -11.931 -8.617  1.00 76.41  ? 413 ARG A O   1 
ATOM   489 C CB  . ARG A 1 65  ? -13.745 -9.501  -9.255  1.00 73.74  ? 413 ARG A CB  1 
ATOM   490 C CG  . ARG A 1 65  ? -15.131 -9.077  -8.799  1.00 83.63  ? 413 ARG A CG  1 
ATOM   491 C CD  . ARG A 1 65  ? -15.624 -7.879  -9.582  1.00 93.73  ? 413 ARG A CD  1 
ATOM   492 N NE  . ARG A 1 65  ? -16.371 -8.260  -10.782 1.00 103.01 ? 413 ARG A NE  1 
ATOM   493 C CZ  . ARG A 1 65  ? -16.462 -7.514  -11.879 1.00 117.02 ? 413 ARG A CZ  1 
ATOM   494 N NH1 . ARG A 1 65  ? -15.828 -6.349  -11.955 1.00 103.48 ? 413 ARG A NH1 1 
ATOM   495 N NH2 . ARG A 1 65  ? -17.173 -7.933  -12.916 1.00 103.85 ? 413 ARG A NH2 1 
ATOM   496 N N   . ASP A 1 66  ? -10.665 -9.904  -9.230  1.00 72.59  ? 414 ASP A N   1 
ATOM   497 C CA  . ASP A 1 66  ? -9.399  -10.353 -9.814  1.00 71.97  ? 414 ASP A CA  1 
ATOM   498 C C   . ASP A 1 66  ? -8.201  -9.669  -9.136  1.00 74.80  ? 414 ASP A C   1 
ATOM   499 O O   . ASP A 1 66  ? -8.392  -8.811  -8.270  1.00 74.22  ? 414 ASP A O   1 
ATOM   500 C CB  . ASP A 1 66  ? -9.386  -10.121 -11.344 1.00 73.76  ? 414 ASP A CB  1 
ATOM   501 C CG  . ASP A 1 66  ? -9.917  -8.780  -11.837 1.00 83.31  ? 414 ASP A CG  1 
ATOM   502 O OD1 . ASP A 1 66  ? -9.897  -7.804  -11.054 1.00 83.76  ? 414 ASP A OD1 1 
ATOM   503 O OD2 . ASP A 1 66  ? -10.335 -8.705  -13.012 1.00 89.24  ? 414 ASP A OD2 1 
ATOM   504 N N   . ALA A 1 67  ? -6.970  -10.054 -9.532  1.00 70.71  ? 415 ALA A N   1 
ATOM   505 C CA  . ALA A 1 67  ? -5.720  -9.500  -9.005  1.00 70.12  ? 415 ALA A CA  1 
ATOM   506 C C   . ALA A 1 67  ? -5.507  -8.034  -9.413  1.00 72.94  ? 415 ALA A C   1 
ATOM   507 O O   . ALA A 1 67  ? -4.799  -7.310  -8.710  1.00 72.51  ? 415 ALA A O   1 
ATOM   508 C CB  . ALA A 1 67  ? -4.543  -10.349 -9.455  1.00 70.85  ? 415 ALA A CB  1 
ATOM   509 N N   . GLN A 1 68  ? -6.124  -7.603  -10.537 1.00 68.59  ? 416 GLN A N   1 
ATOM   510 C CA  . GLN A 1 68  ? -6.052  -6.234  -11.069 1.00 67.95  ? 416 GLN A CA  1 
ATOM   511 C C   . GLN A 1 68  ? -6.670  -5.217  -10.105 1.00 70.79  ? 416 GLN A C   1 
ATOM   512 O O   . GLN A 1 68  ? -6.144  -4.111  -9.971  1.00 70.35  ? 416 GLN A O   1 
ATOM   513 C CB  . GLN A 1 68  ? -6.725  -6.143  -12.448 1.00 69.27  ? 416 GLN A CB  1 
ATOM   514 C CG  . GLN A 1 68  ? -5.935  -6.811  -13.568 1.00 85.48  ? 416 GLN A CG  1 
ATOM   515 N N   . GLU A 1 69  ? -7.779  -5.600  -9.432  1.00 66.52  ? 417 GLU A N   1 
ATOM   516 C CA  . GLU A 1 69  ? -8.479  -4.775  -8.445  1.00 65.89  ? 417 GLU A CA  1 
ATOM   517 C C   . GLU A 1 69  ? -7.630  -4.597  -7.187  1.00 68.43  ? 417 GLU A C   1 
ATOM   518 O O   . GLU A 1 69  ? -7.644  -3.520  -6.587  1.00 67.97  ? 417 GLU A O   1 
ATOM   519 C CB  . GLU A 1 69  ? -9.847  -5.378  -8.098  1.00 67.28  ? 417 GLU A CB  1 
ATOM   520 C CG  . GLU A 1 69  ? -10.981 -4.802  -8.929  1.00 77.75  ? 417 GLU A CG  1 
ATOM   521 C CD  . GLU A 1 69  ? -12.349 -5.416  -8.695  1.00 96.17  ? 417 GLU A CD  1 
ATOM   522 O OE1 . GLU A 1 69  ? -12.757 -5.553  -7.520  1.00 87.86  ? 417 GLU A OE1 1 
ATOM   523 O OE2 . GLU A 1 69  ? -13.033 -5.720  -9.699  1.00 89.02  ? 417 GLU A OE2 1 
ATOM   524 N N   . PHE A 1 70  ? -6.890  -5.658  -6.795  1.00 63.96  ? 418 PHE A N   1 
ATOM   525 C CA  . PHE A 1 70  ? -5.973  -5.667  -5.652  1.00 63.25  ? 418 PHE A CA  1 
ATOM   526 C C   . PHE A 1 70  ? -4.804  -4.719  -5.947  1.00 66.40  ? 418 PHE A C   1 
ATOM   527 O O   . PHE A 1 70  ? -4.482  -3.870  -5.115  1.00 66.05  ? 418 PHE A O   1 
ATOM   528 C CB  . PHE A 1 70  ? -5.478  -7.105  -5.373  1.00 64.88  ? 418 PHE A CB  1 
ATOM   529 C CG  . PHE A 1 70  ? -4.242  -7.243  -4.512  1.00 66.23  ? 418 PHE A CG  1 
ATOM   530 C CD1 . PHE A 1 70  ? -4.346  -7.351  -3.131  1.00 69.12  ? 418 PHE A CD1 1 
ATOM   531 C CD2 . PHE A 1 70  ? -2.977  -7.309  -5.087  1.00 68.16  ? 418 PHE A CD2 1 
ATOM   532 C CE1 . PHE A 1 70  ? -3.204  -7.501  -2.338  1.00 69.94  ? 418 PHE A CE1 1 
ATOM   533 C CE2 . PHE A 1 70  ? -1.835  -7.451  -4.292  1.00 70.88  ? 418 PHE A CE2 1 
ATOM   534 C CZ  . PHE A 1 70  ? -1.957  -7.544  -2.923  1.00 68.92  ? 418 PHE A CZ  1 
ATOM   535 N N   . GLY A 1 71  ? -4.208  -4.875  -7.134  1.00 62.33  ? 419 GLY A N   1 
ATOM   536 C CA  . GLY A 1 71  ? -3.090  -4.074  -7.622  1.00 61.83  ? 419 GLY A CA  1 
ATOM   537 C C   . GLY A 1 71  ? -3.392  -2.593  -7.678  1.00 64.76  ? 419 GLY A C   1 
ATOM   538 O O   . GLY A 1 71  ? -2.542  -1.778  -7.313  1.00 64.34  ? 419 GLY A O   1 
ATOM   539 N N   . ALA A 1 72  ? -4.629  -2.239  -8.097  1.00 60.60  ? 420 ALA A N   1 
ATOM   540 C CA  . ALA A 1 72  ? -5.124  -0.862  -8.185  1.00 60.04  ? 420 ALA A CA  1 
ATOM   541 C C   . ALA A 1 72  ? -5.195  -0.202  -6.804  1.00 63.06  ? 420 ALA A C   1 
ATOM   542 O O   . ALA A 1 72  ? -4.986  1.006   -6.700  1.00 62.73  ? 420 ALA A O   1 
ATOM   543 C CB  . ALA A 1 72  ? -6.492  -0.839  -8.848  1.00 60.73  ? 420 ALA A CB  1 
ATOM   544 N N   . ASP A 1 73  ? -5.477  -0.999  -5.751  1.00 58.81  ? 421 ASP A N   1 
ATOM   545 C CA  . ASP A 1 73  ? -5.550  -0.542  -4.364  1.00 58.33  ? 421 ASP A CA  1 
ATOM   546 C C   . ASP A 1 73  ? -4.156  -0.357  -3.762  1.00 61.35  ? 421 ASP A C   1 
ATOM   547 O O   . ASP A 1 73  ? -3.939  0.615   -3.037  1.00 61.07  ? 421 ASP A O   1 
ATOM   548 C CB  . ASP A 1 73  ? -6.398  -1.503  -3.510  1.00 60.19  ? 421 ASP A CB  1 
ATOM   549 C CG  . ASP A 1 73  ? -7.816  -1.032  -3.220  1.00 69.89  ? 421 ASP A CG  1 
ATOM   550 O OD1 . ASP A 1 73  ? -8.368  -0.256  -4.035  1.00 70.35  ? 421 ASP A OD1 1 
ATOM   551 O OD2 . ASP A 1 73  ? -8.386  -1.467  -2.198  1.00 75.58  ? 421 ASP A OD2 1 
ATOM   552 N N   . VAL A 1 74  ? -3.211  -1.278  -4.068  1.00 57.00  ? 422 VAL A N   1 
ATOM   553 C CA  . VAL A 1 74  ? -1.819  -1.213  -3.594  1.00 56.22  ? 422 VAL A CA  1 
ATOM   554 C C   . VAL A 1 74  ? -1.127  -0.013  -4.263  1.00 58.26  ? 422 VAL A C   1 
ATOM   555 O O   . VAL A 1 74  ? -0.388  0.714   -3.598  1.00 57.92  ? 422 VAL A O   1 
ATOM   556 C CB  . VAL A 1 74  ? -1.041  -2.548  -3.795  1.00 60.28  ? 422 VAL A CB  1 
ATOM   557 C CG1 . VAL A 1 74  ? 0.378   -2.457  -3.235  1.00 60.09  ? 422 VAL A CG1 1 
ATOM   558 C CG2 . VAL A 1 74  ? -1.779  -3.723  -3.158  1.00 60.12  ? 422 VAL A CG2 1 
ATOM   559 N N   . ARG A 1 75  ? -1.414  0.218   -5.562  1.00 53.37  ? 423 ARG A N   1 
ATOM   560 C CA  . ARG A 1 75  ? -0.873  1.348   -6.319  1.00 52.67  ? 423 ARG A CA  1 
ATOM   561 C C   . ARG A 1 75  ? -1.474  2.680   -5.861  1.00 55.93  ? 423 ARG A C   1 
ATOM   562 O O   . ARG A 1 75  ? -0.800  3.704   -5.958  1.00 55.49  ? 423 ARG A O   1 
ATOM   563 C CB  . ARG A 1 75  ? -1.035  1.140   -7.831  1.00 52.33  ? 423 ARG A CB  1 
ATOM   564 C CG  . ARG A 1 75  ? 0.011   0.193   -8.402  1.00 60.38  ? 423 ARG A CG  1 
ATOM   565 C CD  . ARG A 1 75  ? -0.465  -0.491  -9.662  1.00 69.37  ? 423 ARG A CD  1 
ATOM   566 N NE  . ARG A 1 75  ? 0.487   -1.509  -10.111 1.00 77.29  ? 423 ARG A NE  1 
ATOM   567 C CZ  . ARG A 1 75  ? 0.340   -2.244  -11.208 1.00 88.41  ? 423 ARG A CZ  1 
ATOM   568 N NH1 . ARG A 1 75  ? -0.723  -2.083  -11.988 1.00 73.54  ? 423 ARG A NH1 1 
ATOM   569 N NH2 . ARG A 1 75  ? 1.255   -3.145  -11.536 1.00 73.17  ? 423 ARG A NH2 1 
ATOM   570 N N   . LEU A 1 76  ? -2.723  2.658   -5.334  1.00 52.03  ? 424 LEU A N   1 
ATOM   571 C CA  . LEU A 1 76  ? -3.415  3.832   -4.787  1.00 51.58  ? 424 LEU A CA  1 
ATOM   572 C C   . LEU A 1 76  ? -2.676  4.302   -3.523  1.00 54.28  ? 424 LEU A C   1 
ATOM   573 O O   . LEU A 1 76  ? -2.470  5.503   -3.356  1.00 53.92  ? 424 LEU A O   1 
ATOM   574 C CB  . LEU A 1 76  ? -4.892  3.500   -4.479  1.00 51.74  ? 424 LEU A CB  1 
ATOM   575 C CG  . LEU A 1 76  ? -5.751  4.577   -3.788  1.00 56.56  ? 424 LEU A CG  1 
ATOM   576 C CD1 . LEU A 1 76  ? -6.148  5.690   -4.756  1.00 56.89  ? 424 LEU A CD1 1 
ATOM   577 C CD2 . LEU A 1 76  ? -6.994  3.960   -3.177  1.00 58.71  ? 424 LEU A CD2 1 
ATOM   578 N N   . MET A 1 77  ? -2.239  3.345   -2.676  1.00 49.80  ? 425 MET A N   1 
ATOM   579 C CA  . MET A 1 77  ? -1.475  3.573   -1.445  1.00 49.27  ? 425 MET A CA  1 
ATOM   580 C C   . MET A 1 77  ? -0.169  4.325   -1.756  1.00 52.87  ? 425 MET A C   1 
ATOM   581 O O   . MET A 1 77  ? 0.175   5.265   -1.038  1.00 52.50  ? 425 MET A O   1 
ATOM   582 C CB  . MET A 1 77  ? -1.200  2.228   -0.744  1.00 51.45  ? 425 MET A CB  1 
ATOM   583 C CG  . MET A 1 77  ? -0.430  2.337   0.559   1.00 54.97  ? 425 MET A CG  1 
ATOM   584 S SD  . MET A 1 77  ? -0.097  0.727   1.323   1.00 59.06  ? 425 MET A SD  1 
ATOM   585 C CE  . MET A 1 77  ? 1.184   0.098   0.238   1.00 55.72  ? 425 MET A CE  1 
ATOM   586 N N   . PHE A 1 78  ? 0.527   3.935   -2.842  1.00 49.18  ? 426 PHE A N   1 
ATOM   587 C CA  . PHE A 1 78  ? 1.767   4.581   -3.268  1.00 48.77  ? 426 PHE A CA  1 
ATOM   588 C C   . PHE A 1 78  ? 1.506   5.932   -3.937  1.00 53.06  ? 426 PHE A C   1 
ATOM   589 O O   . PHE A 1 78  ? 2.227   6.888   -3.651  1.00 52.80  ? 426 PHE A O   1 
ATOM   590 C CB  . PHE A 1 78  ? 2.612   3.656   -4.164  1.00 50.31  ? 426 PHE A CB  1 
ATOM   591 C CG  . PHE A 1 78  ? 3.056   2.362   -3.517  1.00 51.54  ? 426 PHE A CG  1 
ATOM   592 C CD1 . PHE A 1 78  ? 3.771   2.368   -2.324  1.00 54.36  ? 426 PHE A CD1 1 
ATOM   593 C CD2 . PHE A 1 78  ? 2.807   1.139   -4.129  1.00 53.39  ? 426 PHE A CD2 1 
ATOM   594 C CE1 . PHE A 1 78  ? 4.188   1.171   -1.732  1.00 55.12  ? 426 PHE A CE1 1 
ATOM   595 C CE2 . PHE A 1 78  ? 3.229   -0.056  -3.538  1.00 56.07  ? 426 PHE A CE2 1 
ATOM   596 C CZ  . PHE A 1 78  ? 3.915   -0.032  -2.344  1.00 54.07  ? 426 PHE A CZ  1 
ATOM   597 N N   . SER A 1 79  ? 0.463   6.019   -4.799  1.00 49.78  ? 427 SER A N   1 
ATOM   598 C CA  . SER A 1 79  ? 0.063   7.246   -5.506  1.00 49.61  ? 427 SER A CA  1 
ATOM   599 C C   . SER A 1 79  ? -0.342  8.364   -4.541  1.00 53.43  ? 427 SER A C   1 
ATOM   600 O O   . SER A 1 79  ? -0.072  9.532   -4.820  1.00 53.15  ? 427 SER A O   1 
ATOM   601 C CB  . SER A 1 79  ? -1.073  6.965   -6.483  1.00 53.14  ? 427 SER A CB  1 
ATOM   602 O OG  . SER A 1 79  ? -0.647  6.108   -7.529  1.00 61.84  ? 427 SER A OG  1 
ATOM   603 N N   . ASN A 1 80  ? -0.978  8.003   -3.407  1.00 49.61  ? 428 ASN A N   1 
ATOM   604 C CA  . ASN A 1 80  ? -1.383  8.948   -2.365  1.00 49.23  ? 428 ASN A CA  1 
ATOM   605 C C   . ASN A 1 80  ? -0.149  9.555   -1.690  1.00 53.16  ? 428 ASN A C   1 
ATOM   606 O O   . ASN A 1 80  ? -0.144  10.747  -1.380  1.00 53.00  ? 428 ASN A O   1 
ATOM   607 C CB  . ASN A 1 80  ? -2.278  8.263   -1.325  1.00 48.45  ? 428 ASN A CB  1 
ATOM   608 C CG  . ASN A 1 80  ? -3.664  7.896   -1.808  1.00 61.51  ? 428 ASN A CG  1 
ATOM   609 O OD1 . ASN A 1 80  ? -4.214  8.479   -2.753  1.00 51.56  ? 428 ASN A OD1 1 
ATOM   610 N ND2 . ASN A 1 80  ? -4.282  6.941   -1.127  1.00 52.42  ? 428 ASN A ND2 1 
ATOM   611 N N   . CYS A 1 81  ? 0.902   8.732   -1.495  1.00 49.35  ? 429 CYS A N   1 
ATOM   612 C CA  . CYS A 1 81  ? 2.170   9.132   -0.884  1.00 49.01  ? 429 CYS A CA  1 
ATOM   613 C C   . CYS A 1 81  ? 2.944   10.102  -1.784  1.00 54.03  ? 429 CYS A C   1 
ATOM   614 O O   . CYS A 1 81  ? 3.548   11.048  -1.276  1.00 53.75  ? 429 CYS A O   1 
ATOM   615 C CB  . CYS A 1 81  ? 3.006   7.906   -0.528  1.00 48.88  ? 429 CYS A CB  1 
ATOM   616 S SG  . CYS A 1 81  ? 4.498   8.275   0.431   1.00 52.55  ? 429 CYS A SG  1 
ATOM   617 N N   . TYR A 1 82  ? 2.912   9.876   -3.112  1.00 51.11  ? 430 TYR A N   1 
ATOM   618 C CA  . TYR A 1 82  ? 3.603   10.727  -4.083  1.00 51.16  ? 430 TYR A CA  1 
ATOM   619 C C   . TYR A 1 82  ? 2.897   12.070  -4.301  1.00 55.43  ? 430 TYR A C   1 
ATOM   620 O O   . TYR A 1 82  ? 3.573   13.074  -4.514  1.00 54.89  ? 430 TYR A O   1 
ATOM   621 C CB  . TYR A 1 82  ? 3.820   10.002  -5.430  1.00 52.35  ? 430 TYR A CB  1 
ATOM   622 C CG  . TYR A 1 82  ? 4.495   8.646   -5.343  1.00 54.07  ? 430 TYR A CG  1 
ATOM   623 C CD1 . TYR A 1 82  ? 5.638   8.460   -4.568  1.00 56.01  ? 430 TYR A CD1 1 
ATOM   624 C CD2 . TYR A 1 82  ? 4.047   7.574   -6.108  1.00 54.90  ? 430 TYR A CD2 1 
ATOM   625 C CE1 . TYR A 1 82  ? 6.270   7.221   -4.497  1.00 56.72  ? 430 TYR A CE1 1 
ATOM   626 C CE2 . TYR A 1 82  ? 4.671   6.329   -6.045  1.00 55.83  ? 430 TYR A CE2 1 
ATOM   627 C CZ  . TYR A 1 82  ? 5.785   6.157   -5.240  1.00 63.25  ? 430 TYR A CZ  1 
ATOM   628 O OH  . TYR A 1 82  ? 6.410   4.936   -5.180  1.00 64.32  ? 430 TYR A OH  1 
ATOM   629 N N   . LYS A 1 83  ? 1.550   12.083  -4.256  1.00 52.72  ? 431 LYS A N   1 
ATOM   630 C CA  . LYS A 1 83  ? 0.729   13.281  -4.466  1.00 52.92  ? 431 LYS A CA  1 
ATOM   631 C C   . LYS A 1 83  ? 0.816   14.283  -3.307  1.00 57.73  ? 431 LYS A C   1 
ATOM   632 O O   . LYS A 1 83  ? 1.034   15.471  -3.551  1.00 57.35  ? 431 LYS A O   1 
ATOM   633 C CB  . LYS A 1 83  ? -0.738  12.893  -4.744  1.00 55.49  ? 431 LYS A CB  1 
ATOM   634 C CG  . LYS A 1 83  ? -1.626  14.059  -5.177  1.00 68.97  ? 431 LYS A CG  1 
ATOM   635 C CD  . LYS A 1 83  ? -3.081  13.644  -5.314  1.00 79.21  ? 431 LYS A CD  1 
ATOM   636 C CE  . LYS A 1 83  ? -3.941  14.781  -5.804  1.00 91.32  ? 431 LYS A CE  1 
ATOM   637 N NZ  . LYS A 1 83  ? -5.359  14.369  -5.971  1.00 101.24 ? 431 LYS A NZ  1 
ATOM   638 N N   . TYR A 1 84  ? 0.614   13.812  -2.062  1.00 54.91  ? 432 TYR A N   1 
ATOM   639 C CA  . TYR A 1 84  ? 0.612   14.657  -0.868  1.00 55.07  ? 432 TYR A CA  1 
ATOM   640 C C   . TYR A 1 84  ? 2.001   15.170  -0.462  1.00 59.31  ? 432 TYR A C   1 
ATOM   641 O O   . TYR A 1 84  ? 2.211   16.384  -0.422  1.00 58.97  ? 432 TYR A O   1 
ATOM   642 C CB  . TYR A 1 84  ? -0.084  13.939  0.310   1.00 56.38  ? 432 TYR A CB  1 
ATOM   643 C CG  . TYR A 1 84  ? -0.125  14.754  1.587   1.00 58.35  ? 432 TYR A CG  1 
ATOM   644 C CD1 . TYR A 1 84  ? -1.024  15.805  1.739   1.00 60.37  ? 432 TYR A CD1 1 
ATOM   645 C CD2 . TYR A 1 84  ? 0.735   14.472  2.645   1.00 59.18  ? 432 TYR A CD2 1 
ATOM   646 C CE1 . TYR A 1 84  ? -1.054  16.570  2.902   1.00 61.34  ? 432 TYR A CE1 1 
ATOM   647 C CE2 . TYR A 1 84  ? 0.712   15.228  3.816   1.00 60.15  ? 432 TYR A CE2 1 
ATOM   648 C CZ  . TYR A 1 84  ? -0.188  16.273  3.942   1.00 67.97  ? 432 TYR A CZ  1 
ATOM   649 O OH  . TYR A 1 84  ? -0.225  17.021  5.093   1.00 69.69  ? 432 TYR A OH  1 
ATOM   650 N N   . ASN A 1 85  ? 2.918   14.249  -0.127  1.00 56.01  ? 433 ASN A N   1 
ATOM   651 C CA  . ASN A 1 85  ? 4.270   14.538  0.356   1.00 55.99  ? 433 ASN A CA  1 
ATOM   652 C C   . ASN A 1 85  ? 5.196   15.192  -0.680  1.00 60.49  ? 433 ASN A C   1 
ATOM   653 O O   . ASN A 1 85  ? 5.034   14.926  -1.874  1.00 60.02  ? 433 ASN A O   1 
ATOM   654 C CB  . ASN A 1 85  ? 4.906   13.269  0.920   1.00 56.25  ? 433 ASN A CB  1 
ATOM   655 C CG  . ASN A 1 85  ? 4.091   12.638  2.015   1.00 77.00  ? 433 ASN A CG  1 
ATOM   656 O OD1 . ASN A 1 85  ? 4.152   13.041  3.180   1.00 71.08  ? 433 ASN A OD1 1 
ATOM   657 N ND2 . ASN A 1 85  ? 3.308   11.634  1.659   1.00 68.21  ? 433 ASN A ND2 1 
ATOM   658 N N   . PRO A 1 86  ? 6.189   16.025  -0.254  1.00 57.66  ? 434 PRO A N   1 
ATOM   659 C CA  . PRO A 1 86  ? 7.114   16.632  -1.232  1.00 57.76  ? 434 PRO A CA  1 
ATOM   660 C C   . PRO A 1 86  ? 8.017   15.584  -1.900  1.00 62.37  ? 434 PRO A C   1 
ATOM   661 O O   . PRO A 1 86  ? 8.291   14.562  -1.270  1.00 62.04  ? 434 PRO A O   1 
ATOM   662 C CB  . PRO A 1 86  ? 7.936   17.618  -0.388  1.00 59.47  ? 434 PRO A CB  1 
ATOM   663 C CG  . PRO A 1 86  ? 7.200   17.759  0.904   1.00 63.82  ? 434 PRO A CG  1 
ATOM   664 C CD  . PRO A 1 86  ? 6.530   16.447  1.119   1.00 59.27  ? 434 PRO A CD  1 
ATOM   665 N N   . PRO A 1 87  ? 8.505   15.808  -3.149  1.00 59.33  ? 435 PRO A N   1 
ATOM   666 C CA  . PRO A 1 87  ? 9.349   14.790  -3.813  1.00 59.28  ? 435 PRO A CA  1 
ATOM   667 C C   . PRO A 1 87  ? 10.645  14.397  -3.100  1.00 63.41  ? 435 PRO A C   1 
ATOM   668 O O   . PRO A 1 87  ? 11.193  13.335  -3.396  1.00 63.06  ? 435 PRO A O   1 
ATOM   669 C CB  . PRO A 1 87  ? 9.645   15.411  -5.184  1.00 61.04  ? 435 PRO A CB  1 
ATOM   670 C CG  . PRO A 1 87  ? 9.395   16.868  -5.017  1.00 65.45  ? 435 PRO A CG  1 
ATOM   671 C CD  . PRO A 1 87  ? 8.268   16.961  -4.043  1.00 60.90  ? 435 PRO A CD  1 
ATOM   672 N N   . ASP A 1 88  ? 11.131  15.244  -2.176  1.00 60.04  ? 436 ASP A N   1 
ATOM   673 C CA  . ASP A 1 88  ? 12.370  15.038  -1.420  1.00 59.84  ? 436 ASP A CA  1 
ATOM   674 C C   . ASP A 1 88  ? 12.165  14.440  -0.010  1.00 63.04  ? 436 ASP A C   1 
ATOM   675 O O   . ASP A 1 88  ? 13.147  14.253  0.715   1.00 62.71  ? 436 ASP A O   1 
ATOM   676 C CB  . ASP A 1 88  ? 13.174  16.354  -1.352  1.00 61.88  ? 436 ASP A CB  1 
ATOM   677 C CG  . ASP A 1 88  ? 12.345  17.567  -0.973  1.00 73.01  ? 436 ASP A CG  1 
ATOM   678 O OD1 . ASP A 1 88  ? 11.996  17.700  0.221   1.00 73.75  ? 436 ASP A OD1 1 
ATOM   679 O OD2 . ASP A 1 88  ? 12.031  18.374  -1.874  1.00 79.06  ? 436 ASP A OD2 1 
ATOM   680 N N   . HIS A 1 89  ? 10.906  14.125  0.367   1.00 58.89  ? 437 HIS A N   1 
ATOM   681 C CA  . HIS A 1 89  ? 10.573  13.553  1.678   1.00 58.37  ? 437 HIS A CA  1 
ATOM   682 C C   . HIS A 1 89  ? 11.056  12.106  1.831   1.00 61.86  ? 437 HIS A C   1 
ATOM   683 O O   . HIS A 1 89  ? 11.145  11.377  0.841   1.00 61.48  ? 437 HIS A O   1 
ATOM   684 C CB  . HIS A 1 89  ? 9.061   13.643  1.949   1.00 59.01  ? 437 HIS A CB  1 
ATOM   685 C CG  . HIS A 1 89  ? 8.708   13.638  3.406   1.00 62.31  ? 437 HIS A CG  1 
ATOM   686 N ND1 . HIS A 1 89  ? 8.791   12.485  4.169   1.00 64.00  ? 437 HIS A ND1 1 
ATOM   687 C CD2 . HIS A 1 89  ? 8.272   14.649  4.193   1.00 63.97  ? 437 HIS A CD2 1 
ATOM   688 C CE1 . HIS A 1 89  ? 8.415   12.832  5.388   1.00 63.37  ? 437 HIS A CE1 1 
ATOM   689 N NE2 . HIS A 1 89  ? 8.091   14.123  5.451   1.00 63.71  ? 437 HIS A NE2 1 
ATOM   690 N N   . GLU A 1 90  ? 11.356  11.697  3.082   1.00 58.18  ? 438 GLU A N   1 
ATOM   691 C CA  . GLU A 1 90  ? 11.824  10.355  3.450   1.00 57.82  ? 438 GLU A CA  1 
ATOM   692 C C   . GLU A 1 90  ? 10.811  9.255   3.116   1.00 60.47  ? 438 GLU A C   1 
ATOM   693 O O   . GLU A 1 90  ? 11.215  8.184   2.665   1.00 60.18  ? 438 GLU A O   1 
ATOM   694 C CB  . GLU A 1 90  ? 12.175  10.293  4.946   1.00 59.34  ? 438 GLU A CB  1 
ATOM   695 C CG  . GLU A 1 90  ? 13.512  10.917  5.302   1.00 71.06  ? 438 GLU A CG  1 
ATOM   696 C CD  . GLU A 1 90  ? 13.804  10.942  6.789   1.00 92.57  ? 438 GLU A CD  1 
ATOM   697 O OE1 . GLU A 1 90  ? 13.742  12.041  7.386   1.00 86.70  ? 438 GLU A OE1 1 
ATOM   698 O OE2 . GLU A 1 90  ? 14.081  9.864   7.362   1.00 85.80  ? 438 GLU A OE2 1 
ATOM   699 N N   . VAL A 1 91  ? 9.505   9.522   3.338   1.00 55.98  ? 439 VAL A N   1 
ATOM   700 C CA  . VAL A 1 91  ? 8.407   8.578   3.100   1.00 55.42  ? 439 VAL A CA  1 
ATOM   701 C C   . VAL A 1 91  ? 8.221   8.261   1.588   1.00 58.11  ? 439 VAL A C   1 
ATOM   702 O O   . VAL A 1 91  ? 7.764   7.167   1.258   1.00 57.49  ? 439 VAL A O   1 
ATOM   703 C CB  . VAL A 1 91  ? 7.093   9.035   3.804   1.00 59.35  ? 439 VAL A CB  1 
ATOM   704 C CG1 . VAL A 1 91  ? 6.415   10.194  3.077   1.00 59.12  ? 439 VAL A CG1 1 
ATOM   705 C CG2 . VAL A 1 91  ? 6.126   7.871   4.013   1.00 59.16  ? 439 VAL A CG2 1 
ATOM   706 N N   . VAL A 1 92  ? 8.599   9.202   0.692   1.00 54.06  ? 440 VAL A N   1 
ATOM   707 C CA  . VAL A 1 92  ? 8.514   9.046   -0.769  1.00 53.59  ? 440 VAL A CA  1 
ATOM   708 C C   . VAL A 1 92  ? 9.559   8.013   -1.231  1.00 57.09  ? 440 VAL A C   1 
ATOM   709 O O   . VAL A 1 92  ? 9.235   7.134   -2.033  1.00 56.39  ? 440 VAL A O   1 
ATOM   710 C CB  . VAL A 1 92  ? 8.625   10.412  -1.511  1.00 57.36  ? 440 VAL A CB  1 
ATOM   711 C CG1 . VAL A 1 92  ? 8.666   10.235  -3.029  1.00 57.16  ? 440 VAL A CG1 1 
ATOM   712 C CG2 . VAL A 1 92  ? 7.478   11.338  -1.123  1.00 57.12  ? 440 VAL A CG2 1 
ATOM   713 N N   . ALA A 1 93  ? 10.791  8.098   -0.684  1.00 53.64  ? 441 ALA A N   1 
ATOM   714 C CA  . ALA A 1 93  ? 11.889  7.172   -0.971  1.00 53.35  ? 441 ALA A CA  1 
ATOM   715 C C   . ALA A 1 93  ? 11.568  5.773   -0.435  1.00 56.67  ? 441 ALA A C   1 
ATOM   716 O O   . ALA A 1 93  ? 11.940  4.778   -1.060  1.00 56.46  ? 441 ALA A O   1 
ATOM   717 C CB  . ALA A 1 93  ? 13.183  7.687   -0.361  1.00 54.12  ? 441 ALA A CB  1 
ATOM   718 N N   . MET A 1 94  ? 10.857  5.707   0.711   1.00 52.57  ? 442 MET A N   1 
ATOM   719 C CA  . MET A 1 94  ? 10.411  4.467   1.353   1.00 52.03  ? 442 MET A CA  1 
ATOM   720 C C   . MET A 1 94  ? 9.303   3.814   0.526   1.00 54.50  ? 442 MET A C   1 
ATOM   721 O O   . MET A 1 94  ? 9.242   2.586   0.453   1.00 54.14  ? 442 MET A O   1 
ATOM   722 C CB  . MET A 1 94  ? 9.912   4.741   2.778   1.00 54.44  ? 442 MET A CB  1 
ATOM   723 C CG  . MET A 1 94  ? 11.022  5.012   3.760   1.00 58.24  ? 442 MET A CG  1 
ATOM   724 S SD  . MET A 1 94  ? 10.431  5.915   5.205   1.00 62.62  ? 442 MET A SD  1 
ATOM   725 C CE  . MET A 1 94  ? 10.836  4.769   6.461   1.00 59.34  ? 442 MET A CE  1 
ATOM   726 N N   . ALA A 1 95  ? 8.433   4.641   -0.096  1.00 49.91  ? 443 ALA A N   1 
ATOM   727 C CA  . ALA A 1 95  ? 7.339   4.188   -0.957  1.00 49.25  ? 443 ALA A CA  1 
ATOM   728 C C   . ALA A 1 95  ? 7.890   3.547   -2.225  1.00 52.18  ? 443 ALA A C   1 
ATOM   729 O O   . ALA A 1 95  ? 7.372   2.517   -2.650  1.00 51.83  ? 443 ALA A O   1 
ATOM   730 C CB  . ALA A 1 95  ? 6.428   5.353   -1.311  1.00 49.97  ? 443 ALA A CB  1 
ATOM   731 N N   . ARG A 1 96  ? 8.956   4.146   -2.805  1.00 48.17  ? 444 ARG A N   1 
ATOM   732 C CA  . ARG A 1 96  ? 9.644   3.671   -4.009  1.00 47.65  ? 444 ARG A CA  1 
ATOM   733 C C   . ARG A 1 96  ? 10.255  2.288   -3.780  1.00 50.70  ? 444 ARG A C   1 
ATOM   734 O O   . ARG A 1 96  ? 10.098  1.411   -4.629  1.00 50.21  ? 444 ARG A O   1 
ATOM   735 C CB  . ARG A 1 96  ? 10.733  4.665   -4.448  1.00 47.70  ? 444 ARG A CB  1 
ATOM   736 C CG  . ARG A 1 96  ? 10.204  5.947   -5.072  1.00 58.29  ? 444 ARG A CG  1 
ATOM   737 C CD  . ARG A 1 96  ? 11.330  6.755   -5.689  1.00 68.73  ? 444 ARG A CD  1 
ATOM   738 N NE  . ARG A 1 96  ? 10.846  7.996   -6.296  1.00 76.68  ? 444 ARG A NE  1 
ATOM   739 C CZ  . ARG A 1 96  ? 11.019  9.207   -5.775  1.00 89.95  ? 444 ARG A CZ  1 
ATOM   740 N NH1 . ARG A 1 96  ? 11.675  9.358   -4.630  1.00 77.80  ? 444 ARG A NH1 1 
ATOM   741 N NH2 . ARG A 1 96  ? 10.545  10.277  -6.398  1.00 75.71  ? 444 ARG A NH2 1 
ATOM   742 N N   . LYS A 1 97  ? 10.925  2.093   -2.621  1.00 46.68  ? 445 LYS A N   1 
ATOM   743 C CA  . LYS A 1 97  ? 11.557  0.832   -2.226  1.00 46.35  ? 445 LYS A CA  1 
ATOM   744 C C   . LYS A 1 97  ? 10.525  -0.279  -2.019  1.00 50.39  ? 445 LYS A C   1 
ATOM   745 O O   . LYS A 1 97  ? 10.763  -1.407  -2.450  1.00 49.96  ? 445 LYS A O   1 
ATOM   746 C CB  . LYS A 1 97  ? 12.434  1.009   -0.974  1.00 48.71  ? 445 LYS A CB  1 
ATOM   747 C CG  . LYS A 1 97  ? 13.716  1.806   -1.224  1.00 60.53  ? 445 LYS A CG  1 
ATOM   748 C CD  . LYS A 1 97  ? 14.838  1.442   -0.250  1.00 70.22  ? 445 LYS A CD  1 
ATOM   749 C CE  . LYS A 1 97  ? 14.819  2.225   1.041   1.00 81.88  ? 445 LYS A CE  1 
ATOM   750 N NZ  . LYS A 1 97  ? 15.922  1.809   1.947   1.00 90.49  ? 445 LYS A NZ  1 
ATOM   751 N N   . LEU A 1 98  ? 9.375   0.044   -1.390  1.00 47.25  ? 446 LEU A N   1 
ATOM   752 C CA  . LEU A 1 98  ? 8.287   -0.913  -1.168  1.00 47.24  ? 446 LEU A CA  1 
ATOM   753 C C   . LEU A 1 98  ? 7.555   -1.231  -2.481  1.00 51.29  ? 446 LEU A C   1 
ATOM   754 O O   . LEU A 1 98  ? 7.135   -2.373  -2.672  1.00 50.96  ? 446 LEU A O   1 
ATOM   755 C CB  . LEU A 1 98  ? 7.313   -0.419  -0.078  1.00 47.34  ? 446 LEU A CB  1 
ATOM   756 C CG  . LEU A 1 98  ? 6.223   -1.403  0.399   1.00 52.26  ? 446 LEU A CG  1 
ATOM   757 C CD1 . LEU A 1 98  ? 6.825   -2.649  1.054   1.00 52.61  ? 446 LEU A CD1 1 
ATOM   758 C CD2 . LEU A 1 98  ? 5.260   -0.726  1.349   1.00 54.51  ? 446 LEU A CD2 1 
ATOM   759 N N   . GLN A 1 99  ? 7.434   -0.234  -3.390  1.00 48.12  ? 447 GLN A N   1 
ATOM   760 C CA  . GLN A 1 99  ? 6.807   -0.408  -4.706  1.00 48.11  ? 447 GLN A CA  1 
ATOM   761 C C   . GLN A 1 99  ? 7.666   -1.344  -5.561  1.00 52.86  ? 447 GLN A C   1 
ATOM   762 O O   . GLN A 1 99  ? 7.114   -2.193  -6.259  1.00 52.43  ? 447 GLN A O   1 
ATOM   763 C CB  . GLN A 1 99  ? 6.567   0.946   -5.409  1.00 49.32  ? 447 GLN A CB  1 
ATOM   764 C CG  . GLN A 1 99  ? 5.853   0.836   -6.764  1.00 62.29  ? 447 GLN A CG  1 
ATOM   765 C CD  . GLN A 1 99  ? 4.863   1.944   -7.040  1.00 79.25  ? 447 GLN A CD  1 
ATOM   766 O OE1 . GLN A 1 99  ? 5.094   3.123   -6.751  1.00 75.07  ? 447 GLN A OE1 1 
ATOM   767 N NE2 . GLN A 1 99  ? 3.751   1.588   -7.660  1.00 70.16  ? 447 GLN A NE2 1 
ATOM   768 N N   . ASP A 1 100 ? 9.013   -1.220  -5.461  1.00 50.23  ? 448 ASP A N   1 
ATOM   769 C CA  . ASP A 1 100 ? 9.981   -2.069  -6.167  1.00 50.39  ? 448 ASP A CA  1 
ATOM   770 C C   . ASP A 1 100 ? 9.774   -3.541  -5.795  1.00 54.64  ? 448 ASP A C   1 
ATOM   771 O O   . ASP A 1 100 ? 9.858   -4.404  -6.665  1.00 54.16  ? 448 ASP A O   1 
ATOM   772 C CB  . ASP A 1 100 ? 11.432  -1.639  -5.858  1.00 52.29  ? 448 ASP A CB  1 
ATOM   773 C CG  . ASP A 1 100 ? 11.896  -0.349  -6.517  1.00 63.29  ? 448 ASP A CG  1 
ATOM   774 O OD1 . ASP A 1 100 ? 11.377  -0.010  -7.607  1.00 63.74  ? 448 ASP A OD1 1 
ATOM   775 O OD2 . ASP A 1 100 ? 12.807  0.305   -5.962  1.00 69.59  ? 448 ASP A OD2 1 
ATOM   776 N N   . VAL A 1 101 ? 9.463   -3.810  -4.510  1.00 51.64  ? 449 VAL A N   1 
ATOM   777 C CA  . VAL A 1 101 ? 9.196   -5.147  -3.973  1.00 51.72  ? 449 VAL A CA  1 
ATOM   778 C C   . VAL A 1 101 ? 7.850   -5.661  -4.513  1.00 55.90  ? 449 VAL A C   1 
ATOM   779 O O   . VAL A 1 101 ? 7.792   -6.789  -5.011  1.00 55.51  ? 449 VAL A O   1 
ATOM   780 C CB  . VAL A 1 101 ? 9.274   -5.171  -2.417  1.00 55.77  ? 449 VAL A CB  1 
ATOM   781 C CG1 . VAL A 1 101 ? 8.913   -6.545  -1.853  1.00 55.63  ? 449 VAL A CG1 1 
ATOM   782 C CG2 . VAL A 1 101 ? 10.657  -4.744  -1.931  1.00 55.61  ? 449 VAL A CG2 1 
ATOM   783 N N   . PHE A 1 102 ? 6.786   -4.827  -4.440  1.00 52.57  ? 450 PHE A N   1 
ATOM   784 C CA  . PHE A 1 102 ? 5.448   -5.175  -4.923  1.00 52.39  ? 450 PHE A CA  1 
ATOM   785 C C   . PHE A 1 102 ? 5.436   -5.471  -6.423  1.00 56.73  ? 450 PHE A C   1 
ATOM   786 O O   . PHE A 1 102 ? 5.032   -6.566  -6.806  1.00 56.35  ? 450 PHE A O   1 
ATOM   787 C CB  . PHE A 1 102 ? 4.404   -4.097  -4.554  1.00 54.06  ? 450 PHE A CB  1 
ATOM   788 C CG  . PHE A 1 102 ? 3.082   -4.219  -5.283  1.00 55.49  ? 450 PHE A CG  1 
ATOM   789 C CD1 . PHE A 1 102 ? 2.156   -5.190  -4.921  1.00 58.38  ? 450 PHE A CD1 1 
ATOM   790 C CD2 . PHE A 1 102 ? 2.769   -3.367  -6.337  1.00 57.64  ? 450 PHE A CD2 1 
ATOM   791 C CE1 . PHE A 1 102 ? 0.940   -5.308  -5.602  1.00 59.24  ? 450 PHE A CE1 1 
ATOM   792 C CE2 . PHE A 1 102 ? 1.555   -3.490  -7.018  1.00 60.39  ? 450 PHE A CE2 1 
ATOM   793 C CZ  . PHE A 1 102 ? 0.647   -4.456  -6.643  1.00 58.40  ? 450 PHE A CZ  1 
ATOM   794 N N   . GLU A 1 103 ? 5.893   -4.509  -7.257  1.00 53.66  ? 451 GLU A N   1 
ATOM   795 C CA  . GLU A 1 103 ? 5.935   -4.621  -8.720  1.00 53.80  ? 451 GLU A CA  1 
ATOM   796 C C   . GLU A 1 103 ? 6.670   -5.862  -9.229  1.00 58.57  ? 451 GLU A C   1 
ATOM   797 O O   . GLU A 1 103 ? 6.239   -6.445  -10.220 1.00 57.91  ? 451 GLU A O   1 
ATOM   798 C CB  . GLU A 1 103 ? 6.509   -3.348  -9.371  1.00 55.16  ? 451 GLU A CB  1 
ATOM   799 C CG  . GLU A 1 103 ? 5.626   -2.111  -9.257  1.00 65.47  ? 451 GLU A CG  1 
ATOM   800 C CD  . GLU A 1 103 ? 4.247   -2.182  -9.887  1.00 86.40  ? 451 GLU A CD  1 
ATOM   801 O OE1 . GLU A 1 103 ? 4.130   -2.686  -11.028 1.00 80.74  ? 451 GLU A OE1 1 
ATOM   802 O OE2 . GLU A 1 103 ? 3.284   -1.703  -9.247  1.00 80.48  ? 451 GLU A OE2 1 
ATOM   803 N N   . MET A 1 104 ? 7.758   -6.271  -8.548  1.00 56.33  ? 452 MET A N   1 
ATOM   804 C CA  . MET A 1 104 ? 8.555   -7.447  -8.906  1.00 56.81  ? 452 MET A CA  1 
ATOM   805 C C   . MET A 1 104 ? 7.794   -8.759  -8.693  1.00 61.15  ? 452 MET A C   1 
ATOM   806 O O   . MET A 1 104 ? 7.799   -9.616  -9.580  1.00 60.79  ? 452 MET A O   1 
ATOM   807 C CB  . MET A 1 104 ? 9.891   -7.461  -8.145  1.00 59.38  ? 452 MET A CB  1 
ATOM   808 C CG  . MET A 1 104 ? 10.984  -6.628  -8.806  1.00 63.43  ? 452 MET A CG  1 
ATOM   809 S SD  . MET A 1 104 ? 11.540  -7.212  -10.435 1.00 68.04  ? 452 MET A SD  1 
ATOM   810 C CE  . MET A 1 104 ? 12.153  -8.824  -10.011 1.00 64.74  ? 452 MET A CE  1 
ATOM   811 N N   . ARG A 1 105 ? 7.135   -8.906  -7.529  1.00 57.98  ? 453 ARG A N   1 
ATOM   812 C CA  . ARG A 1 105 ? 6.364   -10.096 -7.172  1.00 57.88  ? 453 ARG A CA  1 
ATOM   813 C C   . ARG A 1 105 ? 5.011   -10.147 -7.895  1.00 61.81  ? 453 ARG A C   1 
ATOM   814 O O   . ARG A 1 105 ? 4.579   -11.230 -8.291  1.00 61.44  ? 453 ARG A O   1 
ATOM   815 C CB  . ARG A 1 105 ? 6.176   -10.180 -5.650  1.00 58.28  ? 453 ARG A CB  1 
ATOM   816 C CG  . ARG A 1 105 ? 5.987   -11.602 -5.137  1.00 69.39  ? 453 ARG A CG  1 
ATOM   817 N N   . PHE A 1 106 ? 4.350   -8.981  -8.061  1.00 58.37  ? 454 PHE A N   1 
ATOM   818 C CA  . PHE A 1 106 ? 3.048   -8.843  -8.728  1.00 58.18  ? 454 PHE A CA  1 
ATOM   819 C C   . PHE A 1 106 ? 3.123   -9.130  -10.234 1.00 62.18  ? 454 PHE A C   1 
ATOM   820 O O   . PHE A 1 106 ? 2.126   -9.551  -10.822 1.00 61.69  ? 454 PHE A O   1 
ATOM   821 C CB  . PHE A 1 106 ? 2.445   -7.452  -8.451  1.00 59.96  ? 454 PHE A CB  1 
ATOM   822 C CG  . PHE A 1 106 ? 1.047   -7.211  -8.974  1.00 61.54  ? 454 PHE A CG  1 
ATOM   823 C CD1 . PHE A 1 106 ? -0.062  -7.712  -8.302  1.00 64.56  ? 454 PHE A CD1 1 
ATOM   824 C CD2 . PHE A 1 106 ? 0.838   -6.449  -10.118 1.00 63.63  ? 454 PHE A CD2 1 
ATOM   825 C CE1 . PHE A 1 106 ? -1.354  -7.481  -8.781  1.00 65.47  ? 454 PHE A CE1 1 
ATOM   826 C CE2 . PHE A 1 106 ? -0.456  -6.216  -10.595 1.00 66.50  ? 454 PHE A CE2 1 
ATOM   827 C CZ  . PHE A 1 106 ? -1.542  -6.734  -9.924  1.00 64.59  ? 454 PHE A CZ  1 
ATOM   828 N N   . ALA A 1 107 ? 4.294   -8.902  -10.853 1.00 59.11  ? 455 ALA A N   1 
ATOM   829 C CA  . ALA A 1 107 ? 4.510   -9.153  -12.279 1.00 59.16  ? 455 ALA A CA  1 
ATOM   830 C C   . ALA A 1 107 ? 4.681   -10.644 -12.569 1.00 63.69  ? 455 ALA A C   1 
ATOM   831 O O   . ALA A 1 107 ? 4.272   -11.104 -13.635 1.00 63.08  ? 455 ALA A O   1 
ATOM   832 C CB  . ALA A 1 107 ? 5.729   -8.391  -12.766 1.00 59.87  ? 455 ALA A CB  1 
ATOM   833 N N   . LYS A 1 108 ? 5.270   -11.395 -11.615 1.00 61.13  ? 456 LYS A N   1 
ATOM   834 C CA  . LYS A 1 108 ? 5.547   -12.833 -11.725 1.00 61.37  ? 456 LYS A CA  1 
ATOM   835 C C   . LYS A 1 108 ? 4.308   -13.723 -11.457 1.00 66.19  ? 456 LYS A C   1 
ATOM   836 O O   . LYS A 1 108 ? 4.420   -14.766 -10.805 1.00 66.07  ? 456 LYS A O   1 
ATOM   837 C CB  . LYS A 1 108 ? 6.740   -13.221 -10.828 1.00 63.93  ? 456 LYS A CB  1 
ATOM   838 C CG  . LYS A 1 108 ? 8.083   -12.691 -11.323 1.00 77.93  ? 456 LYS A CG  1 
ATOM   839 C CD  . LYS A 1 108 ? 9.178   -12.875 -10.283 1.00 87.63  ? 456 LYS A CD  1 
ATOM   840 N N   . MET A 1 109 ? 3.137   -13.313 -11.992 1.00 62.96  ? 457 MET A N   1 
ATOM   841 C CA  . MET A 1 109 ? 1.848   -14.015 -11.892 1.00 94.19  ? 457 MET A CA  1 
ATOM   842 C C   . MET A 1 109 ? 0.842   -13.517 -12.935 1.00 123.04 ? 457 MET A C   1 
ATOM   843 O O   . MET A 1 109 ? 1.229   -13.096 -14.025 1.00 83.96  ? 457 MET A O   1 
ATOM   844 C CB  . MET A 1 109 ? 1.245   -13.964 -10.467 1.00 96.52  ? 457 MET A CB  1 
ATOM   845 C CG  . MET A 1 109 ? 1.216   -12.579 -9.841  1.00 100.15 ? 457 MET A CG  1 
ATOM   846 S SD  . MET A 1 109 ? -0.408  -12.107 -9.199  1.00 104.32 ? 457 MET A SD  1 
ATOM   847 C CE  . MET A 1 109 ? -1.182  -11.519 -10.692 1.00 101.01 ? 457 MET A CE  1 
HETATM 848 C C1  . 88M B 2 .   ? 4.616   7.715   10.585  1.00 71.93  ? 501 88M A C1  1 
HETATM 849 C C2  . 88M B 2 .   ? 5.548   8.138   9.663   1.00 71.93  ? 501 88M A C2  1 
HETATM 850 C C3  . 88M B 2 .   ? 7.348   10.641  8.592   1.00 73.81  ? 501 88M A C3  1 
HETATM 851 C C4  . 88M B 2 .   ? 8.588   11.130  8.949   1.00 73.96  ? 501 88M A C4  1 
HETATM 852 C C5  . 88M B 2 .   ? 2.863   8.182   9.037   1.00 71.57  ? 501 88M A C5  1 
HETATM 853 C C6  . 88M B 2 .   ? 9.649   9.329   7.772   1.00 74.09  ? 501 88M A C6  1 
HETATM 854 C C7  . 88M B 2 .   ? 3.794   8.595   8.105   1.00 71.23  ? 501 88M A C7  1 
HETATM 855 C C8  . 88M B 2 .   ? 3.271   7.730   10.278  1.00 71.99  ? 501 88M A C8  1 
HETATM 856 C C9  . 88M B 2 .   ? 5.140   8.576   8.417   1.00 72.06  ? 501 88M A C9  1 
HETATM 857 C C10 . 88M B 2 .   ? 7.264   9.495   7.829   1.00 73.63  ? 501 88M A C10 1 
HETATM 858 C C11 . 88M B 2 .   ? 9.728   10.472  8.538   1.00 74.06  ? 501 88M A C11 1 
HETATM 859 C C12 . 88M B 2 .   ? 8.407   8.846   7.417   1.00 74.11  ? 501 88M A C12 1 
HETATM 860 C C13 . 88M B 2 .   ? 2.679   10.545  5.039   1.00 69.01  ? 501 88M A C13 1 
HETATM 861 C C14 . 88M B 2 .   ? 2.998   7.959   5.986   1.00 69.14  ? 501 88M A C14 1 
HETATM 862 C C15 . 88M B 2 .   ? 3.317   8.980   6.782   1.00 69.96  ? 501 88M A C15 1 
HETATM 863 C C16 . 88M B 2 .   ? 3.151   10.316  6.274   1.00 69.56  ? 501 88M A C16 1 
HETATM 864 C C17 . 88M B 2 .   ? 2.337   9.400   4.163   1.00 68.36  ? 501 88M A C17 1 
HETATM 865 C C18 . 88M B 2 .   ? 4.750   13.354  7.206   1.00 69.38  ? 501 88M A C18 1 
HETATM 866 C C19 . 88M B 2 .   ? 2.461   4.155   10.601  1.00 72.33  ? 501 88M A C19 1 
HETATM 867 C C20 . 88M B 2 .   ? 2.207   6.971   3.934   1.00 68.24  ? 501 88M A C20 1 
HETATM 868 C C21 . 88M B 2 .   ? 4.669   11.956  6.646   1.00 69.57  ? 501 88M A C21 1 
HETATM 869 C C22 . 88M B 2 .   ? 1.527   5.088   9.868   1.00 72.46  ? 501 88M A C22 1 
HETATM 870 N N23 . 88M B 2 .   ? 2.528   8.142   4.712   1.00 68.55  ? 501 88M A N23 1 
HETATM 871 N N24 . 88M B 2 .   ? 2.346   7.293   11.299  1.00 72.37  ? 501 88M A N24 1 
HETATM 872 O O25 . 88M B 2 .   ? 1.917   9.632   3.037   1.00 67.77  ? 501 88M A O25 1 
HETATM 873 O O26 . 88M B 2 .   ? 0.467   5.764   12.162  1.00 72.70  ? 501 88M A O26 1 
HETATM 874 O O27 . 88M B 2 .   ? 0.012   7.206   10.170  1.00 72.68  ? 501 88M A O27 1 
HETATM 875 O O28 . 88M B 2 .   ? 6.039   8.976   7.433   1.00 72.92  ? 501 88M A O28 1 
HETATM 876 O O29 . 88M B 2 .   ? 3.483   11.340  7.142   1.00 69.64  ? 501 88M A O29 1 
HETATM 877 F F30 . 88M B 2 .   ? 10.932  10.950  8.887   1.00 74.14  ? 501 88M A F30 1 
HETATM 878 F F31 . 88M B 2 .   ? 8.316   7.733   6.671   1.00 74.50  ? 501 88M A F31 1 
HETATM 879 S S32 . 88M B 2 .   ? 0.930   6.383   10.934  1.00 72.66  ? 501 88M A S32 1 
HETATM 880 H H1  . 88M B 2 .   ? 4.951   7.374   11.558  1.00 71.87  ? 501 88M A H1  1 
HETATM 881 H H2  . 88M B 2 .   ? 6.596   8.108   9.930   1.00 71.90  ? 501 88M A H2  1 
HETATM 882 H H3  . 88M B 2 .   ? 6.451   11.153  8.918   1.00 73.80  ? 501 88M A H3  1 
HETATM 883 H H4  . 88M B 2 .   ? 8.666   12.028  9.553   1.00 73.84  ? 501 88M A H4  1 
HETATM 884 H H5  . 88M B 2 .   ? 1.816   8.211   8.771   1.00 71.67  ? 501 88M A H5  1 
HETATM 885 H H6  . 88M B 2 .   ? 10.550  8.818   7.453   1.00 74.14  ? 501 88M A H6  1 
HETATM 886 H H13 . 88M B 2 .   ? 2.539   11.542  4.642   1.00 69.00  ? 501 88M A H13 1 
HETATM 887 H H14 . 88M B 2 .   ? 3.106   6.937   6.321   1.00 69.21  ? 501 88M A H14 1 
HETATM 888 H H24 . 88M B 2 .   ? 2.771   7.132   12.220  1.00 72.38  ? 501 88M A H24 1 
HETATM 889 O O   . HOH C 3 .   ? 11.964  11.308  -1.763  1.00 49.85  ? 601 HOH A O   1 
HETATM 890 O O   . HOH C 3 .   ? 5.653   14.830  -4.533  1.00 64.27  ? 602 HOH A O   1 
HETATM 891 O O   . HOH C 3 .   ? 4.270   -5.394  -11.780 1.00 36.25  ? 603 HOH A O   1 
HETATM 892 O O   . HOH C 3 .   ? 4.781   -14.594 1.246   1.00 62.40  ? 604 HOH A O   1 
HETATM 893 O O   . HOH C 3 .   ? -0.681  6.200   1.380   1.00 62.70  ? 605 HOH A O   1 
HETATM 894 O O   . HOH C 3 .   ? 3.344   16.919  -3.801  1.00 72.88  ? 606 HOH A O   1 
HETATM 895 O O   . HOH C 3 .   ? -6.052  4.643   4.558   1.00 63.20  ? 607 HOH A O   1 
HETATM 896 O O   . HOH C 3 .   ? -6.825  12.508  -4.025  1.00 51.69  ? 608 HOH A O   1 
HETATM 897 O O   . HOH C 3 .   ? 13.701  -4.133  6.922   1.00 58.40  ? 609 HOH A O   1 
HETATM 898 O O   . HOH C 3 .   ? -10.904 -10.164 -2.652  1.00 50.62  ? 610 HOH A O   1 
HETATM 899 O O   . HOH C 3 .   ? 10.008  -1.705  -9.623  1.00 69.09  ? 611 HOH A O   1 
HETATM 900 O O   . HOH C 3 .   ? -0.014  -9.102  -12.828 1.00 57.51  ? 612 HOH A O   1 
HETATM 901 O O   . HOH C 3 .   ? 7.586   15.002  8.303   1.00 62.88  ? 613 HOH A O   1 
HETATM 902 O O   . HOH C 3 .   ? 12.008  13.964  5.663   1.00 55.87  ? 614 HOH A O   1 
HETATM 903 O O   . HOH C 3 .   ? 0.923   17.942  -5.437  1.00 55.21  ? 615 HOH A O   1 
HETATM 904 O O   . HOH C 3 .   ? 9.000   0.830   -9.432  1.00 62.70  ? 616 HOH A O   1 
HETATM 905 O O   . HOH C 3 .   ? -5.694  -6.201  8.694   1.00 80.35  ? 617 HOH A O   1 
HETATM 906 O O   . HOH C 3 .   ? -6.720  9.719   -4.533  1.00 59.50  ? 618 HOH A O   1 
HETATM 907 O O   . HOH C 3 .   ? 14.449  11.102  0.488   1.00 65.12  ? 619 HOH A O   1 
HETATM 908 O O   . HOH C 3 .   ? 4.198   18.929  -2.153  1.00 67.76  ? 620 HOH A O   1 
HETATM 909 O O   . HOH C 3 .   ? -10.718 4.644   -5.220  1.00 63.51  ? 621 HOH A O   1 
HETATM 910 O O   . HOH C 3 .   ? 14.422  5.458   1.953   1.00 61.16  ? 622 HOH A O   1 
HETATM 911 O O   . HOH C 3 .   ? -11.767 17.134  4.010   1.00 81.14  ? 623 HOH A O   1 
HETATM 912 O O   . HOH C 3 .   ? 4.665   -14.118 -3.203  1.00 61.35  ? 624 HOH A O   1 
HETATM 913 O O   . HOH C 3 .   ? 11.951  4.237   12.673  1.00 64.66  ? 625 HOH A O   1 
HETATM 914 O O   . HOH C 3 .   ? -7.358  -1.636  9.427   1.00 74.01  ? 626 HOH A O   1 
HETATM 915 O O   . HOH C 3 .   ? -12.553 12.772  -5.734  1.00 84.53  ? 627 HOH A O   1 
HETATM 916 O O   . HOH C 3 .   ? 9.305   2.901   14.206  1.00 79.30  ? 628 HOH A O   1 
HETATM 917 O O   . HOH C 3 .   ? 7.563   7.710   13.812  1.00 70.16  ? 629 HOH A O   1 
HETATM 918 O O   . HOH C 3 .   ? 7.186   5.054   14.357  1.00 76.36  ? 630 HOH A O   1 
# 
